data_2EEB
#
_entry.id   2EEB
#
_entity_poly.entity_id   1
_entity_poly.type   'polypeptide(L)'
_entity_poly.pdbx_seq_one_letter_code
;GSSGSSGSDDARRLTVMSLQESGLKVNQPASFAIRLNGAKGKIDAKVHSPSGAVEECHVSELEPDKYAVRFIPHENGVHT
IDVKFNGSHVVGSPFKVRVGEPGQAG
;
_entity_poly.pdbx_strand_id   A
#
# COMPACT_ATOMS: atom_id res chain seq x y z
N GLY A 1 -1.66 30.00 9.62
CA GLY A 1 -1.28 31.14 8.82
C GLY A 1 -1.71 31.01 7.37
N SER A 2 -0.94 31.61 6.46
CA SER A 2 -1.24 31.55 5.04
C SER A 2 -0.38 30.51 4.34
N SER A 3 0.93 30.60 4.55
CA SER A 3 1.87 29.67 3.93
C SER A 3 2.60 28.85 4.99
N GLY A 4 2.05 27.68 5.30
CA GLY A 4 2.66 26.82 6.30
C GLY A 4 1.73 25.72 6.77
N SER A 5 1.26 25.83 8.01
CA SER A 5 0.36 24.85 8.58
C SER A 5 -0.93 24.75 7.77
N SER A 6 -1.23 23.56 7.26
CA SER A 6 -2.43 23.34 6.46
C SER A 6 -3.40 22.43 7.20
N GLY A 7 -4.70 22.69 7.00
CA GLY A 7 -5.71 21.88 7.66
C GLY A 7 -5.90 20.52 6.98
N SER A 8 -7.01 20.36 6.27
CA SER A 8 -7.31 19.12 5.58
C SER A 8 -6.12 18.68 4.73
N ASP A 9 -6.27 17.52 4.08
CA ASP A 9 -5.21 16.98 3.24
C ASP A 9 -5.80 16.24 2.04
N ASP A 10 -4.94 15.83 1.12
CA ASP A 10 -5.37 15.11 -0.07
C ASP A 10 -4.99 13.64 0.01
N ALA A 11 -5.69 12.89 0.85
CA ALA A 11 -5.42 11.46 1.02
C ALA A 11 -6.36 10.62 0.18
N ARG A 12 -7.63 10.99 0.17
CA ARG A 12 -8.64 10.27 -0.60
C ARG A 12 -8.35 10.36 -2.10
N ARG A 13 -7.45 11.25 -2.47
CA ARG A 13 -7.07 11.43 -3.87
C ARG A 13 -5.89 10.56 -4.24
N LEU A 14 -6.01 9.26 -3.96
CA LEU A 14 -4.94 8.31 -4.28
C LEU A 14 -5.51 6.98 -4.76
N THR A 15 -4.97 6.48 -5.87
CA THR A 15 -5.42 5.22 -6.44
C THR A 15 -4.30 4.19 -6.46
N VAL A 16 -4.58 2.98 -5.99
CA VAL A 16 -3.59 1.91 -5.98
C VAL A 16 -3.50 1.22 -7.33
N MET A 17 -2.30 0.82 -7.70
CA MET A 17 -2.08 0.15 -8.98
C MET A 17 -1.22 -1.11 -8.79
N SER A 18 -1.24 -1.98 -9.79
CA SER A 18 -0.47 -3.22 -9.72
C SER A 18 -0.43 -3.77 -8.30
N LEU A 19 -1.61 -3.96 -7.72
CA LEU A 19 -1.71 -4.48 -6.36
C LEU A 19 -2.26 -5.90 -6.36
N GLN A 20 -1.45 -6.85 -5.89
CA GLN A 20 -1.85 -8.24 -5.84
C GLN A 20 -2.67 -8.52 -4.59
N GLU A 21 -3.81 -9.20 -4.76
CA GLU A 21 -4.68 -9.53 -3.65
C GLU A 21 -4.96 -11.03 -3.61
N SER A 22 -5.14 -11.63 -4.77
CA SER A 22 -5.42 -13.06 -4.87
C SER A 22 -4.36 -13.76 -5.70
N GLY A 23 -3.16 -13.18 -5.75
CA GLY A 23 -2.07 -13.76 -6.52
C GLY A 23 -0.73 -13.54 -5.86
N LEU A 24 -0.71 -13.48 -4.54
CA LEU A 24 0.53 -13.27 -3.80
C LEU A 24 1.29 -14.58 -3.62
N LYS A 25 2.61 -14.48 -3.48
CA LYS A 25 3.45 -15.66 -3.30
C LYS A 25 4.25 -15.56 -2.01
N VAL A 26 4.12 -16.57 -1.15
CA VAL A 26 4.84 -16.59 0.12
C VAL A 26 6.34 -16.64 -0.10
N ASN A 27 7.09 -16.12 0.86
CA ASN A 27 8.54 -16.10 0.78
C ASN A 27 9.00 -15.52 -0.56
N GLN A 28 8.26 -14.52 -1.04
CA GLN A 28 8.60 -13.88 -2.31
C GLN A 28 8.35 -12.38 -2.24
N PRO A 29 9.22 -11.59 -2.88
CA PRO A 29 9.11 -10.13 -2.91
C PRO A 29 7.92 -9.66 -3.75
N ALA A 30 7.11 -8.79 -3.16
CA ALA A 30 5.94 -8.26 -3.86
C ALA A 30 5.81 -6.76 -3.63
N SER A 31 5.88 -5.99 -4.72
CA SER A 31 5.77 -4.54 -4.65
C SER A 31 4.62 -4.03 -5.50
N PHE A 32 4.13 -2.83 -5.18
CA PHE A 32 3.03 -2.23 -5.92
C PHE A 32 3.26 -0.75 -6.12
N ALA A 33 2.50 -0.15 -7.05
CA ALA A 33 2.62 1.27 -7.33
C ALA A 33 1.41 2.04 -6.80
N ILE A 34 1.59 3.34 -6.59
CA ILE A 34 0.52 4.18 -6.08
C ILE A 34 0.34 5.42 -6.94
N ARG A 35 -0.79 5.48 -7.66
CA ARG A 35 -1.08 6.61 -8.53
C ARG A 35 -1.45 7.84 -7.71
N LEU A 36 -0.96 9.00 -8.15
CA LEU A 36 -1.23 10.26 -7.46
C LEU A 36 -1.97 11.23 -8.37
N ASN A 37 -3.18 11.63 -7.95
CA ASN A 37 -3.99 12.56 -8.73
C ASN A 37 -3.62 14.00 -8.41
N GLY A 38 -2.38 14.20 -7.95
CA GLY A 38 -1.92 15.53 -7.62
C GLY A 38 -1.93 15.79 -6.12
N ALA A 39 -1.75 14.73 -5.34
CA ALA A 39 -1.73 14.85 -3.89
C ALA A 39 -0.30 14.83 -3.35
N LYS A 40 0.10 15.92 -2.71
CA LYS A 40 1.43 16.04 -2.15
C LYS A 40 1.39 15.99 -0.62
N GLY A 41 2.55 15.79 -0.01
CA GLY A 41 2.63 15.74 1.45
C GLY A 41 3.56 14.64 1.93
N LYS A 42 2.98 13.59 2.50
CA LYS A 42 3.77 12.47 3.02
C LYS A 42 3.13 11.14 2.65
N ILE A 43 3.96 10.13 2.42
CA ILE A 43 3.48 8.80 2.07
C ILE A 43 3.91 7.76 3.09
N ASP A 44 2.95 6.95 3.55
CA ASP A 44 3.23 5.92 4.53
C ASP A 44 2.67 4.58 4.08
N ALA A 45 3.52 3.55 4.12
CA ALA A 45 3.11 2.21 3.71
C ALA A 45 3.72 1.15 4.62
N LYS A 46 2.89 0.52 5.42
CA LYS A 46 3.35 -0.52 6.35
C LYS A 46 2.49 -1.77 6.22
N VAL A 47 3.08 -2.92 6.56
CA VAL A 47 2.37 -4.19 6.49
C VAL A 47 1.97 -4.68 7.87
N HIS A 48 0.68 -5.01 8.03
CA HIS A 48 0.17 -5.49 9.30
C HIS A 48 0.04 -7.00 9.31
N SER A 49 0.10 -7.60 10.49
CA SER A 49 -0.01 -9.05 10.63
C SER A 49 -0.89 -9.42 11.82
N PRO A 50 -1.61 -10.54 11.69
CA PRO A 50 -2.50 -11.04 12.75
C PRO A 50 -1.73 -11.55 13.97
N SER A 51 -0.42 -11.62 13.84
CA SER A 51 0.43 -12.10 14.92
C SER A 51 0.71 -10.97 15.92
N GLY A 52 0.53 -9.73 15.47
CA GLY A 52 0.77 -8.60 16.35
C GLY A 52 2.07 -7.90 16.04
N ALA A 53 2.51 -7.97 14.78
CA ALA A 53 3.74 -7.34 14.35
C ALA A 53 3.50 -6.34 13.22
N VAL A 54 4.28 -5.27 13.20
CA VAL A 54 4.14 -4.25 12.18
C VAL A 54 5.48 -3.99 11.47
N GLU A 55 5.58 -4.47 10.23
CA GLU A 55 6.80 -4.28 9.46
C GLU A 55 6.70 -3.06 8.54
N GLU A 56 7.85 -2.56 8.10
CA GLU A 56 7.88 -1.39 7.23
C GLU A 56 8.26 -1.79 5.81
N CYS A 57 7.48 -1.33 4.83
CA CYS A 57 7.72 -1.62 3.43
C CYS A 57 8.64 -0.59 2.80
N HIS A 58 9.50 -1.04 1.89
CA HIS A 58 10.43 -0.15 1.21
C HIS A 58 9.69 0.81 0.28
N VAL A 59 9.81 2.10 0.55
CA VAL A 59 9.16 3.12 -0.27
C VAL A 59 10.17 4.01 -0.97
N SER A 60 10.20 3.95 -2.30
CA SER A 60 11.12 4.74 -3.09
C SER A 60 10.38 5.65 -4.06
N GLU A 61 10.81 6.90 -4.15
CA GLU A 61 10.18 7.87 -5.05
C GLU A 61 10.88 7.87 -6.41
N LEU A 62 10.20 7.34 -7.42
CA LEU A 62 10.75 7.29 -8.77
C LEU A 62 10.14 8.38 -9.65
N GLU A 63 8.82 8.54 -9.55
CA GLU A 63 8.11 9.54 -10.34
C GLU A 63 7.31 10.46 -9.43
N PRO A 64 7.13 11.72 -9.87
CA PRO A 64 6.38 12.73 -9.11
C PRO A 64 4.89 12.43 -9.08
N ASP A 65 4.46 11.46 -9.88
CA ASP A 65 3.05 11.08 -9.94
C ASP A 65 2.89 9.58 -9.66
N LYS A 66 4.01 8.88 -9.51
CA LYS A 66 3.99 7.46 -9.25
C LYS A 66 5.05 7.08 -8.21
N TYR A 67 4.74 6.07 -7.40
CA TYR A 67 5.68 5.62 -6.37
C TYR A 67 5.73 4.09 -6.32
N ALA A 68 6.81 3.56 -5.76
CA ALA A 68 6.99 2.12 -5.65
C ALA A 68 7.10 1.69 -4.19
N VAL A 69 6.39 0.62 -3.84
CA VAL A 69 6.41 0.10 -2.47
C VAL A 69 6.57 -1.41 -2.45
N ARG A 70 7.74 -1.87 -2.05
CA ARG A 70 8.02 -3.31 -1.99
C ARG A 70 7.77 -3.85 -0.58
N PHE A 71 7.26 -5.07 -0.50
CA PHE A 71 6.98 -5.71 0.77
C PHE A 71 6.88 -7.23 0.62
N ILE A 72 7.26 -7.95 1.68
CA ILE A 72 7.21 -9.40 1.67
C ILE A 72 5.95 -9.92 2.35
N PRO A 73 4.96 -10.32 1.55
CA PRO A 73 3.69 -10.85 2.05
C PRO A 73 3.85 -12.22 2.71
N HIS A 74 4.17 -12.22 3.99
CA HIS A 74 4.35 -13.47 4.73
C HIS A 74 3.44 -13.52 5.94
N GLU A 75 2.37 -14.31 5.85
CA GLU A 75 1.41 -14.44 6.95
C GLU A 75 0.85 -15.85 7.00
N ASN A 76 0.00 -16.10 7.99
CA ASN A 76 -0.61 -17.42 8.17
C ASN A 76 -2.09 -17.38 7.76
N GLY A 77 -2.44 -16.44 6.90
CA GLY A 77 -3.81 -16.32 6.44
C GLY A 77 -4.01 -15.13 5.51
N VAL A 78 -4.69 -14.10 6.01
CA VAL A 78 -4.95 -12.91 5.21
C VAL A 78 -4.14 -11.73 5.71
N HIS A 79 -3.62 -10.92 4.79
CA HIS A 79 -2.83 -9.75 5.13
C HIS A 79 -3.68 -8.49 5.09
N THR A 80 -3.21 -7.45 5.77
CA THR A 80 -3.92 -6.17 5.81
C THR A 80 -2.98 -5.00 5.55
N ILE A 81 -3.11 -4.39 4.38
CA ILE A 81 -2.28 -3.25 4.02
C ILE A 81 -2.79 -1.96 4.63
N ASP A 82 -1.88 -1.13 5.14
CA ASP A 82 -2.25 0.14 5.75
C ASP A 82 -1.54 1.30 5.07
N VAL A 83 -2.30 2.12 4.36
CA VAL A 83 -1.74 3.27 3.66
C VAL A 83 -2.18 4.58 4.32
N LYS A 84 -1.20 5.40 4.69
CA LYS A 84 -1.48 6.68 5.33
C LYS A 84 -0.89 7.82 4.53
N PHE A 85 -1.65 8.90 4.37
CA PHE A 85 -1.20 10.06 3.61
C PHE A 85 -1.51 11.34 4.38
N ASN A 86 -0.48 11.94 4.97
CA ASN A 86 -0.64 13.18 5.72
C ASN A 86 -1.50 12.95 6.96
N GLY A 87 -1.49 11.72 7.46
CA GLY A 87 -2.27 11.38 8.64
C GLY A 87 -3.73 11.08 8.31
N SER A 88 -3.93 10.17 7.37
CA SER A 88 -5.28 9.79 6.95
C SER A 88 -5.25 8.59 6.01
N HIS A 89 -6.06 7.59 6.30
CA HIS A 89 -6.12 6.38 5.47
C HIS A 89 -6.83 6.68 4.16
N VAL A 90 -6.13 6.47 3.05
CA VAL A 90 -6.70 6.71 1.72
C VAL A 90 -8.01 5.93 1.55
N VAL A 91 -8.57 6.01 0.35
CA VAL A 91 -9.82 5.31 0.04
C VAL A 91 -9.60 3.81 -0.04
N GLY A 92 -10.60 3.04 0.37
CA GLY A 92 -10.50 1.60 0.33
C GLY A 92 -9.37 1.07 1.18
N SER A 93 -9.15 1.71 2.33
CA SER A 93 -8.08 1.31 3.23
C SER A 93 -8.62 1.06 4.64
N PRO A 94 -8.04 0.07 5.33
CA PRO A 94 -6.94 -0.74 4.79
C PRO A 94 -7.41 -1.66 3.66
N PHE A 95 -6.44 -2.27 2.97
CA PHE A 95 -6.75 -3.17 1.87
C PHE A 95 -6.54 -4.63 2.29
N LYS A 96 -7.35 -5.52 1.74
CA LYS A 96 -7.25 -6.94 2.05
C LYS A 96 -6.66 -7.71 0.88
N VAL A 97 -5.80 -8.69 1.19
CA VAL A 97 -5.16 -9.50 0.16
C VAL A 97 -4.97 -10.94 0.64
N ARG A 98 -5.59 -11.87 -0.06
CA ARG A 98 -5.48 -13.28 0.29
C ARG A 98 -4.28 -13.93 -0.40
N VAL A 99 -3.27 -14.29 0.39
CA VAL A 99 -2.07 -14.91 -0.15
C VAL A 99 -2.36 -16.34 -0.62
N GLY A 100 -1.81 -16.70 -1.77
CA GLY A 100 -2.01 -18.03 -2.31
C GLY A 100 -2.55 -18.00 -3.73
N GLU A 101 -2.48 -19.14 -4.41
CA GLU A 101 -2.96 -19.24 -5.79
C GLU A 101 -3.33 -20.68 -6.12
N PRO A 102 -4.39 -20.84 -6.92
CA PRO A 102 -4.86 -22.16 -7.34
C PRO A 102 -3.91 -22.85 -8.32
N GLY A 103 -3.01 -23.67 -7.78
CA GLY A 103 -2.06 -24.37 -8.62
C GLY A 103 -0.98 -25.07 -7.81
N GLN A 104 -0.21 -25.92 -8.45
CA GLN A 104 0.85 -26.67 -7.79
C GLN A 104 2.15 -26.60 -8.59
N ALA A 105 3.22 -26.13 -7.96
CA ALA A 105 4.51 -26.02 -8.61
C ALA A 105 5.47 -27.11 -8.12
N GLY A 106 5.94 -27.95 -9.04
CA GLY A 106 6.85 -29.01 -8.67
C GLY A 106 6.77 -30.19 -9.60
N GLY A 1 -12.39 32.89 9.23
CA GLY A 1 -13.43 32.47 10.16
C GLY A 1 -14.44 31.52 9.54
N SER A 2 -15.14 32.02 8.52
CA SER A 2 -16.15 31.21 7.84
C SER A 2 -15.67 30.79 6.46
N SER A 3 -15.37 31.78 5.63
CA SER A 3 -14.90 31.52 4.27
C SER A 3 -13.75 30.52 4.28
N GLY A 4 -13.90 29.45 3.51
CA GLY A 4 -12.87 28.43 3.44
C GLY A 4 -12.66 27.73 4.76
N SER A 5 -11.84 26.68 4.76
CA SER A 5 -11.56 25.92 5.96
C SER A 5 -10.08 26.01 6.33
N SER A 6 -9.73 25.44 7.48
CA SER A 6 -8.35 25.46 7.95
C SER A 6 -7.43 24.72 6.98
N GLY A 7 -7.70 23.43 6.78
CA GLY A 7 -6.89 22.64 5.88
C GLY A 7 -7.35 21.21 5.80
N SER A 8 -7.01 20.53 4.70
CA SER A 8 -7.41 19.15 4.50
C SER A 8 -6.49 18.46 3.49
N ASP A 9 -6.17 17.21 3.75
CA ASP A 9 -5.30 16.44 2.86
C ASP A 9 -6.09 15.91 1.65
N ASP A 10 -5.37 15.49 0.62
CA ASP A 10 -6.00 14.97 -0.59
C ASP A 10 -5.77 13.46 -0.70
N ALA A 11 -5.88 12.77 0.43
CA ALA A 11 -5.70 11.32 0.45
C ALA A 11 -6.60 10.63 -0.57
N ARG A 12 -7.84 11.11 -0.66
CA ARG A 12 -8.81 10.54 -1.59
C ARG A 12 -8.31 10.65 -3.03
N ARG A 13 -7.48 11.66 -3.28
CA ARG A 13 -6.93 11.88 -4.62
C ARG A 13 -5.73 10.97 -4.87
N LEU A 14 -5.89 9.69 -4.59
CA LEU A 14 -4.82 8.72 -4.79
C LEU A 14 -5.36 7.39 -5.29
N THR A 15 -4.81 6.91 -6.40
CA THR A 15 -5.24 5.65 -6.99
C THR A 15 -4.15 4.60 -6.90
N VAL A 16 -4.53 3.37 -6.55
CA VAL A 16 -3.58 2.28 -6.43
C VAL A 16 -3.65 1.36 -7.64
N MET A 17 -2.49 0.87 -8.08
CA MET A 17 -2.42 -0.02 -9.22
C MET A 17 -1.52 -1.22 -8.92
N SER A 18 -1.30 -2.06 -9.93
CA SER A 18 -0.47 -3.24 -9.77
C SER A 18 -0.72 -3.92 -8.42
N LEU A 19 -1.92 -3.70 -7.87
CA LEU A 19 -2.30 -4.28 -6.60
C LEU A 19 -3.22 -5.48 -6.79
N GLN A 20 -2.90 -6.57 -6.11
CA GLN A 20 -3.71 -7.79 -6.21
C GLN A 20 -4.29 -8.16 -4.84
N GLU A 21 -5.10 -9.21 -4.83
CA GLU A 21 -5.72 -9.68 -3.59
C GLU A 21 -5.41 -11.15 -3.34
N SER A 22 -5.41 -11.93 -4.42
CA SER A 22 -5.13 -13.36 -4.32
C SER A 22 -4.04 -13.77 -5.30
N GLY A 23 -3.20 -12.82 -5.67
CA GLY A 23 -2.12 -13.09 -6.60
C GLY A 23 -0.76 -12.75 -6.02
N LEU A 24 -0.54 -13.11 -4.75
CA LEU A 24 0.72 -12.83 -4.09
C LEU A 24 1.63 -14.06 -4.10
N LYS A 25 2.86 -13.89 -3.66
CA LYS A 25 3.82 -14.99 -3.62
C LYS A 25 4.54 -15.03 -2.27
N VAL A 26 4.38 -16.13 -1.55
CA VAL A 26 5.02 -16.30 -0.24
C VAL A 26 6.53 -16.28 -0.38
N ASN A 27 7.20 -15.78 0.66
CA ASN A 27 8.66 -15.71 0.67
C ASN A 27 9.19 -15.15 -0.65
N GLN A 28 8.51 -14.11 -1.15
CA GLN A 28 8.92 -13.47 -2.41
C GLN A 28 8.61 -11.98 -2.38
N PRO A 29 9.50 -11.19 -2.99
CA PRO A 29 9.35 -9.73 -3.05
C PRO A 29 8.21 -9.30 -3.96
N ALA A 30 7.28 -8.52 -3.43
CA ALA A 30 6.14 -8.03 -4.20
C ALA A 30 5.89 -6.55 -3.96
N SER A 31 6.01 -5.76 -5.01
CA SER A 31 5.80 -4.32 -4.92
C SER A 31 4.65 -3.86 -5.83
N PHE A 32 4.04 -2.74 -5.48
CA PHE A 32 2.93 -2.20 -6.26
C PHE A 32 3.18 -0.74 -6.63
N ALA A 33 2.40 -0.23 -7.57
CA ALA A 33 2.54 1.15 -8.01
C ALA A 33 1.36 2.00 -7.54
N ILE A 34 1.68 3.15 -6.93
CA ILE A 34 0.65 4.04 -6.43
C ILE A 34 0.55 5.30 -7.29
N ARG A 35 -0.60 5.46 -7.94
CA ARG A 35 -0.83 6.61 -8.80
C ARG A 35 -1.22 7.84 -7.98
N LEU A 36 -0.68 9.00 -8.36
CA LEU A 36 -0.97 10.24 -7.66
C LEU A 36 -1.62 11.26 -8.60
N ASN A 37 -2.82 11.70 -8.24
CA ASN A 37 -3.55 12.68 -9.05
C ASN A 37 -3.12 14.09 -8.71
N GLY A 38 -1.93 14.23 -8.15
CA GLY A 38 -1.41 15.54 -7.78
C GLY A 38 -1.60 15.84 -6.30
N ALA A 39 -1.54 14.80 -5.48
CA ALA A 39 -1.70 14.96 -4.03
C ALA A 39 -0.36 15.15 -3.35
N LYS A 40 -0.22 16.27 -2.64
CA LYS A 40 1.01 16.58 -1.93
C LYS A 40 0.92 16.19 -0.47
N GLY A 41 1.89 15.40 0.00
CA GLY A 41 1.89 14.96 1.38
C GLY A 41 2.85 13.81 1.63
N LYS A 42 2.73 13.18 2.79
CA LYS A 42 3.60 12.06 3.14
C LYS A 42 2.92 10.73 2.84
N ILE A 43 3.62 9.88 2.10
CA ILE A 43 3.09 8.57 1.74
C ILE A 43 3.58 7.50 2.71
N ASP A 44 2.67 7.01 3.54
CA ASP A 44 3.00 5.97 4.52
C ASP A 44 2.44 4.62 4.09
N ALA A 45 3.31 3.62 4.02
CA ALA A 45 2.89 2.28 3.62
C ALA A 45 3.57 1.21 4.49
N LYS A 46 2.77 0.49 5.26
CA LYS A 46 3.28 -0.56 6.13
C LYS A 46 2.40 -1.80 6.08
N VAL A 47 2.98 -2.96 6.38
CA VAL A 47 2.25 -4.21 6.37
C VAL A 47 1.94 -4.67 7.80
N HIS A 48 0.67 -4.99 8.05
CA HIS A 48 0.25 -5.45 9.35
C HIS A 48 0.12 -6.97 9.39
N SER A 49 0.21 -7.53 10.59
CA SER A 49 0.13 -8.98 10.76
C SER A 49 -0.90 -9.34 11.83
N PRO A 50 -1.61 -10.46 11.62
CA PRO A 50 -2.63 -10.94 12.54
C PRO A 50 -2.03 -11.46 13.85
N SER A 51 -0.71 -11.47 13.93
CA SER A 51 -0.01 -11.94 15.11
C SER A 51 0.16 -10.81 16.12
N GLY A 52 0.18 -9.57 15.63
CA GLY A 52 0.33 -8.43 16.51
C GLY A 52 1.65 -7.72 16.30
N ALA A 53 2.21 -7.83 15.10
CA ALA A 53 3.47 -7.20 14.78
C ALA A 53 3.31 -6.21 13.62
N VAL A 54 4.10 -5.14 13.67
CA VAL A 54 4.04 -4.12 12.62
C VAL A 54 5.35 -4.05 11.86
N GLU A 55 5.28 -4.25 10.55
CA GLU A 55 6.47 -4.21 9.70
C GLU A 55 6.45 -2.98 8.80
N GLU A 56 7.56 -2.73 8.11
CA GLU A 56 7.69 -1.59 7.23
C GLU A 56 7.96 -2.03 5.79
N CYS A 57 7.30 -1.39 4.84
CA CYS A 57 7.47 -1.72 3.43
C CYS A 57 8.44 -0.76 2.76
N HIS A 58 9.31 -1.31 1.92
CA HIS A 58 10.30 -0.49 1.21
C HIS A 58 9.62 0.50 0.27
N VAL A 59 9.64 1.77 0.64
CA VAL A 59 9.03 2.82 -0.18
C VAL A 59 10.08 3.71 -0.81
N SER A 60 10.21 3.62 -2.14
CA SER A 60 11.19 4.41 -2.86
C SER A 60 10.50 5.29 -3.91
N GLU A 61 10.85 6.57 -3.92
CA GLU A 61 10.28 7.51 -4.87
C GLU A 61 11.01 7.46 -6.21
N LEU A 62 10.36 6.91 -7.22
CA LEU A 62 10.95 6.81 -8.55
C LEU A 62 10.41 7.89 -9.47
N GLU A 63 9.09 8.08 -9.45
CA GLU A 63 8.44 9.09 -10.29
C GLU A 63 7.72 10.12 -9.44
N PRO A 64 7.59 11.34 -9.98
CA PRO A 64 6.91 12.44 -9.29
C PRO A 64 5.41 12.22 -9.17
N ASP A 65 4.91 11.20 -9.86
CA ASP A 65 3.49 10.88 -9.83
C ASP A 65 3.27 9.38 -9.64
N LYS A 66 4.35 8.66 -9.37
CA LYS A 66 4.28 7.22 -9.17
C LYS A 66 5.26 6.78 -8.08
N TYR A 67 4.90 5.71 -7.37
CA TYR A 67 5.74 5.19 -6.30
C TYR A 67 5.83 3.67 -6.37
N ALA A 68 6.90 3.12 -5.80
CA ALA A 68 7.09 1.67 -5.79
C ALA A 68 7.30 1.16 -4.37
N VAL A 69 6.25 0.59 -3.79
CA VAL A 69 6.31 0.06 -2.44
C VAL A 69 6.48 -1.46 -2.46
N ARG A 70 7.69 -1.92 -2.11
CA ARG A 70 7.98 -3.35 -2.09
C ARG A 70 7.77 -3.93 -0.69
N PHE A 71 7.26 -5.16 -0.63
CA PHE A 71 7.01 -5.81 0.64
C PHE A 71 6.97 -7.34 0.46
N ILE A 72 7.24 -8.05 1.56
CA ILE A 72 7.23 -9.51 1.52
C ILE A 72 5.96 -10.07 2.14
N PRO A 73 4.97 -10.38 1.29
CA PRO A 73 3.69 -10.93 1.73
C PRO A 73 3.81 -12.36 2.26
N HIS A 74 4.21 -12.49 3.52
CA HIS A 74 4.37 -13.79 4.15
C HIS A 74 3.52 -13.90 5.40
N GLU A 75 2.41 -14.63 5.30
CA GLU A 75 1.51 -14.82 6.44
C GLU A 75 0.89 -16.21 6.42
N ASN A 76 0.17 -16.54 7.49
CA ASN A 76 -0.48 -17.84 7.59
C ASN A 76 -1.96 -17.75 7.23
N GLY A 77 -2.40 -16.53 6.92
CA GLY A 77 -3.80 -16.32 6.56
C GLY A 77 -3.99 -15.13 5.64
N VAL A 78 -4.52 -14.04 6.19
CA VAL A 78 -4.75 -12.83 5.41
C VAL A 78 -3.83 -11.70 5.86
N HIS A 79 -3.51 -10.79 4.95
CA HIS A 79 -2.64 -9.66 5.24
C HIS A 79 -3.42 -8.36 5.21
N THR A 80 -2.88 -7.34 5.89
CA THR A 80 -3.52 -6.04 5.93
C THR A 80 -2.52 -4.92 5.69
N ILE A 81 -2.77 -4.11 4.65
CA ILE A 81 -1.90 -3.01 4.31
C ILE A 81 -2.44 -1.69 4.84
N ASP A 82 -1.67 -1.06 5.73
CA ASP A 82 -2.08 0.22 6.31
C ASP A 82 -1.44 1.38 5.57
N VAL A 83 -2.21 2.05 4.72
CA VAL A 83 -1.72 3.18 3.96
C VAL A 83 -2.30 4.50 4.46
N LYS A 84 -1.43 5.36 4.99
CA LYS A 84 -1.86 6.65 5.51
C LYS A 84 -1.28 7.79 4.69
N PHE A 85 -2.14 8.66 4.20
CA PHE A 85 -1.71 9.81 3.40
C PHE A 85 -1.95 11.11 4.15
N ASN A 86 -0.89 11.65 4.74
CA ASN A 86 -0.98 12.91 5.48
C ASN A 86 -1.84 12.74 6.73
N GLY A 87 -1.78 11.54 7.32
CA GLY A 87 -2.54 11.28 8.53
C GLY A 87 -4.00 10.98 8.22
N SER A 88 -4.24 10.13 7.23
CA SER A 88 -5.60 9.78 6.84
C SER A 88 -5.62 8.49 6.03
N HIS A 89 -6.33 7.49 6.53
CA HIS A 89 -6.43 6.20 5.86
C HIS A 89 -7.05 6.37 4.47
N VAL A 90 -6.18 6.51 3.46
CA VAL A 90 -6.65 6.67 2.08
C VAL A 90 -7.89 5.84 1.82
N VAL A 91 -8.84 6.41 1.10
CA VAL A 91 -10.09 5.72 0.76
C VAL A 91 -9.84 4.23 0.52
N GLY A 92 -10.59 3.39 1.23
CA GLY A 92 -10.44 1.95 1.08
C GLY A 92 -9.24 1.41 1.84
N SER A 93 -8.97 2.00 3.00
CA SER A 93 -7.85 1.57 3.83
C SER A 93 -8.31 1.27 5.25
N PRO A 94 -7.66 0.28 5.88
CA PRO A 94 -6.56 -0.47 5.25
C PRO A 94 -7.05 -1.38 4.12
N PHE A 95 -6.12 -2.07 3.47
CA PHE A 95 -6.46 -2.96 2.38
C PHE A 95 -6.28 -4.43 2.79
N LYS A 96 -7.05 -5.31 2.17
CA LYS A 96 -6.97 -6.73 2.47
C LYS A 96 -6.51 -7.53 1.25
N VAL A 97 -5.69 -8.54 1.49
CA VAL A 97 -5.17 -9.38 0.42
C VAL A 97 -4.70 -10.73 0.95
N ARG A 98 -5.13 -11.80 0.31
CA ARG A 98 -4.75 -13.14 0.71
C ARG A 98 -3.55 -13.64 -0.09
N VAL A 99 -2.69 -14.43 0.54
CA VAL A 99 -1.51 -14.97 -0.11
C VAL A 99 -1.64 -16.47 -0.33
N GLY A 100 -1.15 -16.95 -1.48
CA GLY A 100 -1.23 -18.35 -1.78
C GLY A 100 -1.21 -18.63 -3.28
N GLU A 101 -1.02 -19.89 -3.64
CA GLU A 101 -0.98 -20.28 -5.05
C GLU A 101 -2.31 -20.89 -5.48
N PRO A 102 -2.72 -20.62 -6.73
CA PRO A 102 -3.97 -21.14 -7.28
C PRO A 102 -3.92 -22.64 -7.53
N GLY A 103 -2.77 -23.24 -7.27
CA GLY A 103 -2.60 -24.67 -7.47
C GLY A 103 -1.81 -24.99 -8.72
N GLN A 104 -2.34 -25.89 -9.53
CA GLN A 104 -1.66 -26.30 -10.76
C GLN A 104 -0.35 -27.02 -10.46
N ALA A 105 -0.37 -27.85 -9.42
CA ALA A 105 0.82 -28.60 -9.02
C ALA A 105 1.27 -29.53 -10.14
N GLY A 106 0.37 -30.42 -10.58
CA GLY A 106 0.70 -31.35 -11.63
C GLY A 106 0.05 -32.70 -11.44
N GLY A 1 -2.41 30.12 -4.28
CA GLY A 1 -1.13 29.46 -4.48
C GLY A 1 -0.85 29.21 -5.96
N SER A 2 0.31 28.62 -6.24
CA SER A 2 0.70 28.33 -7.62
C SER A 2 -0.08 27.13 -8.16
N SER A 3 -0.04 26.02 -7.42
CA SER A 3 -0.73 24.80 -7.83
C SER A 3 -2.14 24.77 -7.26
N GLY A 4 -2.89 25.85 -7.48
CA GLY A 4 -4.25 25.93 -6.99
C GLY A 4 -4.35 25.61 -5.51
N SER A 5 -4.44 26.65 -4.68
CA SER A 5 -4.53 26.47 -3.24
C SER A 5 -5.43 25.29 -2.89
N SER A 6 -5.26 24.75 -1.69
CA SER A 6 -6.05 23.62 -1.23
C SER A 6 -6.16 23.60 0.28
N GLY A 7 -7.29 23.10 0.78
CA GLY A 7 -7.48 23.04 2.22
C GLY A 7 -7.16 21.68 2.79
N SER A 8 -8.15 20.79 2.82
CA SER A 8 -7.97 19.45 3.36
C SER A 8 -7.05 18.63 2.45
N ASP A 9 -6.35 17.67 3.04
CA ASP A 9 -5.44 16.80 2.29
C ASP A 9 -6.21 15.90 1.34
N ASP A 10 -5.55 15.45 0.28
CA ASP A 10 -6.17 14.58 -0.71
C ASP A 10 -5.65 13.15 -0.57
N ALA A 11 -6.00 12.50 0.53
CA ALA A 11 -5.57 11.13 0.78
C ALA A 11 -6.36 10.15 -0.08
N ARG A 12 -7.65 10.41 -0.24
CA ARG A 12 -8.51 9.54 -1.04
C ARG A 12 -8.32 9.81 -2.53
N ARG A 13 -7.48 10.80 -2.84
CA ARG A 13 -7.22 11.15 -4.24
C ARG A 13 -6.07 10.33 -4.80
N LEU A 14 -5.96 9.08 -4.35
CA LEU A 14 -4.90 8.19 -4.81
C LEU A 14 -5.48 6.90 -5.38
N THR A 15 -4.68 6.20 -6.16
CA THR A 15 -5.11 4.94 -6.78
C THR A 15 -4.00 3.90 -6.73
N VAL A 16 -4.30 2.74 -6.15
CA VAL A 16 -3.33 1.66 -6.05
C VAL A 16 -3.39 0.74 -7.27
N MET A 17 -2.39 0.85 -8.14
CA MET A 17 -2.34 0.03 -9.35
C MET A 17 -1.35 -1.13 -9.17
N SER A 18 -1.29 -1.99 -10.17
CA SER A 18 -0.40 -3.14 -10.13
C SER A 18 -0.42 -3.79 -8.75
N LEU A 19 -1.61 -4.00 -8.21
CA LEU A 19 -1.78 -4.61 -6.90
C LEU A 19 -2.31 -6.03 -7.02
N GLN A 20 -1.85 -6.91 -6.13
CA GLN A 20 -2.29 -8.30 -6.14
C GLN A 20 -3.40 -8.53 -5.10
N GLU A 21 -4.32 -9.43 -5.43
CA GLU A 21 -5.42 -9.74 -4.53
C GLU A 21 -5.28 -11.14 -3.94
N SER A 22 -5.54 -12.15 -4.77
CA SER A 22 -5.44 -13.54 -4.34
C SER A 22 -4.34 -14.27 -5.10
N GLY A 23 -3.31 -13.52 -5.50
CA GLY A 23 -2.20 -14.11 -6.23
C GLY A 23 -0.88 -13.94 -5.53
N LEU A 24 -0.90 -13.26 -4.38
CA LEU A 24 0.31 -13.01 -3.61
C LEU A 24 1.11 -14.29 -3.43
N LYS A 25 2.44 -14.16 -3.41
CA LYS A 25 3.32 -15.31 -3.25
C LYS A 25 4.15 -15.18 -1.98
N VAL A 26 4.19 -16.25 -1.19
CA VAL A 26 4.95 -16.25 0.05
C VAL A 26 6.44 -16.39 -0.21
N ASN A 27 7.24 -15.70 0.59
CA ASN A 27 8.69 -15.74 0.44
C ASN A 27 9.12 -15.20 -0.92
N GLN A 28 8.40 -14.18 -1.39
CA GLN A 28 8.71 -13.57 -2.69
C GLN A 28 8.50 -12.07 -2.64
N PRO A 29 9.42 -11.31 -3.26
CA PRO A 29 9.36 -9.85 -3.31
C PRO A 29 8.21 -9.35 -4.18
N ALA A 30 7.30 -8.60 -3.58
CA ALA A 30 6.16 -8.06 -4.31
C ALA A 30 6.02 -6.57 -4.06
N SER A 31 5.78 -5.81 -5.12
CA SER A 31 5.63 -4.37 -5.02
C SER A 31 4.49 -3.87 -5.91
N PHE A 32 4.07 -2.63 -5.69
CA PHE A 32 2.98 -2.05 -6.46
C PHE A 32 3.24 -0.56 -6.71
N ALA A 33 2.47 0.02 -7.63
CA ALA A 33 2.61 1.44 -7.97
C ALA A 33 1.41 2.24 -7.45
N ILE A 34 1.70 3.38 -6.84
CA ILE A 34 0.64 4.24 -6.31
C ILE A 34 0.47 5.49 -7.16
N ARG A 35 -0.67 5.58 -7.84
CA ARG A 35 -0.96 6.73 -8.69
C ARG A 35 -1.36 7.93 -7.86
N LEU A 36 -0.75 9.07 -8.14
CA LEU A 36 -1.04 10.31 -7.42
C LEU A 36 -1.80 11.29 -8.30
N ASN A 37 -3.04 11.58 -7.92
CA ASN A 37 -3.87 12.51 -8.68
C ASN A 37 -3.62 13.95 -8.25
N GLY A 38 -2.43 14.20 -7.70
CA GLY A 38 -2.08 15.53 -7.25
C GLY A 38 -2.16 15.68 -5.74
N ALA A 39 -1.86 14.60 -5.03
CA ALA A 39 -1.90 14.61 -3.57
C ALA A 39 -0.53 14.92 -2.99
N LYS A 40 -0.45 15.98 -2.19
CA LYS A 40 0.80 16.39 -1.57
C LYS A 40 0.75 16.17 -0.07
N GLY A 41 1.86 15.67 0.49
CA GLY A 41 1.93 15.42 1.91
C GLY A 41 2.99 14.40 2.28
N LYS A 42 2.56 13.27 2.81
CA LYS A 42 3.48 12.20 3.21
C LYS A 42 2.94 10.83 2.82
N ILE A 43 3.80 9.99 2.26
CA ILE A 43 3.40 8.65 1.85
C ILE A 43 3.98 7.60 2.78
N ASP A 44 3.10 6.79 3.37
CA ASP A 44 3.52 5.73 4.28
C ASP A 44 2.76 4.44 4.01
N ALA A 45 3.49 3.33 3.98
CA ALA A 45 2.87 2.02 3.73
C ALA A 45 3.49 0.95 4.61
N LYS A 46 2.70 0.43 5.54
CA LYS A 46 3.16 -0.61 6.46
C LYS A 46 2.35 -1.89 6.29
N VAL A 47 2.99 -3.03 6.52
CA VAL A 47 2.34 -4.32 6.40
C VAL A 47 1.98 -4.89 7.77
N HIS A 48 0.68 -5.03 8.02
CA HIS A 48 0.20 -5.58 9.28
C HIS A 48 0.24 -7.10 9.29
N SER A 49 0.24 -7.69 10.48
CA SER A 49 0.28 -9.14 10.60
C SER A 49 -0.68 -9.61 11.69
N PRO A 50 -1.17 -10.85 11.55
CA PRO A 50 -2.10 -11.45 12.51
C PRO A 50 -1.45 -11.76 13.86
N SER A 51 -0.17 -11.41 13.97
CA SER A 51 0.58 -11.65 15.20
C SER A 51 0.54 -10.42 16.10
N GLY A 52 0.32 -9.25 15.50
CA GLY A 52 0.26 -8.03 16.27
C GLY A 52 1.49 -7.16 16.08
N ALA A 53 2.13 -7.28 14.92
CA ALA A 53 3.32 -6.51 14.61
C ALA A 53 3.13 -5.69 13.35
N VAL A 54 3.85 -4.57 13.25
CA VAL A 54 3.76 -3.70 12.08
C VAL A 54 5.12 -3.55 11.41
N GLU A 55 5.28 -4.19 10.26
CA GLU A 55 6.53 -4.12 9.51
C GLU A 55 6.49 -2.99 8.49
N GLU A 56 7.63 -2.33 8.32
CA GLU A 56 7.73 -1.22 7.36
C GLU A 56 8.10 -1.73 5.98
N CYS A 57 7.33 -1.31 4.98
CA CYS A 57 7.58 -1.72 3.60
C CYS A 57 8.54 -0.74 2.91
N HIS A 58 9.47 -1.29 2.14
CA HIS A 58 10.45 -0.48 1.42
C HIS A 58 9.75 0.44 0.42
N VAL A 59 10.07 1.72 0.48
CA VAL A 59 9.47 2.70 -0.43
C VAL A 59 10.55 3.54 -1.11
N SER A 60 10.57 3.51 -2.44
CA SER A 60 11.54 4.27 -3.20
C SER A 60 10.84 5.20 -4.20
N GLU A 61 11.27 6.47 -4.19
CA GLU A 61 10.69 7.47 -5.09
C GLU A 61 11.29 7.35 -6.49
N LEU A 62 10.44 7.05 -7.46
CA LEU A 62 10.89 6.92 -8.85
C LEU A 62 10.38 8.07 -9.70
N GLU A 63 9.11 8.42 -9.53
CA GLU A 63 8.50 9.50 -10.28
C GLU A 63 7.81 10.49 -9.35
N PRO A 64 7.75 11.76 -9.77
CA PRO A 64 7.13 12.84 -8.99
C PRO A 64 5.61 12.69 -8.92
N ASP A 65 5.07 11.79 -9.72
CA ASP A 65 3.63 11.55 -9.76
C ASP A 65 3.32 10.09 -9.46
N LYS A 66 4.36 9.30 -9.21
CA LYS A 66 4.20 7.88 -8.92
C LYS A 66 5.25 7.41 -7.94
N TYR A 67 4.93 6.36 -7.18
CA TYR A 67 5.86 5.81 -6.21
C TYR A 67 5.82 4.29 -6.20
N ALA A 68 6.84 3.66 -5.62
CA ALA A 68 6.90 2.21 -5.55
C ALA A 68 7.01 1.74 -4.11
N VAL A 69 6.36 0.62 -3.81
CA VAL A 69 6.38 0.05 -2.47
C VAL A 69 6.57 -1.47 -2.50
N ARG A 70 7.72 -1.92 -2.01
CA ARG A 70 8.02 -3.35 -1.98
C ARG A 70 7.78 -3.94 -0.60
N PHE A 71 7.22 -5.15 -0.56
CA PHE A 71 6.93 -5.81 0.69
C PHE A 71 6.81 -7.32 0.49
N ILE A 72 7.14 -8.09 1.54
CA ILE A 72 7.08 -9.53 1.47
C ILE A 72 5.84 -10.06 2.18
N PRO A 73 4.79 -10.36 1.40
CA PRO A 73 3.52 -10.88 1.94
C PRO A 73 3.66 -12.29 2.47
N HIS A 74 4.14 -12.42 3.70
CA HIS A 74 4.31 -13.72 4.33
C HIS A 74 3.55 -13.80 5.65
N GLU A 75 2.43 -14.51 5.64
CA GLU A 75 1.61 -14.66 6.85
C GLU A 75 0.96 -16.03 6.88
N ASN A 76 0.22 -16.29 7.96
CA ASN A 76 -0.46 -17.57 8.13
C ASN A 76 -1.94 -17.46 7.76
N GLY A 77 -2.31 -16.30 7.22
CA GLY A 77 -3.70 -16.08 6.83
C GLY A 77 -3.85 -14.92 5.87
N VAL A 78 -4.61 -13.91 6.29
CA VAL A 78 -4.84 -12.73 5.45
C VAL A 78 -4.00 -11.55 5.94
N HIS A 79 -3.49 -10.77 5.00
CA HIS A 79 -2.68 -9.59 5.33
C HIS A 79 -3.51 -8.32 5.24
N THR A 80 -3.01 -7.26 5.87
CA THR A 80 -3.71 -5.98 5.87
C THR A 80 -2.74 -4.82 5.60
N ILE A 81 -2.85 -4.24 4.41
CA ILE A 81 -1.99 -3.13 4.03
C ILE A 81 -2.45 -1.83 4.68
N ASP A 82 -1.50 -1.08 5.21
CA ASP A 82 -1.81 0.20 5.86
C ASP A 82 -1.25 1.36 5.06
N VAL A 83 -2.07 1.93 4.18
CA VAL A 83 -1.67 3.05 3.34
C VAL A 83 -2.23 4.36 3.88
N LYS A 84 -1.38 5.12 4.56
CA LYS A 84 -1.79 6.41 5.12
C LYS A 84 -1.16 7.57 4.36
N PHE A 85 -1.90 8.65 4.20
CA PHE A 85 -1.42 9.82 3.49
C PHE A 85 -1.68 11.10 4.30
N ASN A 86 -0.60 11.73 4.75
CA ASN A 86 -0.71 12.95 5.53
C ASN A 86 -1.61 12.75 6.74
N GLY A 87 -1.61 11.53 7.27
CA GLY A 87 -2.43 11.22 8.43
C GLY A 87 -3.88 10.99 8.06
N SER A 88 -4.13 10.02 7.21
CA SER A 88 -5.49 9.70 6.77
C SER A 88 -5.51 8.44 5.90
N HIS A 89 -6.27 7.44 6.35
CA HIS A 89 -6.38 6.19 5.62
C HIS A 89 -7.00 6.41 4.24
N VAL A 90 -6.18 6.30 3.20
CA VAL A 90 -6.65 6.49 1.82
C VAL A 90 -7.83 5.57 1.52
N VAL A 91 -8.74 6.05 0.68
CA VAL A 91 -9.92 5.27 0.31
C VAL A 91 -9.54 3.82 0.01
N GLY A 92 -10.20 2.89 0.69
CA GLY A 92 -9.92 1.48 0.49
C GLY A 92 -9.02 0.90 1.57
N SER A 93 -8.58 1.76 2.48
CA SER A 93 -7.70 1.33 3.57
C SER A 93 -8.47 1.24 4.88
N PRO A 94 -8.13 0.23 5.70
CA PRO A 94 -7.09 -0.75 5.36
C PRO A 94 -7.51 -1.67 4.22
N PHE A 95 -6.54 -2.16 3.48
CA PHE A 95 -6.80 -3.06 2.35
C PHE A 95 -6.65 -4.52 2.78
N LYS A 96 -7.49 -5.39 2.22
CA LYS A 96 -7.45 -6.81 2.54
C LYS A 96 -7.03 -7.62 1.31
N VAL A 97 -6.20 -8.63 1.55
CA VAL A 97 -5.73 -9.50 0.47
C VAL A 97 -5.46 -10.91 0.96
N ARG A 98 -5.90 -11.90 0.19
CA ARG A 98 -5.71 -13.29 0.57
C ARG A 98 -4.45 -13.86 -0.09
N VAL A 99 -3.45 -14.14 0.74
CA VAL A 99 -2.18 -14.69 0.25
C VAL A 99 -2.34 -16.14 -0.19
N GLY A 100 -1.80 -16.46 -1.36
CA GLY A 100 -1.90 -17.81 -1.87
C GLY A 100 -1.78 -17.87 -3.38
N GLU A 101 -1.16 -18.93 -3.89
CA GLU A 101 -0.98 -19.10 -5.32
C GLU A 101 -2.21 -18.62 -6.09
N PRO A 102 -1.98 -18.03 -7.27
CA PRO A 102 -3.06 -17.52 -8.12
C PRO A 102 -3.89 -18.64 -8.73
N GLY A 103 -5.19 -18.40 -8.89
CA GLY A 103 -6.07 -19.40 -9.46
C GLY A 103 -7.37 -19.53 -8.69
N GLN A 104 -8.12 -20.60 -8.98
CA GLN A 104 -9.40 -20.83 -8.31
C GLN A 104 -9.36 -22.14 -7.54
N ALA A 105 -9.12 -22.05 -6.23
CA ALA A 105 -9.06 -23.22 -5.37
C ALA A 105 -10.04 -24.30 -5.85
N GLY A 106 -9.53 -25.50 -6.09
CA GLY A 106 -10.37 -26.59 -6.55
C GLY A 106 -9.65 -27.92 -6.55
N GLY A 1 -1.13 29.70 -3.78
CA GLY A 1 -1.37 30.28 -2.46
C GLY A 1 -0.08 30.47 -1.68
N SER A 2 -0.04 29.90 -0.49
CA SER A 2 1.14 30.01 0.38
C SER A 2 1.58 28.64 0.87
N SER A 3 2.90 28.45 0.97
CA SER A 3 3.46 27.18 1.43
C SER A 3 2.70 26.01 0.81
N GLY A 4 2.40 26.12 -0.48
CA GLY A 4 1.68 25.06 -1.17
C GLY A 4 0.22 25.40 -1.40
N SER A 5 -0.66 24.42 -1.19
CA SER A 5 -2.09 24.62 -1.38
C SER A 5 -2.86 24.33 -0.10
N SER A 6 -3.09 25.38 0.69
CA SER A 6 -3.81 25.24 1.95
C SER A 6 -5.30 25.00 1.70
N GLY A 7 -6.03 24.65 2.75
CA GLY A 7 -7.45 24.40 2.63
C GLY A 7 -7.83 22.99 3.03
N SER A 8 -7.64 22.04 2.11
CA SER A 8 -7.97 20.65 2.37
C SER A 8 -6.95 19.72 1.71
N ASP A 9 -6.21 18.99 2.54
CA ASP A 9 -5.20 18.06 2.03
C ASP A 9 -5.81 17.08 1.03
N ASP A 10 -4.97 16.23 0.47
CA ASP A 10 -5.42 15.25 -0.51
C ASP A 10 -5.07 13.82 -0.06
N ALA A 11 -5.97 13.23 0.72
CA ALA A 11 -5.75 11.87 1.22
C ALA A 11 -6.64 10.87 0.50
N ARG A 12 -7.81 11.34 0.06
CA ARG A 12 -8.75 10.48 -0.64
C ARG A 12 -8.62 10.65 -2.16
N ARG A 13 -7.44 11.09 -2.60
CA ARG A 13 -7.18 11.30 -4.02
C ARG A 13 -6.00 10.46 -4.48
N LEU A 14 -5.99 9.20 -4.08
CA LEU A 14 -4.92 8.28 -4.46
C LEU A 14 -5.48 6.96 -4.96
N THR A 15 -4.78 6.35 -5.92
CA THR A 15 -5.21 5.08 -6.49
C THR A 15 -4.07 4.07 -6.50
N VAL A 16 -4.37 2.84 -6.11
CA VAL A 16 -3.37 1.78 -6.07
C VAL A 16 -3.44 0.92 -7.33
N MET A 17 -2.28 0.68 -7.94
CA MET A 17 -2.21 -0.12 -9.15
C MET A 17 -1.31 -1.34 -8.95
N SER A 18 -1.32 -2.24 -9.91
CA SER A 18 -0.51 -3.46 -9.83
C SER A 18 -0.57 -4.06 -8.43
N LEU A 19 -1.77 -4.09 -7.86
CA LEU A 19 -1.97 -4.64 -6.52
C LEU A 19 -2.62 -6.01 -6.59
N GLN A 20 -1.87 -7.04 -6.20
CA GLN A 20 -2.38 -8.40 -6.21
C GLN A 20 -3.40 -8.63 -5.09
N GLU A 21 -4.33 -9.54 -5.33
CA GLU A 21 -5.36 -9.85 -4.34
C GLU A 21 -5.23 -11.27 -3.83
N SER A 22 -5.56 -12.23 -4.69
CA SER A 22 -5.49 -13.64 -4.33
C SER A 22 -4.41 -14.35 -5.15
N GLY A 23 -3.46 -13.58 -5.66
CA GLY A 23 -2.39 -14.15 -6.46
C GLY A 23 -1.02 -13.85 -5.88
N LEU A 24 -0.95 -13.63 -4.58
CA LEU A 24 0.31 -13.33 -3.91
C LEU A 24 1.14 -14.59 -3.72
N LYS A 25 2.46 -14.42 -3.65
CA LYS A 25 3.37 -15.55 -3.48
C LYS A 25 4.13 -15.43 -2.15
N VAL A 26 4.13 -16.51 -1.39
CA VAL A 26 4.82 -16.53 -0.10
C VAL A 26 6.34 -16.65 -0.29
N ASN A 27 7.08 -16.03 0.63
CA ASN A 27 8.54 -16.06 0.56
C ASN A 27 9.04 -15.45 -0.74
N GLN A 28 8.29 -14.48 -1.26
CA GLN A 28 8.65 -13.82 -2.50
C GLN A 28 8.39 -12.32 -2.42
N PRO A 29 9.29 -11.52 -3.00
CA PRO A 29 9.17 -10.05 -3.01
C PRO A 29 8.02 -9.57 -3.87
N ALA A 30 7.12 -8.80 -3.28
CA ALA A 30 5.97 -8.26 -4.00
C ALA A 30 5.79 -6.77 -3.74
N SER A 31 5.89 -5.97 -4.79
CA SER A 31 5.75 -4.53 -4.67
C SER A 31 4.56 -4.02 -5.49
N PHE A 32 4.10 -2.81 -5.19
CA PHE A 32 2.98 -2.22 -5.90
C PHE A 32 3.20 -0.73 -6.11
N ALA A 33 2.45 -0.15 -7.05
CA ALA A 33 2.56 1.27 -7.35
C ALA A 33 1.39 2.04 -6.78
N ILE A 34 1.61 3.33 -6.49
CA ILE A 34 0.57 4.18 -5.93
C ILE A 34 0.34 5.41 -6.81
N ARG A 35 -0.70 5.36 -7.62
CA ARG A 35 -1.02 6.47 -8.51
C ARG A 35 -1.43 7.70 -7.71
N LEU A 36 -0.93 8.86 -8.12
CA LEU A 36 -1.24 10.12 -7.44
C LEU A 36 -1.97 11.07 -8.37
N ASN A 37 -3.18 11.46 -7.99
CA ASN A 37 -3.98 12.38 -8.80
C ASN A 37 -3.69 13.83 -8.41
N GLY A 38 -2.50 14.06 -7.85
CA GLY A 38 -2.13 15.41 -7.46
C GLY A 38 -2.19 15.60 -5.96
N ALA A 39 -1.91 14.55 -5.21
CA ALA A 39 -1.94 14.62 -3.75
C ALA A 39 -0.57 15.00 -3.20
N LYS A 40 -0.53 16.08 -2.41
CA LYS A 40 0.71 16.55 -1.81
C LYS A 40 0.67 16.40 -0.29
N GLY A 41 1.70 15.78 0.26
CA GLY A 41 1.76 15.59 1.69
C GLY A 41 2.84 14.60 2.11
N LYS A 42 2.43 13.40 2.50
CA LYS A 42 3.35 12.37 2.92
C LYS A 42 2.79 10.98 2.62
N ILE A 43 3.64 10.11 2.06
CA ILE A 43 3.23 8.76 1.72
C ILE A 43 3.83 7.75 2.69
N ASP A 44 3.00 7.23 3.59
CA ASP A 44 3.44 6.25 4.57
C ASP A 44 2.82 4.88 4.29
N ALA A 45 3.68 3.88 4.14
CA ALA A 45 3.21 2.52 3.88
C ALA A 45 3.82 1.53 4.86
N LYS A 46 2.95 0.80 5.56
CA LYS A 46 3.40 -0.18 6.54
C LYS A 46 2.55 -1.45 6.48
N VAL A 47 3.18 -2.59 6.70
CA VAL A 47 2.47 -3.87 6.67
C VAL A 47 2.13 -4.34 8.07
N HIS A 48 0.97 -4.98 8.22
CA HIS A 48 0.54 -5.48 9.52
C HIS A 48 0.45 -7.01 9.50
N SER A 49 0.39 -7.60 10.69
CA SER A 49 0.31 -9.05 10.82
C SER A 49 -0.61 -9.45 11.96
N PRO A 50 -1.30 -10.59 11.80
CA PRO A 50 -2.23 -11.12 12.81
C PRO A 50 -1.51 -11.60 14.06
N SER A 51 -0.18 -11.53 14.04
CA SER A 51 0.62 -11.96 15.18
C SER A 51 1.04 -10.78 16.03
N GLY A 52 0.51 -9.61 15.71
CA GLY A 52 0.84 -8.41 16.47
C GLY A 52 2.19 -7.84 16.08
N ALA A 53 2.59 -8.04 14.83
CA ALA A 53 3.86 -7.54 14.34
C ALA A 53 3.67 -6.45 13.28
N VAL A 54 4.62 -5.54 13.19
CA VAL A 54 4.56 -4.46 12.23
C VAL A 54 5.88 -4.28 11.50
N GLU A 55 5.86 -4.50 10.18
CA GLU A 55 7.06 -4.37 9.36
C GLU A 55 6.97 -3.14 8.46
N GLU A 56 8.12 -2.71 7.94
CA GLU A 56 8.18 -1.55 7.07
C GLU A 56 8.41 -1.97 5.62
N CYS A 57 7.59 -1.43 4.72
CA CYS A 57 7.71 -1.75 3.30
C CYS A 57 8.65 -0.79 2.60
N HIS A 58 9.57 -1.33 1.81
CA HIS A 58 10.54 -0.51 1.08
C HIS A 58 9.83 0.45 0.13
N VAL A 59 9.79 1.72 0.52
CA VAL A 59 9.15 2.75 -0.29
C VAL A 59 10.17 3.68 -0.92
N SER A 60 10.32 3.59 -2.24
CA SER A 60 11.27 4.43 -2.96
C SER A 60 10.55 5.37 -3.93
N GLU A 61 10.92 6.64 -3.88
CA GLU A 61 10.31 7.64 -4.75
C GLU A 61 11.02 7.70 -6.11
N LEU A 62 10.40 7.14 -7.13
CA LEU A 62 10.97 7.14 -8.47
C LEU A 62 10.43 8.29 -9.30
N GLU A 63 9.12 8.48 -9.25
CA GLU A 63 8.48 9.55 -10.00
C GLU A 63 7.66 10.45 -9.08
N PRO A 64 7.48 11.71 -9.48
CA PRO A 64 6.72 12.69 -8.71
C PRO A 64 5.22 12.40 -8.71
N ASP A 65 4.79 11.54 -9.63
CA ASP A 65 3.39 11.17 -9.74
C ASP A 65 3.21 9.66 -9.60
N LYS A 66 4.30 8.97 -9.27
CA LYS A 66 4.27 7.52 -9.11
C LYS A 66 5.27 7.08 -8.06
N TYR A 67 4.90 6.06 -7.29
CA TYR A 67 5.77 5.53 -6.25
C TYR A 67 5.80 4.00 -6.27
N ALA A 68 6.77 3.42 -5.59
CA ALA A 68 6.91 1.97 -5.53
C ALA A 68 7.11 1.50 -4.10
N VAL A 69 6.36 0.47 -3.71
CA VAL A 69 6.45 -0.08 -2.36
C VAL A 69 6.59 -1.60 -2.39
N ARG A 70 7.78 -2.09 -2.10
CA ARG A 70 8.05 -3.52 -2.09
C ARG A 70 7.88 -4.10 -0.69
N PHE A 71 7.35 -5.32 -0.62
CA PHE A 71 7.12 -5.98 0.66
C PHE A 71 6.99 -7.50 0.46
N ILE A 72 7.25 -8.24 1.53
CA ILE A 72 7.15 -9.70 1.48
C ILE A 72 5.84 -10.18 2.09
N PRO A 73 4.86 -10.49 1.24
CA PRO A 73 3.54 -10.98 1.67
C PRO A 73 3.61 -12.37 2.26
N HIS A 74 4.01 -12.47 3.52
CA HIS A 74 4.11 -13.76 4.20
C HIS A 74 3.27 -13.77 5.48
N GLU A 75 2.13 -14.45 5.42
CA GLU A 75 1.24 -14.53 6.56
C GLU A 75 0.54 -15.89 6.61
N ASN A 76 -0.26 -16.11 7.66
CA ASN A 76 -0.98 -17.36 7.82
C ASN A 76 -2.45 -17.19 7.46
N GLY A 77 -2.78 -16.09 6.80
CA GLY A 77 -4.15 -15.83 6.40
C GLY A 77 -4.26 -14.65 5.45
N VAL A 78 -4.85 -13.56 5.93
CA VAL A 78 -5.02 -12.36 5.12
C VAL A 78 -4.14 -11.23 5.63
N HIS A 79 -3.55 -10.49 4.68
CA HIS A 79 -2.68 -9.37 5.03
C HIS A 79 -3.46 -8.06 5.03
N THR A 80 -2.92 -7.06 5.72
CA THR A 80 -3.57 -5.75 5.79
C THR A 80 -2.56 -4.62 5.57
N ILE A 81 -2.80 -3.83 4.53
CA ILE A 81 -1.91 -2.73 4.20
C ILE A 81 -2.47 -1.40 4.72
N ASP A 82 -1.71 -0.74 5.59
CA ASP A 82 -2.13 0.53 6.17
C ASP A 82 -1.48 1.70 5.42
N VAL A 83 -2.25 2.32 4.53
CA VAL A 83 -1.75 3.45 3.75
C VAL A 83 -2.31 4.77 4.27
N LYS A 84 -1.48 5.53 4.98
CA LYS A 84 -1.89 6.80 5.54
C LYS A 84 -1.29 7.96 4.74
N PHE A 85 -2.10 8.99 4.49
CA PHE A 85 -1.65 10.15 3.73
C PHE A 85 -1.95 11.44 4.51
N ASN A 86 -0.91 12.00 5.12
CA ASN A 86 -1.06 13.24 5.89
C ASN A 86 -2.06 13.05 7.02
N GLY A 87 -2.01 11.89 7.66
CA GLY A 87 -2.91 11.61 8.77
C GLY A 87 -4.33 11.31 8.31
N SER A 88 -4.45 10.43 7.32
CA SER A 88 -5.76 10.07 6.78
C SER A 88 -5.64 8.90 5.81
N HIS A 89 -6.33 7.81 6.13
CA HIS A 89 -6.30 6.62 5.29
C HIS A 89 -7.02 6.87 3.96
N VAL A 90 -6.29 6.75 2.87
CA VAL A 90 -6.85 6.97 1.54
C VAL A 90 -8.04 6.07 1.29
N VAL A 91 -8.61 6.15 0.10
CA VAL A 91 -9.77 5.34 -0.27
C VAL A 91 -9.38 3.87 -0.39
N GLY A 92 -10.26 2.99 0.07
CA GLY A 92 -10.00 1.57 -0.01
C GLY A 92 -8.92 1.13 0.96
N SER A 93 -8.71 1.91 2.01
CA SER A 93 -7.69 1.60 3.01
C SER A 93 -8.34 1.36 4.38
N PRO A 94 -7.79 0.38 5.12
CA PRO A 94 -6.66 -0.42 4.66
C PRO A 94 -7.03 -1.35 3.52
N PHE A 95 -6.04 -2.08 3.00
CA PHE A 95 -6.27 -3.01 1.90
C PHE A 95 -5.97 -4.44 2.34
N LYS A 96 -6.88 -5.35 2.02
CA LYS A 96 -6.71 -6.75 2.37
C LYS A 96 -6.38 -7.60 1.14
N VAL A 97 -5.50 -8.57 1.31
CA VAL A 97 -5.10 -9.45 0.21
C VAL A 97 -4.81 -10.86 0.71
N ARG A 98 -5.46 -11.84 0.11
CA ARG A 98 -5.27 -13.24 0.49
C ARG A 98 -4.07 -13.84 -0.23
N VAL A 99 -3.15 -14.41 0.53
CA VAL A 99 -1.96 -15.02 -0.04
C VAL A 99 -2.19 -16.50 -0.36
N GLY A 100 -1.63 -16.95 -1.47
CA GLY A 100 -1.80 -18.34 -1.86
C GLY A 100 -2.78 -18.51 -3.00
N GLU A 101 -2.47 -19.42 -3.91
CA GLU A 101 -3.34 -19.69 -5.06
C GLU A 101 -4.76 -19.99 -4.61
N PRO A 102 -5.75 -19.56 -5.42
CA PRO A 102 -7.16 -19.77 -5.12
C PRO A 102 -7.57 -21.24 -5.24
N GLY A 103 -7.86 -21.87 -4.12
CA GLY A 103 -8.25 -23.26 -4.12
C GLY A 103 -9.75 -23.44 -4.26
N GLN A 104 -10.16 -24.17 -5.30
CA GLN A 104 -11.58 -24.40 -5.54
C GLN A 104 -11.97 -25.83 -5.14
N ALA A 105 -12.85 -25.93 -4.14
CA ALA A 105 -13.30 -27.24 -3.67
C ALA A 105 -13.78 -28.11 -4.83
N GLY A 106 -12.94 -29.05 -5.24
CA GLY A 106 -13.30 -29.94 -6.33
C GLY A 106 -13.42 -31.39 -5.89
N GLY A 1 8.03 24.94 -0.20
CA GLY A 1 7.29 25.31 1.00
C GLY A 1 5.97 24.58 1.12
N SER A 2 5.50 24.42 2.35
CA SER A 2 4.24 23.73 2.60
C SER A 2 3.70 24.05 3.99
N SER A 3 2.46 24.53 4.05
CA SER A 3 1.84 24.88 5.32
C SER A 3 0.94 23.75 5.82
N GLY A 4 0.50 23.86 7.07
CA GLY A 4 -0.35 22.85 7.64
C GLY A 4 -1.78 23.32 7.81
N SER A 5 -2.73 22.47 7.43
CA SER A 5 -4.15 22.81 7.54
C SER A 5 -4.98 21.59 7.94
N SER A 6 -5.88 21.78 8.89
CA SER A 6 -6.73 20.70 9.37
C SER A 6 -7.33 19.93 8.20
N GLY A 7 -6.83 18.71 7.99
CA GLY A 7 -7.34 17.89 6.90
C GLY A 7 -7.02 18.48 5.54
N SER A 8 -8.06 18.95 4.85
CA SER A 8 -7.90 19.53 3.52
C SER A 8 -6.80 18.81 2.74
N ASP A 9 -6.82 17.47 2.81
CA ASP A 9 -5.83 16.67 2.11
C ASP A 9 -6.46 15.94 0.92
N ASP A 10 -5.64 15.24 0.16
CA ASP A 10 -6.13 14.50 -1.01
C ASP A 10 -5.76 13.02 -0.90
N ALA A 11 -6.09 12.43 0.25
CA ALA A 11 -5.80 11.01 0.48
C ALA A 11 -6.60 10.13 -0.48
N ARG A 12 -7.92 10.25 -0.42
CA ARG A 12 -8.79 9.46 -1.28
C ARG A 12 -8.34 9.53 -2.73
N ARG A 13 -8.05 10.73 -3.20
CA ARG A 13 -7.60 10.93 -4.58
C ARG A 13 -6.64 9.84 -5.00
N LEU A 14 -5.49 9.77 -4.32
CA LEU A 14 -4.48 8.77 -4.63
C LEU A 14 -5.12 7.44 -4.99
N THR A 15 -4.58 6.78 -6.01
CA THR A 15 -5.10 5.49 -6.46
C THR A 15 -4.02 4.41 -6.39
N VAL A 16 -4.40 3.24 -5.90
CA VAL A 16 -3.47 2.12 -5.78
C VAL A 16 -3.57 1.19 -7.00
N MET A 17 -2.43 0.86 -7.57
CA MET A 17 -2.38 -0.02 -8.74
C MET A 17 -1.50 -1.22 -8.48
N SER A 18 -1.35 -2.08 -9.49
CA SER A 18 -0.53 -3.28 -9.36
C SER A 18 -0.75 -3.94 -8.00
N LEU A 19 -1.97 -3.86 -7.50
CA LEU A 19 -2.31 -4.46 -6.20
C LEU A 19 -2.93 -5.83 -6.39
N GLN A 20 -2.32 -6.84 -5.77
CA GLN A 20 -2.81 -8.21 -5.86
C GLN A 20 -3.89 -8.46 -4.82
N GLU A 21 -4.73 -9.47 -5.07
CA GLU A 21 -5.80 -9.82 -4.15
C GLU A 21 -5.58 -11.21 -3.56
N SER A 22 -5.76 -12.24 -4.39
CA SER A 22 -5.60 -13.62 -3.95
C SER A 22 -4.56 -14.34 -4.81
N GLY A 23 -3.60 -13.57 -5.34
CA GLY A 23 -2.56 -14.15 -6.17
C GLY A 23 -1.17 -13.73 -5.74
N LEU A 24 -0.93 -13.74 -4.44
CA LEU A 24 0.37 -13.36 -3.90
C LEU A 24 1.34 -14.52 -3.94
N LYS A 25 2.62 -14.23 -3.72
CA LYS A 25 3.66 -15.26 -3.73
C LYS A 25 4.45 -15.23 -2.42
N VAL A 26 4.34 -16.31 -1.66
CA VAL A 26 5.05 -16.42 -0.39
C VAL A 26 6.56 -16.52 -0.61
N ASN A 27 7.32 -15.90 0.28
CA ASN A 27 8.77 -15.90 0.19
C ASN A 27 9.24 -15.27 -1.11
N GLN A 28 8.46 -14.30 -1.60
CA GLN A 28 8.80 -13.60 -2.84
C GLN A 28 8.48 -12.11 -2.72
N PRO A 29 9.33 -11.29 -3.36
CA PRO A 29 9.17 -9.83 -3.34
C PRO A 29 7.96 -9.37 -4.15
N ALA A 30 7.13 -8.52 -3.53
CA ALA A 30 5.93 -8.01 -4.19
C ALA A 30 5.78 -6.51 -3.96
N SER A 31 5.75 -5.75 -5.04
CA SER A 31 5.61 -4.29 -4.95
C SER A 31 4.46 -3.81 -5.82
N PHE A 32 3.96 -2.61 -5.52
CA PHE A 32 2.86 -2.03 -6.28
C PHE A 32 3.15 -0.57 -6.61
N ALA A 33 2.35 -0.01 -7.52
CA ALA A 33 2.51 1.39 -7.91
C ALA A 33 1.39 2.26 -7.36
N ILE A 34 1.75 3.43 -6.87
CA ILE A 34 0.77 4.36 -6.31
C ILE A 34 0.56 5.56 -7.22
N ARG A 35 -0.60 5.61 -7.88
CA ARG A 35 -0.93 6.70 -8.78
C ARG A 35 -1.30 7.95 -8.00
N LEU A 36 -0.71 9.08 -8.38
CA LEU A 36 -0.97 10.35 -7.71
C LEU A 36 -1.73 11.30 -8.64
N ASN A 37 -2.95 11.64 -8.25
CA ASN A 37 -3.78 12.54 -9.04
C ASN A 37 -3.48 13.99 -8.70
N GLY A 38 -2.28 14.24 -8.18
CA GLY A 38 -1.89 15.60 -7.82
C GLY A 38 -1.89 15.81 -6.32
N ALA A 39 -1.54 14.77 -5.57
CA ALA A 39 -1.50 14.86 -4.11
C ALA A 39 -0.07 14.86 -3.60
N LYS A 40 0.24 15.80 -2.71
CA LYS A 40 1.58 15.91 -2.16
C LYS A 40 1.53 15.91 -0.63
N GLY A 41 2.52 15.28 0.00
CA GLY A 41 2.56 15.21 1.44
C GLY A 41 3.51 14.15 1.95
N LYS A 42 3.01 13.26 2.81
CA LYS A 42 3.82 12.19 3.37
C LYS A 42 3.17 10.83 3.12
N ILE A 43 3.79 10.04 2.26
CA ILE A 43 3.26 8.71 1.94
C ILE A 43 3.87 7.65 2.85
N ASP A 44 3.01 7.02 3.65
CA ASP A 44 3.46 5.98 4.57
C ASP A 44 2.76 4.66 4.28
N ALA A 45 3.54 3.59 4.17
CA ALA A 45 3.00 2.27 3.89
C ALA A 45 3.58 1.22 4.83
N LYS A 46 2.70 0.46 5.47
CA LYS A 46 3.12 -0.58 6.40
C LYS A 46 2.28 -1.84 6.23
N VAL A 47 2.88 -2.99 6.53
CA VAL A 47 2.18 -4.27 6.41
C VAL A 47 1.84 -4.84 7.79
N HIS A 48 0.55 -4.95 8.07
CA HIS A 48 0.09 -5.49 9.35
C HIS A 48 -0.18 -6.99 9.25
N SER A 49 -0.08 -7.67 10.39
CA SER A 49 -0.31 -9.12 10.43
C SER A 49 -1.23 -9.48 11.59
N PRO A 50 -2.00 -10.57 11.41
CA PRO A 50 -2.93 -11.05 12.44
C PRO A 50 -2.22 -11.64 13.65
N SER A 51 -0.88 -11.65 13.59
CA SER A 51 -0.08 -12.19 14.68
C SER A 51 0.23 -11.10 15.70
N GLY A 52 0.19 -9.85 15.26
CA GLY A 52 0.47 -8.74 16.16
C GLY A 52 1.83 -8.12 15.90
N ALA A 53 2.30 -8.23 14.66
CA ALA A 53 3.59 -7.68 14.28
C ALA A 53 3.44 -6.59 13.23
N VAL A 54 4.27 -5.56 13.31
CA VAL A 54 4.23 -4.45 12.36
C VAL A 54 5.52 -4.37 11.55
N GLU A 55 5.41 -4.60 10.25
CA GLU A 55 6.57 -4.56 9.37
C GLU A 55 6.51 -3.33 8.46
N GLU A 56 7.68 -2.87 8.03
CA GLU A 56 7.77 -1.70 7.16
C GLU A 56 8.07 -2.11 5.72
N CYS A 57 7.39 -1.46 4.77
CA CYS A 57 7.58 -1.77 3.36
C CYS A 57 8.57 -0.79 2.73
N HIS A 58 9.38 -1.29 1.81
CA HIS A 58 10.38 -0.46 1.13
C HIS A 58 9.69 0.58 0.25
N VAL A 59 9.77 1.84 0.67
CA VAL A 59 9.16 2.94 -0.07
C VAL A 59 10.23 3.83 -0.70
N SER A 60 10.27 3.83 -2.02
CA SER A 60 11.24 4.64 -2.76
C SER A 60 10.56 5.52 -3.79
N GLU A 61 10.96 6.78 -3.86
CA GLU A 61 10.38 7.73 -4.80
C GLU A 61 11.15 7.72 -6.12
N LEU A 62 10.53 7.16 -7.15
CA LEU A 62 11.15 7.09 -8.47
C LEU A 62 10.62 8.18 -9.38
N GLU A 63 9.31 8.43 -9.31
CA GLU A 63 8.68 9.45 -10.14
C GLU A 63 7.89 10.43 -9.27
N PRO A 64 7.75 11.67 -9.77
CA PRO A 64 7.02 12.73 -9.06
C PRO A 64 5.52 12.47 -9.01
N ASP A 65 5.06 11.57 -9.87
CA ASP A 65 3.64 11.23 -9.92
C ASP A 65 3.43 9.73 -9.78
N LYS A 66 4.53 8.99 -9.59
CA LYS A 66 4.47 7.54 -9.43
C LYS A 66 5.43 7.08 -8.33
N TYR A 67 4.92 6.24 -7.43
CA TYR A 67 5.73 5.73 -6.33
C TYR A 67 5.78 4.20 -6.37
N ALA A 68 6.78 3.63 -5.70
CA ALA A 68 6.94 2.19 -5.64
C ALA A 68 7.09 1.70 -4.21
N VAL A 69 6.31 0.69 -3.85
CA VAL A 69 6.35 0.14 -2.51
C VAL A 69 6.54 -1.38 -2.55
N ARG A 70 7.73 -1.84 -2.18
CA ARG A 70 8.03 -3.27 -2.18
C ARG A 70 7.88 -3.84 -0.77
N PHE A 71 7.31 -5.04 -0.69
CA PHE A 71 7.11 -5.70 0.59
C PHE A 71 7.00 -7.22 0.41
N ILE A 72 7.37 -7.96 1.45
CA ILE A 72 7.31 -9.41 1.40
C ILE A 72 6.07 -9.94 2.11
N PRO A 73 5.05 -10.30 1.33
CA PRO A 73 3.78 -10.83 1.87
C PRO A 73 3.95 -12.21 2.47
N HIS A 74 4.43 -12.28 3.71
CA HIS A 74 4.62 -13.55 4.40
C HIS A 74 3.85 -13.57 5.71
N GLU A 75 2.75 -14.32 5.74
CA GLU A 75 1.93 -14.42 6.94
C GLU A 75 1.32 -15.82 7.05
N ASN A 76 0.58 -16.05 8.13
CA ASN A 76 -0.07 -17.34 8.36
C ASN A 76 -1.55 -17.26 8.04
N GLY A 77 -1.96 -16.19 7.37
CA GLY A 77 -3.35 -16.01 7.01
C GLY A 77 -3.56 -14.89 6.01
N VAL A 78 -4.22 -13.82 6.46
CA VAL A 78 -4.49 -12.68 5.61
C VAL A 78 -3.66 -11.47 6.03
N HIS A 79 -3.30 -10.63 5.06
CA HIS A 79 -2.50 -9.45 5.33
C HIS A 79 -3.37 -8.20 5.29
N THR A 80 -2.88 -7.11 5.88
CA THR A 80 -3.61 -5.86 5.92
C THR A 80 -2.69 -4.67 5.65
N ILE A 81 -2.84 -4.06 4.49
CA ILE A 81 -2.02 -2.91 4.11
C ILE A 81 -2.54 -1.63 4.74
N ASP A 82 -1.64 -0.85 5.33
CA ASP A 82 -2.01 0.40 5.97
C ASP A 82 -1.41 1.59 5.22
N VAL A 83 -2.23 2.28 4.43
CA VAL A 83 -1.77 3.43 3.67
C VAL A 83 -2.30 4.73 4.27
N LYS A 84 -1.38 5.59 4.71
CA LYS A 84 -1.74 6.87 5.30
C LYS A 84 -1.17 8.02 4.49
N PHE A 85 -1.99 9.05 4.28
CA PHE A 85 -1.57 10.23 3.51
C PHE A 85 -1.92 11.50 4.26
N ASN A 86 -0.94 12.05 4.99
CA ASN A 86 -1.15 13.28 5.75
C ASN A 86 -2.10 13.04 6.92
N GLY A 87 -2.13 11.80 7.41
CA GLY A 87 -3.00 11.47 8.52
C GLY A 87 -4.43 11.16 8.08
N SER A 88 -4.57 10.19 7.19
CA SER A 88 -5.88 9.80 6.68
C SER A 88 -5.78 8.54 5.82
N HIS A 89 -6.54 7.52 6.21
CA HIS A 89 -6.54 6.26 5.48
C HIS A 89 -7.16 6.43 4.09
N VAL A 90 -6.35 6.26 3.06
CA VAL A 90 -6.82 6.39 1.68
C VAL A 90 -8.01 5.47 1.41
N VAL A 91 -8.82 5.85 0.44
CA VAL A 91 -10.00 5.06 0.07
C VAL A 91 -9.63 3.59 -0.11
N GLY A 92 -10.45 2.71 0.47
CA GLY A 92 -10.19 1.29 0.35
C GLY A 92 -9.27 0.78 1.45
N SER A 93 -8.78 1.68 2.29
CA SER A 93 -7.88 1.32 3.37
C SER A 93 -8.63 1.25 4.69
N PRO A 94 -8.24 0.28 5.53
CA PRO A 94 -7.17 -0.67 5.22
C PRO A 94 -7.58 -1.65 4.12
N PHE A 95 -6.59 -2.21 3.44
CA PHE A 95 -6.84 -3.17 2.37
C PHE A 95 -6.62 -4.60 2.84
N LYS A 96 -7.38 -5.52 2.29
CA LYS A 96 -7.27 -6.93 2.65
C LYS A 96 -6.80 -7.77 1.47
N VAL A 97 -5.85 -8.67 1.72
CA VAL A 97 -5.32 -9.52 0.67
C VAL A 97 -4.94 -10.90 1.22
N ARG A 98 -5.38 -11.95 0.55
CA ARG A 98 -5.09 -13.31 0.97
C ARG A 98 -3.90 -13.87 0.21
N VAL A 99 -2.96 -14.47 0.93
CA VAL A 99 -1.77 -15.04 0.31
C VAL A 99 -2.06 -16.44 -0.23
N GLY A 100 -1.57 -16.71 -1.44
CA GLY A 100 -1.79 -18.00 -2.05
C GLY A 100 -2.05 -17.91 -3.54
N GLU A 101 -1.72 -18.98 -4.26
CA GLU A 101 -1.92 -19.00 -5.71
C GLU A 101 -3.20 -19.74 -6.06
N PRO A 102 -3.95 -19.19 -7.05
CA PRO A 102 -5.21 -19.78 -7.49
C PRO A 102 -5.01 -21.08 -8.26
N GLY A 103 -5.57 -22.17 -7.73
CA GLY A 103 -5.44 -23.46 -8.38
C GLY A 103 -6.78 -24.09 -8.69
N GLN A 104 -7.45 -23.59 -9.70
CA GLN A 104 -8.75 -24.10 -10.11
C GLN A 104 -8.61 -25.41 -10.88
N ALA A 105 -8.38 -26.50 -10.16
CA ALA A 105 -8.22 -27.81 -10.77
C ALA A 105 -8.79 -28.91 -9.88
N GLY A 106 -9.67 -29.74 -10.45
CA GLY A 106 -10.26 -30.81 -9.69
C GLY A 106 -9.80 -32.18 -10.16
N GLY A 1 10.60 26.69 -3.47
CA GLY A 1 9.42 25.89 -3.17
C GLY A 1 9.20 25.71 -1.68
N SER A 2 7.96 25.89 -1.25
CA SER A 2 7.62 25.75 0.16
C SER A 2 6.85 24.45 0.40
N SER A 3 7.47 23.55 1.16
CA SER A 3 6.85 22.26 1.47
C SER A 3 5.71 22.44 2.48
N GLY A 4 4.55 22.82 1.98
CA GLY A 4 3.40 23.02 2.85
C GLY A 4 2.15 22.36 2.31
N SER A 5 0.99 22.94 2.63
CA SER A 5 -0.29 22.40 2.18
C SER A 5 -1.41 23.42 2.37
N SER A 6 -2.46 23.29 1.57
CA SER A 6 -3.60 24.20 1.65
C SER A 6 -4.90 23.43 1.85
N GLY A 7 -5.82 24.03 2.58
CA GLY A 7 -7.10 23.40 2.84
C GLY A 7 -6.95 22.03 3.51
N SER A 8 -7.56 21.02 2.92
CA SER A 8 -7.50 19.66 3.47
C SER A 8 -6.63 18.77 2.58
N ASP A 9 -6.02 17.76 3.19
CA ASP A 9 -5.16 16.83 2.48
C ASP A 9 -5.91 16.20 1.30
N ASP A 10 -5.23 15.34 0.56
CA ASP A 10 -5.82 14.67 -0.58
C ASP A 10 -5.63 13.15 -0.50
N ALA A 11 -5.70 12.63 0.73
CA ALA A 11 -5.53 11.20 0.95
C ALA A 11 -6.56 10.40 0.17
N ARG A 12 -7.70 11.02 -0.11
CA ARG A 12 -8.77 10.35 -0.86
C ARG A 12 -8.46 10.36 -2.35
N ARG A 13 -7.52 11.20 -2.76
CA ARG A 13 -7.14 11.30 -4.17
C ARG A 13 -5.92 10.44 -4.46
N LEU A 14 -6.02 9.16 -4.14
CA LEU A 14 -4.92 8.21 -4.37
C LEU A 14 -5.44 6.88 -4.86
N THR A 15 -4.77 6.31 -5.87
CA THR A 15 -5.16 5.03 -6.43
C THR A 15 -3.99 4.06 -6.45
N VAL A 16 -4.28 2.78 -6.19
CA VAL A 16 -3.26 1.75 -6.19
C VAL A 16 -3.23 0.99 -7.51
N MET A 17 -2.04 0.79 -8.04
CA MET A 17 -1.87 0.07 -9.31
C MET A 17 -1.06 -1.20 -9.10
N SER A 18 -0.99 -2.03 -10.13
CA SER A 18 -0.24 -3.27 -10.07
C SER A 18 -0.48 -3.99 -8.75
N LEU A 19 -1.69 -3.86 -8.22
CA LEU A 19 -2.05 -4.48 -6.95
C LEU A 19 -3.00 -5.66 -7.18
N GLN A 20 -2.63 -6.82 -6.65
CA GLN A 20 -3.45 -8.02 -6.79
C GLN A 20 -4.20 -8.31 -5.50
N GLU A 21 -5.05 -9.34 -5.52
CA GLU A 21 -5.82 -9.73 -4.36
C GLU A 21 -5.43 -11.12 -3.87
N SER A 22 -5.35 -12.06 -4.80
CA SER A 22 -4.98 -13.43 -4.46
C SER A 22 -3.82 -13.91 -5.33
N GLY A 23 -3.11 -12.97 -5.93
CA GLY A 23 -1.99 -13.32 -6.79
C GLY A 23 -0.65 -13.13 -6.09
N LEU A 24 -0.69 -12.96 -4.77
CA LEU A 24 0.53 -12.78 -3.99
C LEU A 24 1.35 -14.06 -3.97
N LYS A 25 2.51 -13.99 -3.32
CA LYS A 25 3.40 -15.15 -3.21
C LYS A 25 4.13 -15.15 -1.88
N VAL A 26 4.17 -16.31 -1.23
CA VAL A 26 4.85 -16.45 0.06
C VAL A 26 6.36 -16.57 -0.14
N ASN A 27 7.12 -15.88 0.72
CA ASN A 27 8.57 -15.91 0.64
C ASN A 27 9.07 -15.37 -0.69
N GLN A 28 8.37 -14.36 -1.20
CA GLN A 28 8.73 -13.74 -2.48
C GLN A 28 8.52 -12.24 -2.44
N PRO A 29 9.42 -11.50 -3.10
CA PRO A 29 9.36 -10.04 -3.17
C PRO A 29 8.18 -9.54 -4.00
N ALA A 30 7.26 -8.82 -3.35
CA ALA A 30 6.09 -8.29 -4.04
C ALA A 30 5.97 -6.78 -3.81
N SER A 31 6.06 -6.01 -4.89
CA SER A 31 5.96 -4.56 -4.82
C SER A 31 4.84 -4.04 -5.72
N PHE A 32 4.21 -2.95 -5.30
CA PHE A 32 3.12 -2.36 -6.06
C PHE A 32 3.38 -0.88 -6.33
N ALA A 33 2.61 -0.29 -7.23
CA ALA A 33 2.75 1.11 -7.57
C ALA A 33 1.59 1.94 -7.03
N ILE A 34 1.89 3.15 -6.58
CA ILE A 34 0.88 4.04 -6.03
C ILE A 34 0.65 5.24 -6.95
N ARG A 35 -0.53 5.32 -7.55
CA ARG A 35 -0.86 6.42 -8.43
C ARG A 35 -1.28 7.66 -7.65
N LEU A 36 -0.82 8.82 -8.10
CA LEU A 36 -1.13 10.08 -7.43
C LEU A 36 -1.93 11.00 -8.34
N ASN A 37 -3.13 11.36 -7.92
CA ASN A 37 -4.00 12.23 -8.70
C ASN A 37 -3.72 13.70 -8.39
N GLY A 38 -2.50 13.97 -7.92
CA GLY A 38 -2.13 15.33 -7.59
C GLY A 38 -2.16 15.60 -6.09
N ALA A 39 -1.96 14.54 -5.31
CA ALA A 39 -1.96 14.66 -3.85
C ALA A 39 -0.56 14.92 -3.32
N LYS A 40 -0.41 16.00 -2.55
CA LYS A 40 0.88 16.36 -1.98
C LYS A 40 0.87 16.19 -0.47
N GLY A 41 2.02 15.81 0.09
CA GLY A 41 2.11 15.61 1.52
C GLY A 41 3.16 14.57 1.90
N LYS A 42 2.70 13.40 2.33
CA LYS A 42 3.59 12.33 2.72
C LYS A 42 2.97 10.97 2.43
N ILE A 43 3.81 9.96 2.20
CA ILE A 43 3.33 8.62 1.91
C ILE A 43 3.89 7.62 2.92
N ASP A 44 2.99 6.96 3.65
CA ASP A 44 3.39 5.97 4.64
C ASP A 44 2.78 4.60 4.32
N ALA A 45 3.64 3.66 3.96
CA ALA A 45 3.19 2.31 3.64
C ALA A 45 3.86 1.28 4.55
N LYS A 46 3.04 0.47 5.20
CA LYS A 46 3.54 -0.57 6.09
C LYS A 46 2.62 -1.79 6.08
N VAL A 47 3.22 -2.97 6.23
CA VAL A 47 2.46 -4.22 6.23
C VAL A 47 2.18 -4.68 7.67
N HIS A 48 0.92 -4.96 7.95
CA HIS A 48 0.52 -5.41 9.28
C HIS A 48 0.46 -6.93 9.34
N SER A 49 0.33 -7.48 10.54
CA SER A 49 0.27 -8.92 10.74
C SER A 49 -0.78 -9.29 11.78
N PRO A 50 -1.40 -10.46 11.61
CA PRO A 50 -2.43 -10.95 12.53
C PRO A 50 -1.85 -11.34 13.88
N SER A 51 -0.54 -11.29 14.00
CA SER A 51 0.14 -11.65 15.25
C SER A 51 0.37 -10.41 16.11
N GLY A 52 0.42 -9.26 15.48
CA GLY A 52 0.62 -8.02 16.20
C GLY A 52 1.97 -7.40 15.92
N ALA A 53 2.48 -7.60 14.70
CA ALA A 53 3.77 -7.06 14.31
C ALA A 53 3.64 -6.19 13.07
N VAL A 54 4.23 -5.00 13.12
CA VAL A 54 4.17 -4.07 11.98
C VAL A 54 5.53 -3.97 11.29
N GLU A 55 5.56 -4.39 10.03
CA GLU A 55 6.79 -4.36 9.24
C GLU A 55 6.79 -3.18 8.28
N GLU A 56 7.91 -2.48 8.20
CA GLU A 56 8.04 -1.32 7.31
C GLU A 56 8.34 -1.77 5.89
N CYS A 57 7.56 -1.29 4.94
CA CYS A 57 7.74 -1.64 3.54
C CYS A 57 8.67 -0.65 2.85
N HIS A 58 9.61 -1.17 2.06
CA HIS A 58 10.56 -0.33 1.34
C HIS A 58 9.85 0.51 0.27
N VAL A 59 9.74 1.81 0.52
CA VAL A 59 9.09 2.71 -0.41
C VAL A 59 10.07 3.71 -0.99
N SER A 60 10.28 3.66 -2.31
CA SER A 60 11.21 4.56 -2.98
C SER A 60 10.46 5.49 -3.94
N GLU A 61 10.95 6.71 -4.07
CA GLU A 61 10.34 7.70 -4.95
C GLU A 61 11.03 7.72 -6.31
N LEU A 62 10.39 7.12 -7.30
CA LEU A 62 10.95 7.07 -8.65
C LEU A 62 10.35 8.18 -9.52
N GLU A 63 9.05 8.37 -9.42
CA GLU A 63 8.35 9.39 -10.19
C GLU A 63 7.63 10.38 -9.28
N PRO A 64 7.48 11.63 -9.74
CA PRO A 64 6.80 12.68 -8.99
C PRO A 64 5.30 12.45 -8.88
N ASP A 65 4.80 11.51 -9.67
CA ASP A 65 3.38 11.19 -9.67
C ASP A 65 3.16 9.69 -9.47
N LYS A 66 4.25 8.97 -9.20
CA LYS A 66 4.18 7.53 -9.01
C LYS A 66 5.13 7.10 -7.90
N TYR A 67 4.77 6.03 -7.19
CA TYR A 67 5.59 5.52 -6.10
C TYR A 67 5.59 4.00 -6.09
N ALA A 68 6.64 3.41 -5.51
CA ALA A 68 6.75 1.96 -5.44
C ALA A 68 6.98 1.50 -4.00
N VAL A 69 6.33 0.40 -3.62
CA VAL A 69 6.46 -0.14 -2.27
C VAL A 69 6.70 -1.64 -2.30
N ARG A 70 7.89 -2.05 -1.91
CA ARG A 70 8.25 -3.47 -1.90
C ARG A 70 8.00 -4.08 -0.51
N PHE A 71 7.40 -5.26 -0.49
CA PHE A 71 7.10 -5.94 0.76
C PHE A 71 6.90 -7.44 0.53
N ILE A 72 7.23 -8.23 1.54
CA ILE A 72 7.09 -9.69 1.44
C ILE A 72 5.84 -10.16 2.17
N PRO A 73 4.80 -10.48 1.40
CA PRO A 73 3.52 -10.96 1.94
C PRO A 73 3.63 -12.36 2.54
N HIS A 74 4.02 -12.43 3.81
CA HIS A 74 4.17 -13.71 4.50
C HIS A 74 3.30 -13.75 5.75
N GLU A 75 2.20 -14.48 5.68
CA GLU A 75 1.28 -14.61 6.81
C GLU A 75 0.66 -15.99 6.86
N ASN A 76 -0.15 -16.24 7.88
CA ASN A 76 -0.82 -17.53 8.04
C ASN A 76 -2.28 -17.44 7.64
N GLY A 77 -2.62 -16.40 6.87
CA GLY A 77 -3.99 -16.23 6.43
C GLY A 77 -4.16 -15.02 5.53
N VAL A 78 -4.74 -13.96 6.05
CA VAL A 78 -4.96 -12.74 5.29
C VAL A 78 -4.09 -11.60 5.80
N HIS A 79 -3.59 -10.78 4.89
CA HIS A 79 -2.74 -9.65 5.25
C HIS A 79 -3.54 -8.35 5.24
N THR A 80 -3.00 -7.33 5.91
CA THR A 80 -3.67 -6.04 5.98
C THR A 80 -2.68 -4.90 5.75
N ILE A 81 -2.82 -4.21 4.62
CA ILE A 81 -1.94 -3.10 4.28
C ILE A 81 -2.46 -1.79 4.84
N ASP A 82 -1.56 -0.96 5.36
CA ASP A 82 -1.94 0.32 5.93
C ASP A 82 -1.33 1.47 5.13
N VAL A 83 -2.17 2.24 4.46
CA VAL A 83 -1.72 3.36 3.65
C VAL A 83 -2.19 4.69 4.25
N LYS A 84 -1.27 5.43 4.85
CA LYS A 84 -1.58 6.72 5.45
C LYS A 84 -1.04 7.87 4.61
N PHE A 85 -1.82 8.94 4.49
CA PHE A 85 -1.42 10.10 3.72
C PHE A 85 -1.87 11.39 4.40
N ASN A 86 -0.91 12.10 4.99
CA ASN A 86 -1.20 13.34 5.68
C ASN A 86 -2.06 13.10 6.92
N GLY A 87 -1.82 11.96 7.58
CA GLY A 87 -2.59 11.63 8.77
C GLY A 87 -4.02 11.24 8.45
N SER A 88 -4.19 10.32 7.51
CA SER A 88 -5.50 9.87 7.11
C SER A 88 -5.41 8.71 6.12
N HIS A 89 -6.07 7.60 6.44
CA HIS A 89 -6.06 6.43 5.57
C HIS A 89 -6.78 6.71 4.26
N VAL A 90 -6.14 6.36 3.16
CA VAL A 90 -6.72 6.58 1.83
C VAL A 90 -8.07 5.87 1.70
N VAL A 91 -8.68 5.97 0.52
CA VAL A 91 -9.96 5.34 0.27
C VAL A 91 -9.80 3.84 0.07
N GLY A 92 -10.69 3.08 0.71
CA GLY A 92 -10.63 1.63 0.59
C GLY A 92 -9.62 1.01 1.52
N SER A 93 -9.15 1.79 2.49
CA SER A 93 -8.17 1.31 3.45
C SER A 93 -8.80 1.09 4.82
N PRO A 94 -8.24 0.15 5.59
CA PRO A 94 -7.08 -0.63 5.16
C PRO A 94 -7.43 -1.61 4.05
N PHE A 95 -6.40 -2.15 3.39
CA PHE A 95 -6.60 -3.10 2.30
C PHE A 95 -6.44 -4.54 2.80
N LYS A 96 -7.17 -5.45 2.17
CA LYS A 96 -7.12 -6.87 2.55
C LYS A 96 -6.76 -7.73 1.35
N VAL A 97 -5.74 -8.57 1.51
CA VAL A 97 -5.30 -9.46 0.44
C VAL A 97 -5.07 -10.87 0.96
N ARG A 98 -5.36 -11.86 0.11
CA ARG A 98 -5.19 -13.26 0.49
C ARG A 98 -3.96 -13.86 -0.19
N VAL A 99 -3.11 -14.51 0.60
CA VAL A 99 -1.90 -15.12 0.08
C VAL A 99 -2.19 -16.51 -0.48
N GLY A 100 -1.68 -16.79 -1.68
CA GLY A 100 -1.90 -18.08 -2.29
C GLY A 100 -1.74 -18.04 -3.79
N GLU A 101 -2.56 -18.83 -4.49
CA GLU A 101 -2.52 -18.88 -5.95
C GLU A 101 -3.85 -18.46 -6.55
N PRO A 102 -3.79 -17.73 -7.68
CA PRO A 102 -4.98 -17.25 -8.38
C PRO A 102 -5.77 -18.38 -9.03
N GLY A 103 -5.06 -19.21 -9.80
CA GLY A 103 -5.70 -20.32 -10.48
C GLY A 103 -4.75 -21.06 -11.41
N GLN A 104 -3.90 -20.31 -12.09
CA GLN A 104 -2.94 -20.90 -13.02
C GLN A 104 -1.95 -19.85 -13.52
N ALA A 105 -0.69 -20.01 -13.12
CA ALA A 105 0.36 -19.07 -13.53
C ALA A 105 1.69 -19.79 -13.74
N GLY A 106 2.56 -19.19 -14.52
CA GLY A 106 3.86 -19.79 -14.79
C GLY A 106 4.80 -19.68 -13.60
N GLY A 1 0.88 32.89 -9.33
CA GLY A 1 0.23 32.63 -10.61
C GLY A 1 -0.73 31.46 -10.54
N SER A 2 -0.21 30.28 -10.22
CA SER A 2 -1.04 29.08 -10.13
C SER A 2 -2.24 29.31 -9.23
N SER A 3 -3.40 28.87 -9.67
CA SER A 3 -4.64 29.03 -8.91
C SER A 3 -5.18 27.68 -8.46
N GLY A 4 -5.64 27.62 -7.20
CA GLY A 4 -6.17 26.38 -6.67
C GLY A 4 -6.06 26.30 -5.16
N SER A 5 -7.07 26.82 -4.47
CA SER A 5 -7.09 26.82 -3.02
C SER A 5 -6.82 25.41 -2.48
N SER A 6 -6.25 25.34 -1.28
CA SER A 6 -5.95 24.05 -0.65
C SER A 6 -6.90 23.78 0.52
N GLY A 7 -6.98 22.52 0.91
CA GLY A 7 -7.85 22.14 2.01
C GLY A 7 -7.57 20.74 2.52
N SER A 8 -8.63 20.03 2.92
CA SER A 8 -8.49 18.68 3.43
C SER A 8 -7.48 17.88 2.61
N ASP A 9 -6.52 17.27 3.28
CA ASP A 9 -5.50 16.49 2.62
C ASP A 9 -6.12 15.63 1.51
N ASP A 10 -5.41 15.53 0.38
CA ASP A 10 -5.88 14.74 -0.75
C ASP A 10 -5.57 13.25 -0.55
N ALA A 11 -5.89 12.75 0.63
CA ALA A 11 -5.65 11.34 0.95
C ALA A 11 -6.61 10.43 0.18
N ARG A 12 -7.83 10.93 -0.06
CA ARG A 12 -8.83 10.16 -0.78
C ARG A 12 -8.54 10.16 -2.28
N ARG A 13 -7.64 11.03 -2.71
CA ARG A 13 -7.28 11.14 -4.11
C ARG A 13 -6.03 10.32 -4.41
N LEU A 14 -6.02 9.07 -3.98
CA LEU A 14 -4.88 8.19 -4.19
C LEU A 14 -5.35 6.78 -4.60
N THR A 15 -4.73 6.24 -5.64
CA THR A 15 -5.07 4.91 -6.12
C THR A 15 -3.87 3.97 -6.08
N VAL A 16 -4.13 2.69 -5.87
CA VAL A 16 -3.08 1.69 -5.81
C VAL A 16 -3.08 0.80 -7.05
N MET A 17 -2.05 0.95 -7.88
CA MET A 17 -1.94 0.16 -9.10
C MET A 17 -0.97 -1.00 -8.91
N SER A 18 -1.14 -2.05 -9.71
CA SER A 18 -0.28 -3.22 -9.62
C SER A 18 -0.35 -3.84 -8.23
N LEU A 19 -1.56 -3.97 -7.72
CA LEU A 19 -1.77 -4.55 -6.39
C LEU A 19 -2.35 -5.97 -6.51
N GLN A 20 -1.75 -6.90 -5.76
CA GLN A 20 -2.19 -8.28 -5.78
C GLN A 20 -3.21 -8.54 -4.67
N GLU A 21 -4.32 -9.18 -5.03
CA GLU A 21 -5.37 -9.48 -4.06
C GLU A 21 -5.28 -10.94 -3.60
N SER A 22 -5.58 -11.86 -4.50
CA SER A 22 -5.53 -13.29 -4.19
C SER A 22 -4.56 -14.01 -5.10
N GLY A 23 -3.49 -13.32 -5.50
CA GLY A 23 -2.50 -13.92 -6.37
C GLY A 23 -1.08 -13.62 -5.92
N LEU A 24 -0.87 -13.56 -4.62
CA LEU A 24 0.44 -13.29 -4.06
C LEU A 24 1.31 -14.55 -4.02
N LYS A 25 2.57 -14.39 -3.67
CA LYS A 25 3.49 -15.51 -3.59
C LYS A 25 4.32 -15.44 -2.31
N VAL A 26 4.36 -16.55 -1.58
CA VAL A 26 5.12 -16.63 -0.33
C VAL A 26 6.62 -16.67 -0.61
N ASN A 27 7.39 -16.12 0.32
CA ASN A 27 8.85 -16.09 0.18
C ASN A 27 9.25 -15.52 -1.17
N GLN A 28 8.62 -14.41 -1.55
CA GLN A 28 8.92 -13.76 -2.83
C GLN A 28 8.67 -12.26 -2.74
N PRO A 29 9.53 -11.48 -3.43
CA PRO A 29 9.42 -10.02 -3.45
C PRO A 29 8.20 -9.54 -4.22
N ALA A 30 7.31 -8.83 -3.54
CA ALA A 30 6.11 -8.30 -4.18
C ALA A 30 6.00 -6.80 -3.97
N SER A 31 6.04 -6.05 -5.07
CA SER A 31 5.94 -4.60 -5.02
C SER A 31 4.73 -4.10 -5.80
N PHE A 32 4.32 -2.87 -5.54
CA PHE A 32 3.17 -2.27 -6.22
C PHE A 32 3.40 -0.78 -6.46
N ALA A 33 2.58 -0.20 -7.34
CA ALA A 33 2.70 1.22 -7.66
C ALA A 33 1.51 1.99 -7.10
N ILE A 34 1.79 3.18 -6.57
CA ILE A 34 0.75 4.03 -6.00
C ILE A 34 0.45 5.21 -6.90
N ARG A 35 -0.72 5.18 -7.55
CA ARG A 35 -1.12 6.25 -8.45
C ARG A 35 -1.54 7.49 -7.67
N LEU A 36 -1.04 8.65 -8.10
CA LEU A 36 -1.35 9.91 -7.44
C LEU A 36 -2.11 10.85 -8.37
N ASN A 37 -3.32 11.22 -7.97
CA ASN A 37 -4.14 12.12 -8.78
C ASN A 37 -3.80 13.58 -8.50
N GLY A 38 -2.59 13.80 -7.96
CA GLY A 38 -2.17 15.16 -7.65
C GLY A 38 -2.21 15.45 -6.16
N ALA A 39 -1.93 14.43 -5.35
CA ALA A 39 -1.93 14.59 -3.90
C ALA A 39 -0.53 14.86 -3.37
N LYS A 40 -0.39 15.93 -2.60
CA LYS A 40 0.90 16.30 -2.03
C LYS A 40 0.91 16.09 -0.51
N GLY A 41 2.07 15.78 0.03
CA GLY A 41 2.19 15.57 1.46
C GLY A 41 3.19 14.49 1.81
N LYS A 42 2.82 13.61 2.74
CA LYS A 42 3.69 12.53 3.16
C LYS A 42 3.03 11.17 2.90
N ILE A 43 3.73 10.32 2.15
CA ILE A 43 3.21 9.00 1.83
C ILE A 43 3.78 7.94 2.77
N ASP A 44 2.90 7.12 3.33
CA ASP A 44 3.31 6.06 4.25
C ASP A 44 2.75 4.71 3.82
N ALA A 45 3.61 3.69 3.78
CA ALA A 45 3.20 2.35 3.39
C ALA A 45 3.83 1.31 4.29
N LYS A 46 2.99 0.57 5.01
CA LYS A 46 3.46 -0.48 5.92
C LYS A 46 2.56 -1.70 5.85
N VAL A 47 3.11 -2.86 6.21
CA VAL A 47 2.34 -4.10 6.21
C VAL A 47 2.02 -4.55 7.62
N HIS A 48 0.73 -4.79 7.88
CA HIS A 48 0.29 -5.22 9.19
C HIS A 48 -0.05 -6.71 9.19
N SER A 49 -0.21 -7.29 10.37
CA SER A 49 -0.53 -8.71 10.50
C SER A 49 -1.63 -8.93 11.53
N PRO A 50 -2.46 -9.95 11.31
CA PRO A 50 -3.57 -10.29 12.20
C PRO A 50 -3.08 -10.86 13.53
N SER A 51 -1.78 -11.06 13.63
CA SER A 51 -1.18 -11.60 14.86
C SER A 51 -0.78 -10.49 15.81
N GLY A 52 -0.58 -9.29 15.27
CA GLY A 52 -0.20 -8.15 16.08
C GLY A 52 1.21 -7.68 15.80
N ALA A 53 1.66 -7.88 14.56
CA ALA A 53 3.00 -7.46 14.16
C ALA A 53 2.93 -6.34 13.12
N VAL A 54 3.98 -5.53 13.08
CA VAL A 54 4.05 -4.42 12.13
C VAL A 54 5.42 -4.34 11.48
N GLU A 55 5.43 -4.37 10.14
CA GLU A 55 6.67 -4.30 9.39
C GLU A 55 6.75 -3.02 8.57
N GLU A 56 7.90 -2.78 7.94
CA GLU A 56 8.09 -1.59 7.13
C GLU A 56 8.33 -1.97 5.66
N CYS A 57 7.61 -1.31 4.76
CA CYS A 57 7.73 -1.58 3.34
C CYS A 57 8.66 -0.56 2.67
N HIS A 58 9.63 -1.06 1.92
CA HIS A 58 10.59 -0.20 1.23
C HIS A 58 9.90 0.60 0.13
N VAL A 59 9.65 1.88 0.40
CA VAL A 59 9.01 2.77 -0.56
C VAL A 59 9.98 3.81 -1.10
N SER A 60 10.33 3.68 -2.37
CA SER A 60 11.26 4.61 -3.01
C SER A 60 10.52 5.53 -3.97
N GLU A 61 10.79 6.83 -3.86
CA GLU A 61 10.15 7.82 -4.71
C GLU A 61 10.88 7.92 -6.05
N LEU A 62 10.28 7.32 -7.09
CA LEU A 62 10.86 7.34 -8.42
C LEU A 62 10.26 8.45 -9.27
N GLU A 63 8.94 8.62 -9.18
CA GLU A 63 8.25 9.65 -9.94
C GLU A 63 7.34 10.47 -9.02
N PRO A 64 7.14 11.75 -9.38
CA PRO A 64 6.30 12.67 -8.61
C PRO A 64 4.82 12.31 -8.70
N ASP A 65 4.50 11.34 -9.56
CA ASP A 65 3.12 10.91 -9.74
C ASP A 65 3.00 9.40 -9.56
N LYS A 66 4.14 8.74 -9.35
CA LYS A 66 4.15 7.29 -9.16
C LYS A 66 5.19 6.90 -8.12
N TYR A 67 4.89 5.87 -7.34
CA TYR A 67 5.78 5.39 -6.30
C TYR A 67 5.93 3.87 -6.35
N ALA A 68 6.95 3.35 -5.70
CA ALA A 68 7.20 1.92 -5.67
C ALA A 68 7.43 1.43 -4.24
N VAL A 69 6.57 0.51 -3.80
CA VAL A 69 6.68 -0.04 -2.45
C VAL A 69 6.91 -1.55 -2.49
N ARG A 70 8.11 -1.96 -2.08
CA ARG A 70 8.47 -3.36 -2.06
C ARG A 70 8.23 -3.98 -0.69
N PHE A 71 7.64 -5.16 -0.66
CA PHE A 71 7.36 -5.86 0.60
C PHE A 71 7.15 -7.35 0.36
N ILE A 72 7.58 -8.16 1.33
CA ILE A 72 7.45 -9.60 1.23
C ILE A 72 6.17 -10.08 1.92
N PRO A 73 5.16 -10.45 1.12
CA PRO A 73 3.88 -10.93 1.63
C PRO A 73 4.00 -12.31 2.28
N HIS A 74 4.41 -12.33 3.55
CA HIS A 74 4.56 -13.59 4.28
C HIS A 74 3.73 -13.57 5.56
N GLU A 75 2.61 -14.29 5.54
CA GLU A 75 1.72 -14.36 6.70
C GLU A 75 1.07 -15.74 6.80
N ASN A 76 0.30 -15.94 7.86
CA ASN A 76 -0.38 -17.20 8.09
C ASN A 76 -1.82 -17.15 7.56
N GLY A 77 -2.23 -15.97 7.11
CA GLY A 77 -3.58 -15.82 6.60
C GLY A 77 -3.76 -14.51 5.85
N VAL A 78 -4.89 -13.86 6.07
CA VAL A 78 -5.19 -12.59 5.41
C VAL A 78 -4.25 -11.49 5.89
N HIS A 79 -3.83 -10.62 4.96
CA HIS A 79 -2.94 -9.53 5.30
C HIS A 79 -3.71 -8.21 5.38
N THR A 80 -3.13 -7.23 6.09
CA THR A 80 -3.75 -5.94 6.25
C THR A 80 -2.78 -4.81 5.92
N ILE A 81 -2.98 -4.18 4.77
CA ILE A 81 -2.11 -3.09 4.33
C ILE A 81 -2.55 -1.76 4.96
N ASP A 82 -1.58 -0.89 5.20
CA ASP A 82 -1.86 0.42 5.79
C ASP A 82 -1.23 1.53 4.97
N VAL A 83 -2.06 2.33 4.33
CA VAL A 83 -1.59 3.44 3.51
C VAL A 83 -2.08 4.78 4.06
N LYS A 84 -1.18 5.48 4.76
CA LYS A 84 -1.52 6.78 5.34
C LYS A 84 -1.00 7.91 4.46
N PHE A 85 -1.79 8.98 4.36
CA PHE A 85 -1.40 10.14 3.55
C PHE A 85 -1.63 11.43 4.32
N ASN A 86 -0.60 11.87 5.04
CA ASN A 86 -0.68 13.10 5.82
C ASN A 86 -1.58 12.91 7.04
N GLY A 87 -1.50 11.72 7.63
CA GLY A 87 -2.31 11.43 8.81
C GLY A 87 -3.75 11.14 8.46
N SER A 88 -3.96 10.22 7.51
CA SER A 88 -5.30 9.85 7.08
C SER A 88 -5.26 8.66 6.13
N HIS A 89 -5.94 7.58 6.51
CA HIS A 89 -5.99 6.38 5.70
C HIS A 89 -6.77 6.61 4.41
N VAL A 90 -6.10 6.49 3.28
CA VAL A 90 -6.74 6.70 1.98
C VAL A 90 -8.01 5.86 1.86
N VAL A 91 -8.64 5.92 0.69
CA VAL A 91 -9.87 5.16 0.45
C VAL A 91 -9.58 3.67 0.33
N GLY A 92 -10.49 2.86 0.86
CA GLY A 92 -10.32 1.42 0.81
C GLY A 92 -9.16 0.95 1.66
N SER A 93 -8.89 1.67 2.75
CA SER A 93 -7.79 1.32 3.65
C SER A 93 -8.29 1.16 5.07
N PRO A 94 -7.72 0.19 5.80
CA PRO A 94 -6.66 -0.69 5.25
C PRO A 94 -7.19 -1.64 4.18
N PHE A 95 -6.30 -2.15 3.36
CA PHE A 95 -6.67 -3.08 2.30
C PHE A 95 -6.48 -4.53 2.76
N LYS A 96 -7.45 -5.38 2.42
CA LYS A 96 -7.40 -6.78 2.79
C LYS A 96 -7.07 -7.65 1.59
N VAL A 97 -6.15 -8.60 1.78
CA VAL A 97 -5.74 -9.50 0.71
C VAL A 97 -5.39 -10.87 1.25
N ARG A 98 -5.24 -11.84 0.35
CA ARG A 98 -4.90 -13.21 0.74
C ARG A 98 -3.73 -13.73 -0.09
N VAL A 99 -2.83 -14.46 0.56
CA VAL A 99 -1.67 -15.02 -0.12
C VAL A 99 -1.89 -16.49 -0.47
N GLY A 100 -1.47 -16.88 -1.66
CA GLY A 100 -1.63 -18.26 -2.10
C GLY A 100 -1.93 -18.37 -3.59
N GLU A 101 -1.35 -19.38 -4.23
CA GLU A 101 -1.56 -19.59 -5.65
C GLU A 101 -2.70 -20.57 -5.90
N PRO A 102 -3.48 -20.33 -6.97
CA PRO A 102 -4.60 -21.18 -7.34
C PRO A 102 -4.17 -22.56 -7.84
N GLY A 103 -2.89 -22.68 -8.17
CA GLY A 103 -2.36 -23.93 -8.66
C GLY A 103 -1.90 -23.86 -10.11
N GLN A 104 -1.47 -24.99 -10.64
CA GLN A 104 -0.99 -25.04 -12.02
C GLN A 104 -2.16 -25.07 -13.00
N ALA A 105 -2.32 -23.99 -13.77
CA ALA A 105 -3.39 -23.90 -14.74
C ALA A 105 -2.97 -24.47 -16.09
N GLY A 106 -1.76 -24.13 -16.51
CA GLY A 106 -1.26 -24.61 -17.79
C GLY A 106 0.00 -23.86 -18.23
N GLY A 1 7.39 22.34 -8.06
CA GLY A 1 6.95 23.70 -7.86
C GLY A 1 6.29 23.90 -6.51
N SER A 2 7.07 23.83 -5.44
CA SER A 2 6.55 24.00 -4.09
C SER A 2 5.55 25.16 -4.04
N SER A 3 4.38 24.90 -3.45
CA SER A 3 3.35 25.92 -3.33
C SER A 3 3.30 26.47 -1.91
N GLY A 4 3.26 25.58 -0.93
CA GLY A 4 3.19 25.99 0.45
C GLY A 4 1.83 25.75 1.07
N SER A 5 0.92 26.70 0.89
CA SER A 5 -0.42 26.58 1.44
C SER A 5 -1.07 25.28 1.01
N SER A 6 -1.32 24.40 1.99
CA SER A 6 -1.94 23.11 1.71
C SER A 6 -3.08 22.83 2.69
N GLY A 7 -4.30 22.84 2.18
CA GLY A 7 -5.46 22.58 3.02
C GLY A 7 -5.80 21.11 3.11
N SER A 8 -7.10 20.81 3.06
CA SER A 8 -7.56 19.42 3.14
C SER A 8 -6.61 18.49 2.41
N ASP A 9 -5.99 17.58 3.15
CA ASP A 9 -5.06 16.63 2.58
C ASP A 9 -5.71 15.85 1.44
N ASP A 10 -4.89 15.38 0.49
CA ASP A 10 -5.38 14.63 -0.65
C ASP A 10 -5.13 13.14 -0.45
N ALA A 11 -5.63 12.59 0.65
CA ALA A 11 -5.46 11.18 0.95
C ALA A 11 -6.43 10.33 0.15
N ARG A 12 -7.66 10.80 0.02
CA ARG A 12 -8.69 10.09 -0.73
C ARG A 12 -8.45 10.20 -2.23
N ARG A 13 -7.40 10.93 -2.60
CA ARG A 13 -7.05 11.12 -4.01
C ARG A 13 -5.85 10.26 -4.39
N LEU A 14 -5.92 8.98 -4.06
CA LEU A 14 -4.83 8.06 -4.37
C LEU A 14 -5.37 6.75 -4.93
N THR A 15 -4.78 6.28 -6.02
CA THR A 15 -5.19 5.03 -6.65
C THR A 15 -4.09 3.99 -6.62
N VAL A 16 -4.39 2.83 -6.04
CA VAL A 16 -3.42 1.75 -5.94
C VAL A 16 -3.48 0.83 -7.16
N MET A 17 -2.44 0.85 -7.97
CA MET A 17 -2.38 0.02 -9.16
C MET A 17 -1.49 -1.19 -8.94
N SER A 18 -1.34 -2.02 -9.97
CA SER A 18 -0.53 -3.22 -9.88
C SER A 18 -0.61 -3.84 -8.49
N LEU A 19 -1.83 -3.94 -7.97
CA LEU A 19 -2.05 -4.51 -6.65
C LEU A 19 -2.72 -5.88 -6.75
N GLN A 20 -2.06 -6.91 -6.24
CA GLN A 20 -2.59 -8.27 -6.27
C GLN A 20 -3.71 -8.43 -5.24
N GLU A 21 -4.58 -9.40 -5.48
CA GLU A 21 -5.70 -9.66 -4.57
C GLU A 21 -5.50 -10.98 -3.83
N SER A 22 -5.56 -12.08 -4.58
CA SER A 22 -5.40 -13.41 -4.01
C SER A 22 -4.40 -14.23 -4.81
N GLY A 23 -3.40 -13.56 -5.38
CA GLY A 23 -2.40 -14.24 -6.16
C GLY A 23 -0.99 -13.88 -5.75
N LEU A 24 -0.79 -13.67 -4.44
CA LEU A 24 0.52 -13.32 -3.92
C LEU A 24 1.43 -14.54 -3.86
N LYS A 25 2.72 -14.30 -3.66
CA LYS A 25 3.70 -15.38 -3.58
C LYS A 25 4.50 -15.31 -2.29
N VAL A 26 4.37 -16.33 -1.46
CA VAL A 26 5.07 -16.39 -0.18
C VAL A 26 6.58 -16.47 -0.39
N ASN A 27 7.33 -15.80 0.48
CA ASN A 27 8.78 -15.78 0.39
C ASN A 27 9.25 -15.20 -0.94
N GLN A 28 8.46 -14.26 -1.47
CA GLN A 28 8.79 -13.63 -2.74
C GLN A 28 8.49 -12.12 -2.68
N PRO A 29 9.35 -11.33 -3.35
CA PRO A 29 9.21 -9.87 -3.38
C PRO A 29 8.00 -9.44 -4.21
N ALA A 30 7.04 -8.78 -3.56
CA ALA A 30 5.84 -8.30 -4.23
C ALA A 30 5.63 -6.82 -3.99
N SER A 31 5.74 -6.03 -5.05
CA SER A 31 5.56 -4.59 -4.96
C SER A 31 4.39 -4.12 -5.82
N PHE A 32 3.94 -2.90 -5.58
CA PHE A 32 2.82 -2.34 -6.33
C PHE A 32 3.04 -0.84 -6.57
N ALA A 33 2.31 -0.30 -7.55
CA ALA A 33 2.42 1.12 -7.87
C ALA A 33 1.30 1.91 -7.21
N ILE A 34 1.61 3.15 -6.83
CA ILE A 34 0.63 4.02 -6.18
C ILE A 34 0.40 5.29 -7.00
N ARG A 35 -0.67 5.28 -7.78
CA ARG A 35 -1.01 6.44 -8.62
C ARG A 35 -1.40 7.63 -7.75
N LEU A 36 -0.96 8.81 -8.16
CA LEU A 36 -1.26 10.04 -7.42
C LEU A 36 -2.05 11.01 -8.29
N ASN A 37 -3.24 11.38 -7.82
CA ASN A 37 -4.11 12.30 -8.55
C ASN A 37 -3.77 13.75 -8.20
N GLY A 38 -2.53 13.97 -7.74
CA GLY A 38 -2.12 15.31 -7.38
C GLY A 38 -2.00 15.50 -5.87
N ALA A 39 -1.64 14.42 -5.17
CA ALA A 39 -1.49 14.47 -3.72
C ALA A 39 -0.04 14.72 -3.32
N LYS A 40 0.17 15.76 -2.52
CA LYS A 40 1.51 16.10 -2.06
C LYS A 40 1.59 16.11 -0.54
N GLY A 41 2.61 15.45 0.00
CA GLY A 41 2.78 15.39 1.44
C GLY A 41 3.72 14.28 1.87
N LYS A 42 3.17 13.25 2.49
CA LYS A 42 3.96 12.12 2.95
C LYS A 42 3.24 10.80 2.69
N ILE A 43 3.93 9.86 2.04
CA ILE A 43 3.34 8.57 1.74
C ILE A 43 3.94 7.48 2.63
N ASP A 44 3.17 7.05 3.62
CA ASP A 44 3.62 6.00 4.53
C ASP A 44 2.97 4.66 4.20
N ALA A 45 3.80 3.63 4.06
CA ALA A 45 3.30 2.30 3.73
C ALA A 45 3.87 1.25 4.69
N LYS A 46 2.98 0.56 5.40
CA LYS A 46 3.39 -0.46 6.36
C LYS A 46 2.48 -1.69 6.25
N VAL A 47 3.08 -2.86 6.42
CA VAL A 47 2.33 -4.11 6.35
C VAL A 47 1.97 -4.62 7.73
N HIS A 48 0.70 -4.97 7.92
CA HIS A 48 0.22 -5.48 9.21
C HIS A 48 0.32 -7.00 9.27
N SER A 49 0.18 -7.54 10.48
CA SER A 49 0.27 -8.98 10.68
C SER A 49 -0.86 -9.48 11.58
N PRO A 50 -1.27 -10.74 11.38
CA PRO A 50 -2.34 -11.35 12.17
C PRO A 50 -1.93 -11.62 13.61
N SER A 51 -0.65 -11.39 13.90
CA SER A 51 -0.12 -11.61 15.25
C SER A 51 -0.12 -10.31 16.04
N GLY A 52 -0.08 -9.18 15.33
CA GLY A 52 -0.08 -7.89 16.00
C GLY A 52 1.25 -7.16 15.84
N ALA A 53 1.97 -7.49 14.76
CA ALA A 53 3.26 -6.86 14.50
C ALA A 53 3.17 -5.92 13.30
N VAL A 54 3.83 -4.77 13.39
CA VAL A 54 3.83 -3.79 12.32
C VAL A 54 5.18 -3.72 11.63
N GLU A 55 5.21 -4.10 10.35
CA GLU A 55 6.45 -4.07 9.59
C GLU A 55 6.47 -2.90 8.61
N GLU A 56 7.68 -2.51 8.18
CA GLU A 56 7.83 -1.41 7.26
C GLU A 56 8.19 -1.90 5.86
N CYS A 57 7.45 -1.43 4.87
CA CYS A 57 7.68 -1.83 3.48
C CYS A 57 8.60 -0.84 2.78
N HIS A 58 9.45 -1.34 1.91
CA HIS A 58 10.39 -0.50 1.17
C HIS A 58 9.64 0.51 0.31
N VAL A 59 9.78 1.79 0.64
CA VAL A 59 9.12 2.85 -0.10
C VAL A 59 10.13 3.82 -0.71
N SER A 60 10.20 3.83 -2.04
CA SER A 60 11.13 4.69 -2.75
C SER A 60 10.39 5.63 -3.70
N GLU A 61 10.77 6.90 -3.68
CA GLU A 61 10.13 7.89 -4.54
C GLU A 61 10.90 8.05 -5.85
N LEU A 62 10.37 7.44 -6.91
CA LEU A 62 10.99 7.50 -8.23
C LEU A 62 10.46 8.69 -9.03
N GLU A 63 9.15 8.86 -9.02
CA GLU A 63 8.51 9.96 -9.75
C GLU A 63 7.61 10.76 -8.83
N PRO A 64 7.45 12.06 -9.14
CA PRO A 64 6.61 12.97 -8.36
C PRO A 64 5.13 12.66 -8.50
N ASP A 65 4.80 11.77 -9.44
CA ASP A 65 3.42 11.39 -9.68
C ASP A 65 3.24 9.88 -9.54
N LYS A 66 4.35 9.19 -9.31
CA LYS A 66 4.31 7.73 -9.16
C LYS A 66 5.26 7.28 -8.06
N TYR A 67 4.91 6.18 -7.40
CA TYR A 67 5.73 5.64 -6.32
C TYR A 67 5.79 4.12 -6.39
N ALA A 68 6.72 3.54 -5.64
CA ALA A 68 6.88 2.09 -5.62
C ALA A 68 7.06 1.58 -4.18
N VAL A 69 6.19 0.66 -3.78
CA VAL A 69 6.26 0.08 -2.43
C VAL A 69 6.47 -1.42 -2.49
N ARG A 70 7.68 -1.86 -2.15
CA ARG A 70 8.01 -3.27 -2.15
C ARG A 70 7.83 -3.88 -0.76
N PHE A 71 7.26 -5.08 -0.72
CA PHE A 71 7.04 -5.76 0.55
C PHE A 71 6.89 -7.27 0.34
N ILE A 72 7.28 -8.04 1.35
CA ILE A 72 7.20 -9.49 1.27
C ILE A 72 5.95 -10.02 1.98
N PRO A 73 4.94 -10.40 1.19
CA PRO A 73 3.67 -10.93 1.72
C PRO A 73 3.84 -12.31 2.35
N HIS A 74 4.31 -12.32 3.60
CA HIS A 74 4.52 -13.57 4.32
C HIS A 74 3.74 -13.57 5.64
N GLU A 75 2.64 -14.30 5.68
CA GLU A 75 1.81 -14.38 6.87
C GLU A 75 1.20 -15.77 7.02
N ASN A 76 0.47 -15.98 8.12
CA ASN A 76 -0.16 -17.26 8.38
C ASN A 76 -1.68 -17.17 8.16
N GLY A 77 -2.09 -16.19 7.37
CA GLY A 77 -3.51 -16.02 7.09
C GLY A 77 -3.76 -14.90 6.09
N VAL A 78 -4.54 -13.91 6.49
CA VAL A 78 -4.87 -12.79 5.61
C VAL A 78 -4.04 -11.56 5.97
N HIS A 79 -3.58 -10.84 4.94
CA HIS A 79 -2.78 -9.65 5.14
C HIS A 79 -3.63 -8.39 5.04
N THR A 80 -3.12 -7.28 5.57
CA THR A 80 -3.85 -6.02 5.54
C THR A 80 -2.89 -4.85 5.30
N ILE A 81 -2.99 -4.26 4.11
CA ILE A 81 -2.14 -3.12 3.76
C ILE A 81 -2.59 -1.85 4.48
N ASP A 82 -1.62 -1.04 4.88
CA ASP A 82 -1.91 0.21 5.57
C ASP A 82 -1.25 1.39 4.86
N VAL A 83 -2.03 2.09 4.04
CA VAL A 83 -1.52 3.25 3.31
C VAL A 83 -2.05 4.55 3.90
N LYS A 84 -1.18 5.29 4.57
CA LYS A 84 -1.56 6.56 5.18
C LYS A 84 -0.94 7.74 4.42
N PHE A 85 -1.70 8.82 4.30
CA PHE A 85 -1.23 10.01 3.60
C PHE A 85 -1.57 11.27 4.39
N ASN A 86 -0.53 11.90 4.95
CA ASN A 86 -0.72 13.12 5.72
C ASN A 86 -1.63 12.86 6.93
N GLY A 87 -1.56 11.65 7.47
CA GLY A 87 -2.38 11.30 8.61
C GLY A 87 -3.81 11.00 8.23
N SER A 88 -3.99 10.03 7.32
CA SER A 88 -5.33 9.65 6.87
C SER A 88 -5.26 8.44 5.95
N HIS A 89 -6.08 7.43 6.24
CA HIS A 89 -6.12 6.22 5.45
C HIS A 89 -6.83 6.46 4.12
N VAL A 90 -6.08 6.43 3.03
CA VAL A 90 -6.66 6.65 1.70
C VAL A 90 -7.80 5.67 1.43
N VAL A 91 -8.78 6.12 0.65
CA VAL A 91 -9.93 5.30 0.31
C VAL A 91 -9.51 3.85 0.09
N GLY A 92 -10.38 2.92 0.47
CA GLY A 92 -10.09 1.51 0.30
C GLY A 92 -9.23 0.96 1.42
N SER A 93 -8.52 1.84 2.12
CA SER A 93 -7.65 1.44 3.21
C SER A 93 -8.40 1.48 4.54
N PRO A 94 -8.12 0.48 5.41
CA PRO A 94 -7.15 -0.58 5.11
C PRO A 94 -7.66 -1.53 4.03
N PHE A 95 -6.74 -2.28 3.42
CA PHE A 95 -7.09 -3.23 2.37
C PHE A 95 -6.94 -4.66 2.86
N LYS A 96 -7.64 -5.58 2.20
CA LYS A 96 -7.58 -6.99 2.56
C LYS A 96 -7.14 -7.84 1.38
N VAL A 97 -6.27 -8.82 1.65
CA VAL A 97 -5.77 -9.70 0.61
C VAL A 97 -5.33 -11.04 1.19
N ARG A 98 -5.55 -12.11 0.43
CA ARG A 98 -5.17 -13.45 0.87
C ARG A 98 -3.99 -13.98 0.07
N VAL A 99 -2.98 -14.47 0.78
CA VAL A 99 -1.79 -15.00 0.12
C VAL A 99 -2.00 -16.44 -0.32
N GLY A 100 -1.45 -16.78 -1.48
CA GLY A 100 -1.60 -18.13 -2.00
C GLY A 100 -2.36 -18.17 -3.32
N GLU A 101 -1.89 -18.99 -4.25
CA GLU A 101 -2.53 -19.10 -5.55
C GLU A 101 -3.34 -20.40 -5.64
N PRO A 102 -4.43 -20.36 -6.41
CA PRO A 102 -5.31 -21.52 -6.59
C PRO A 102 -4.65 -22.62 -7.42
N GLY A 103 -4.93 -23.86 -7.06
CA GLY A 103 -4.35 -24.99 -7.78
C GLY A 103 -4.87 -25.09 -9.20
N GLN A 104 -3.94 -25.11 -10.16
CA GLN A 104 -4.30 -25.21 -11.57
C GLN A 104 -4.68 -26.63 -11.94
N ALA A 105 -5.76 -26.77 -12.71
CA ALA A 105 -6.23 -28.08 -13.15
C ALA A 105 -5.52 -28.53 -14.42
N GLY A 106 -4.67 -29.55 -14.29
CA GLY A 106 -3.94 -30.04 -15.45
C GLY A 106 -3.65 -31.53 -15.35
N GLY A 1 1.22 36.05 2.36
CA GLY A 1 0.63 35.92 1.04
C GLY A 1 -0.71 35.21 1.06
N SER A 2 -1.46 35.33 -0.03
CA SER A 2 -2.77 34.70 -0.12
C SER A 2 -2.64 33.20 -0.35
N SER A 3 -1.93 32.82 -1.41
CA SER A 3 -1.73 31.42 -1.74
C SER A 3 -1.47 30.60 -0.48
N GLY A 4 -2.16 29.46 -0.37
CA GLY A 4 -1.99 28.61 0.79
C GLY A 4 -3.30 28.30 1.49
N SER A 5 -4.16 27.54 0.82
CA SER A 5 -5.46 27.19 1.39
C SER A 5 -5.41 25.80 2.02
N SER A 6 -6.45 25.48 2.80
CA SER A 6 -6.53 24.19 3.47
C SER A 6 -7.98 23.80 3.74
N GLY A 7 -8.36 22.59 3.34
CA GLY A 7 -9.72 22.13 3.56
C GLY A 7 -9.78 20.68 4.00
N SER A 8 -9.37 19.77 3.12
CA SER A 8 -9.40 18.35 3.43
C SER A 8 -8.24 17.63 2.74
N ASP A 9 -7.61 16.70 3.46
CA ASP A 9 -6.49 15.94 2.92
C ASP A 9 -6.85 15.33 1.58
N ASP A 10 -5.84 15.05 0.76
CA ASP A 10 -6.05 14.45 -0.55
C ASP A 10 -5.72 12.96 -0.54
N ALA A 11 -6.12 12.28 0.54
CA ALA A 11 -5.86 10.86 0.68
C ALA A 11 -6.76 10.05 -0.25
N ARG A 12 -8.06 10.33 -0.21
CA ARG A 12 -9.02 9.63 -1.04
C ARG A 12 -8.59 9.63 -2.51
N ARG A 13 -8.19 10.80 -2.99
CA ARG A 13 -7.76 10.94 -4.38
C ARG A 13 -6.80 9.81 -4.76
N LEU A 14 -5.68 9.72 -4.05
CA LEU A 14 -4.69 8.69 -4.31
C LEU A 14 -5.35 7.39 -4.76
N THR A 15 -4.73 6.72 -5.73
CA THR A 15 -5.26 5.47 -6.24
C THR A 15 -4.18 4.39 -6.30
N VAL A 16 -4.50 3.21 -5.78
CA VAL A 16 -3.55 2.10 -5.77
C VAL A 16 -3.70 1.25 -7.02
N MET A 17 -2.60 1.11 -7.76
CA MET A 17 -2.61 0.32 -8.99
C MET A 17 -1.75 -0.93 -8.84
N SER A 18 -1.84 -1.84 -9.80
CA SER A 18 -1.08 -3.09 -9.76
C SER A 18 -1.12 -3.71 -8.37
N LEU A 19 -2.32 -3.84 -7.82
CA LEU A 19 -2.50 -4.42 -6.49
C LEU A 19 -2.86 -5.90 -6.58
N GLN A 20 -2.08 -6.74 -5.90
CA GLN A 20 -2.32 -8.17 -5.91
C GLN A 20 -3.05 -8.60 -4.64
N GLU A 21 -4.31 -9.02 -4.80
CA GLU A 21 -5.12 -9.45 -3.67
C GLU A 21 -5.18 -10.97 -3.61
N SER A 22 -5.45 -11.60 -4.76
CA SER A 22 -5.54 -13.05 -4.83
C SER A 22 -4.45 -13.62 -5.73
N GLY A 23 -3.30 -12.94 -5.76
CA GLY A 23 -2.19 -13.40 -6.59
C GLY A 23 -0.85 -13.28 -5.87
N LEU A 24 -0.89 -12.89 -4.60
CA LEU A 24 0.32 -12.73 -3.81
C LEU A 24 1.07 -14.06 -3.71
N LYS A 25 2.35 -13.98 -3.33
CA LYS A 25 3.17 -15.17 -3.19
C LYS A 25 3.96 -15.14 -1.88
N VAL A 26 4.00 -16.28 -1.19
CA VAL A 26 4.72 -16.37 0.08
C VAL A 26 6.23 -16.31 -0.15
N ASN A 27 6.94 -15.81 0.86
CA ASN A 27 8.39 -15.70 0.77
C ASN A 27 8.82 -15.23 -0.62
N GLN A 28 7.96 -14.45 -1.26
CA GLN A 28 8.25 -13.94 -2.60
C GLN A 28 8.21 -12.42 -2.62
N PRO A 29 9.17 -11.81 -3.32
CA PRO A 29 9.26 -10.35 -3.44
C PRO A 29 8.14 -9.76 -4.28
N ALA A 30 7.28 -8.98 -3.66
CA ALA A 30 6.16 -8.35 -4.35
C ALA A 30 6.13 -6.85 -4.09
N SER A 31 5.51 -6.11 -5.01
CA SER A 31 5.41 -4.66 -4.88
C SER A 31 4.20 -4.13 -5.65
N PHE A 32 3.86 -2.87 -5.39
CA PHE A 32 2.71 -2.24 -6.04
C PHE A 32 3.00 -0.78 -6.35
N ALA A 33 2.18 -0.19 -7.21
CA ALA A 33 2.34 1.22 -7.59
C ALA A 33 1.21 2.06 -7.00
N ILE A 34 1.56 3.28 -6.58
CA ILE A 34 0.57 4.19 -6.01
C ILE A 34 0.38 5.42 -6.89
N ARG A 35 -0.71 5.43 -7.64
CA ARG A 35 -1.01 6.54 -8.53
C ARG A 35 -1.39 7.79 -7.74
N LEU A 36 -0.80 8.91 -8.11
CA LEU A 36 -1.07 10.18 -7.43
C LEU A 36 -1.79 11.16 -8.36
N ASN A 37 -2.99 11.56 -7.97
CA ASN A 37 -3.79 12.49 -8.76
C ASN A 37 -3.33 13.93 -8.53
N GLY A 38 -2.17 14.07 -7.89
CA GLY A 38 -1.65 15.40 -7.62
C GLY A 38 -1.72 15.76 -6.15
N ALA A 39 -1.59 14.76 -5.29
CA ALA A 39 -1.63 14.98 -3.84
C ALA A 39 -0.24 15.01 -3.24
N LYS A 40 0.07 16.09 -2.54
CA LYS A 40 1.38 16.25 -1.90
C LYS A 40 1.27 16.11 -0.39
N GLY A 41 2.33 15.58 0.23
CA GLY A 41 2.34 15.41 1.67
C GLY A 41 3.32 14.35 2.12
N LYS A 42 2.81 13.30 2.74
CA LYS A 42 3.65 12.22 3.23
C LYS A 42 3.03 10.86 2.91
N ILE A 43 3.74 10.05 2.13
CA ILE A 43 3.26 8.72 1.76
C ILE A 43 3.79 7.66 2.71
N ASP A 44 2.91 7.13 3.54
CA ASP A 44 3.28 6.09 4.50
C ASP A 44 2.75 4.73 4.08
N ALA A 45 3.64 3.74 4.03
CA ALA A 45 3.25 2.39 3.63
C ALA A 45 3.90 1.35 4.55
N LYS A 46 3.06 0.62 5.28
CA LYS A 46 3.55 -0.40 6.19
C LYS A 46 2.65 -1.64 6.15
N VAL A 47 3.25 -2.81 6.35
CA VAL A 47 2.51 -4.06 6.34
C VAL A 47 2.21 -4.54 7.75
N HIS A 48 0.94 -4.81 8.03
CA HIS A 48 0.52 -5.27 9.35
C HIS A 48 0.33 -6.79 9.35
N SER A 49 0.15 -7.35 10.54
CA SER A 49 -0.04 -8.79 10.69
C SER A 49 -1.12 -9.10 11.71
N PRO A 50 -1.79 -10.25 11.54
CA PRO A 50 -2.86 -10.69 12.45
C PRO A 50 -2.33 -11.07 13.82
N SER A 51 -1.01 -10.98 13.99
CA SER A 51 -0.39 -11.34 15.27
C SER A 51 -0.16 -10.09 16.11
N GLY A 52 -0.11 -8.93 15.47
CA GLY A 52 0.09 -7.68 16.18
C GLY A 52 1.48 -7.11 15.96
N ALA A 53 2.05 -7.38 14.78
CA ALA A 53 3.38 -6.90 14.45
C ALA A 53 3.33 -5.93 13.27
N VAL A 54 4.03 -4.80 13.40
CA VAL A 54 4.07 -3.81 12.34
C VAL A 54 5.41 -3.79 11.64
N GLU A 55 5.40 -4.05 10.34
CA GLU A 55 6.63 -4.07 9.55
C GLU A 55 6.68 -2.89 8.59
N GLU A 56 7.88 -2.58 8.11
CA GLU A 56 8.06 -1.46 7.18
C GLU A 56 8.34 -1.97 5.77
N CYS A 57 7.63 -1.40 4.80
CA CYS A 57 7.80 -1.79 3.40
C CYS A 57 8.74 -0.83 2.67
N HIS A 58 9.60 -1.39 1.83
CA HIS A 58 10.55 -0.59 1.07
C HIS A 58 9.82 0.39 0.14
N VAL A 59 9.79 1.65 0.53
CA VAL A 59 9.14 2.68 -0.27
C VAL A 59 10.16 3.61 -0.92
N SER A 60 10.24 3.54 -2.25
CA SER A 60 11.18 4.38 -2.99
C SER A 60 10.44 5.28 -3.97
N GLU A 61 10.87 6.54 -4.04
CA GLU A 61 10.25 7.50 -4.94
C GLU A 61 10.97 7.54 -6.28
N LEU A 62 10.38 6.89 -7.29
CA LEU A 62 10.97 6.85 -8.62
C LEU A 62 10.54 8.07 -9.44
N GLU A 63 9.24 8.34 -9.44
CA GLU A 63 8.70 9.48 -10.18
C GLU A 63 7.85 10.37 -9.27
N PRO A 64 7.77 11.66 -9.63
CA PRO A 64 6.99 12.64 -8.87
C PRO A 64 5.50 12.40 -8.98
N ASP A 65 5.10 11.50 -9.88
CA ASP A 65 3.69 11.19 -10.08
C ASP A 65 3.43 9.70 -9.88
N LYS A 66 4.49 8.96 -9.51
CA LYS A 66 4.37 7.52 -9.28
C LYS A 66 5.40 7.05 -8.26
N TYR A 67 5.00 6.12 -7.41
CA TYR A 67 5.89 5.60 -6.38
C TYR A 67 5.87 4.07 -6.39
N ALA A 68 6.87 3.47 -5.74
CA ALA A 68 6.96 2.02 -5.67
C ALA A 68 7.11 1.54 -4.23
N VAL A 69 6.55 0.37 -3.93
CA VAL A 69 6.61 -0.19 -2.59
C VAL A 69 6.85 -1.70 -2.64
N ARG A 70 8.00 -2.14 -2.14
CA ARG A 70 8.34 -3.55 -2.13
C ARG A 70 8.15 -4.14 -0.74
N PHE A 71 7.58 -5.34 -0.68
CA PHE A 71 7.34 -6.02 0.59
C PHE A 71 7.17 -7.51 0.39
N ILE A 72 7.50 -8.29 1.42
CA ILE A 72 7.38 -9.74 1.35
C ILE A 72 6.13 -10.22 2.07
N PRO A 73 5.08 -10.50 1.31
CA PRO A 73 3.80 -10.98 1.85
C PRO A 73 3.89 -12.40 2.41
N HIS A 74 4.33 -12.51 3.65
CA HIS A 74 4.46 -13.82 4.30
C HIS A 74 3.65 -13.87 5.59
N GLU A 75 2.53 -14.58 5.54
CA GLU A 75 1.65 -14.71 6.70
C GLU A 75 1.00 -16.09 6.75
N ASN A 76 0.28 -16.37 7.82
CA ASN A 76 -0.40 -17.65 7.99
C ASN A 76 -1.86 -17.55 7.57
N GLY A 77 -2.18 -16.52 6.79
CA GLY A 77 -3.55 -16.33 6.34
C GLY A 77 -3.70 -15.11 5.46
N VAL A 78 -4.34 -14.07 6.00
CA VAL A 78 -4.55 -12.83 5.25
C VAL A 78 -3.72 -11.70 5.84
N HIS A 79 -3.27 -10.78 4.96
CA HIS A 79 -2.47 -9.64 5.39
C HIS A 79 -3.31 -8.37 5.39
N THR A 80 -2.84 -7.37 6.14
CA THR A 80 -3.54 -6.10 6.23
C THR A 80 -2.60 -4.93 5.94
N ILE A 81 -2.78 -4.32 4.78
CA ILE A 81 -1.94 -3.19 4.38
C ILE A 81 -2.47 -1.88 4.97
N ASP A 82 -1.56 -1.03 5.41
CA ASP A 82 -1.93 0.26 5.98
C ASP A 82 -1.31 1.41 5.20
N VAL A 83 -2.14 2.12 4.44
CA VAL A 83 -1.67 3.24 3.63
C VAL A 83 -2.24 4.56 4.16
N LYS A 84 -1.42 5.30 4.90
CA LYS A 84 -1.84 6.57 5.46
C LYS A 84 -1.27 7.73 4.66
N PHE A 85 -2.10 8.74 4.41
CA PHE A 85 -1.68 9.92 3.66
C PHE A 85 -2.12 11.20 4.34
N ASN A 86 -1.14 11.98 4.81
CA ASN A 86 -1.43 13.23 5.49
C ASN A 86 -2.38 13.00 6.68
N GLY A 87 -2.16 11.91 7.38
CA GLY A 87 -3.01 11.60 8.53
C GLY A 87 -4.42 11.21 8.13
N SER A 88 -4.52 10.20 7.28
CA SER A 88 -5.82 9.73 6.80
C SER A 88 -5.67 8.48 5.94
N HIS A 89 -6.40 7.43 6.31
CA HIS A 89 -6.35 6.18 5.56
C HIS A 89 -7.11 6.29 4.25
N VAL A 90 -6.40 6.18 3.13
CA VAL A 90 -7.00 6.27 1.82
C VAL A 90 -8.25 5.40 1.72
N VAL A 91 -8.94 5.48 0.58
CA VAL A 91 -10.16 4.70 0.37
C VAL A 91 -9.84 3.21 0.31
N GLY A 92 -10.76 2.40 0.83
CA GLY A 92 -10.57 0.96 0.82
C GLY A 92 -9.37 0.53 1.65
N SER A 93 -9.07 1.30 2.69
CA SER A 93 -7.93 1.00 3.56
C SER A 93 -8.41 0.74 4.99
N PRO A 94 -7.71 -0.18 5.67
CA PRO A 94 -6.58 -0.92 5.11
C PRO A 94 -7.01 -1.90 4.03
N PHE A 95 -6.11 -2.17 3.09
CA PHE A 95 -6.40 -3.09 1.99
C PHE A 95 -6.15 -4.54 2.42
N LYS A 96 -7.03 -5.43 2.00
CA LYS A 96 -6.91 -6.85 2.35
C LYS A 96 -6.44 -7.65 1.14
N VAL A 97 -5.51 -8.58 1.40
CA VAL A 97 -4.96 -9.43 0.33
C VAL A 97 -4.76 -10.85 0.82
N ARG A 98 -5.19 -11.81 0.01
CA ARG A 98 -5.06 -13.22 0.36
C ARG A 98 -3.84 -13.84 -0.34
N VAL A 99 -2.85 -14.24 0.46
CA VAL A 99 -1.64 -14.84 -0.09
C VAL A 99 -1.92 -16.23 -0.65
N GLY A 100 -1.48 -16.47 -1.88
CA GLY A 100 -1.69 -17.76 -2.51
C GLY A 100 -1.64 -17.67 -4.02
N GLU A 101 -1.32 -18.79 -4.66
CA GLU A 101 -1.25 -18.84 -6.12
C GLU A 101 -2.11 -19.97 -6.68
N PRO A 102 -2.71 -19.73 -7.85
CA PRO A 102 -3.59 -20.70 -8.50
C PRO A 102 -2.80 -21.90 -9.06
N GLY A 103 -1.47 -21.83 -8.93
CA GLY A 103 -0.63 -22.91 -9.41
C GLY A 103 0.29 -22.46 -10.54
N GLN A 104 1.35 -21.76 -10.18
CA GLN A 104 2.31 -21.27 -11.16
C GLN A 104 3.00 -22.43 -11.87
N ALA A 105 2.39 -22.89 -12.96
CA ALA A 105 2.93 -23.99 -13.74
C ALA A 105 2.54 -23.89 -15.20
N GLY A 106 3.54 -23.76 -16.07
CA GLY A 106 3.27 -23.64 -17.50
C GLY A 106 4.50 -23.93 -18.35
N GLY A 1 3.85 34.73 3.94
CA GLY A 1 3.20 34.24 2.74
C GLY A 1 1.69 34.15 2.91
N SER A 2 1.14 32.98 2.59
CA SER A 2 -0.30 32.76 2.72
C SER A 2 -0.60 31.31 3.09
N SER A 3 -1.81 31.08 3.62
CA SER A 3 -2.21 29.75 4.03
C SER A 3 -1.71 28.69 3.04
N GLY A 4 -0.77 27.87 3.49
CA GLY A 4 -0.23 26.84 2.63
C GLY A 4 -1.17 25.68 2.44
N SER A 5 -0.99 24.61 3.23
CA SER A 5 -1.83 23.43 3.15
C SER A 5 -3.10 23.61 3.97
N SER A 6 -4.24 23.38 3.33
CA SER A 6 -5.54 23.52 3.99
C SER A 6 -5.87 22.29 4.82
N GLY A 7 -6.79 22.43 5.76
CA GLY A 7 -7.18 21.32 6.60
C GLY A 7 -7.52 20.07 5.80
N SER A 8 -8.22 20.27 4.68
CA SER A 8 -8.62 19.15 3.83
C SER A 8 -7.45 18.67 2.98
N ASP A 9 -7.17 17.37 3.06
CA ASP A 9 -6.07 16.79 2.31
C ASP A 9 -6.60 15.96 1.14
N ASP A 10 -5.70 15.55 0.24
CA ASP A 10 -6.08 14.75 -0.91
C ASP A 10 -5.54 13.33 -0.79
N ALA A 11 -6.06 12.59 0.19
CA ALA A 11 -5.63 11.22 0.42
C ALA A 11 -6.49 10.24 -0.35
N ARG A 12 -7.80 10.53 -0.42
CA ARG A 12 -8.74 9.68 -1.13
C ARG A 12 -8.48 9.71 -2.63
N ARG A 13 -7.94 10.83 -3.10
CA ARG A 13 -7.65 10.99 -4.53
C ARG A 13 -6.67 9.93 -5.01
N LEU A 14 -5.69 9.61 -4.17
CA LEU A 14 -4.69 8.61 -4.50
C LEU A 14 -5.35 7.32 -4.98
N THR A 15 -4.72 6.64 -5.94
CA THR A 15 -5.24 5.39 -6.48
C THR A 15 -4.21 4.27 -6.39
N VAL A 16 -4.66 3.09 -5.99
CA VAL A 16 -3.77 1.94 -5.87
C VAL A 16 -3.79 1.10 -7.13
N MET A 17 -2.61 0.94 -7.75
CA MET A 17 -2.50 0.15 -8.97
C MET A 17 -1.61 -1.07 -8.74
N SER A 18 -1.58 -1.96 -9.72
CA SER A 18 -0.78 -3.18 -9.63
C SER A 18 -0.83 -3.75 -8.22
N LEU A 19 -2.05 -3.93 -7.71
CA LEU A 19 -2.24 -4.47 -6.36
C LEU A 19 -2.85 -5.87 -6.43
N GLN A 20 -2.11 -6.86 -5.92
CA GLN A 20 -2.57 -8.24 -5.92
C GLN A 20 -3.58 -8.48 -4.80
N GLU A 21 -4.44 -9.46 -4.98
CA GLU A 21 -5.45 -9.79 -3.98
C GLU A 21 -5.32 -11.24 -3.53
N SER A 22 -5.58 -12.17 -4.44
CA SER A 22 -5.49 -13.59 -4.13
C SER A 22 -4.45 -14.28 -5.02
N GLY A 23 -3.41 -13.53 -5.37
CA GLY A 23 -2.36 -14.09 -6.21
C GLY A 23 -0.98 -13.71 -5.71
N LEU A 24 -0.77 -13.78 -4.41
CA LEU A 24 0.52 -13.44 -3.82
C LEU A 24 1.39 -14.68 -3.65
N LYS A 25 2.69 -14.47 -3.52
CA LYS A 25 3.63 -15.58 -3.35
C LYS A 25 4.48 -15.39 -2.10
N VAL A 26 4.43 -16.37 -1.20
CA VAL A 26 5.19 -16.31 0.04
C VAL A 26 6.69 -16.48 -0.23
N ASN A 27 7.50 -15.79 0.57
CA ASN A 27 8.96 -15.86 0.42
C ASN A 27 9.40 -15.26 -0.92
N GLN A 28 8.63 -14.29 -1.40
CA GLN A 28 8.94 -13.64 -2.67
C GLN A 28 8.68 -12.14 -2.58
N PRO A 29 9.55 -11.34 -3.22
CA PRO A 29 9.44 -9.89 -3.22
C PRO A 29 8.26 -9.41 -4.06
N ALA A 30 7.30 -8.76 -3.42
CA ALA A 30 6.12 -8.25 -4.10
C ALA A 30 5.94 -6.75 -3.86
N SER A 31 5.97 -5.97 -4.93
CA SER A 31 5.82 -4.53 -4.83
C SER A 31 4.61 -4.05 -5.64
N PHE A 32 4.14 -2.85 -5.32
CA PHE A 32 2.99 -2.27 -6.01
C PHE A 32 3.22 -0.80 -6.33
N ALA A 33 2.37 -0.24 -7.18
CA ALA A 33 2.48 1.16 -7.56
C ALA A 33 1.38 1.99 -6.93
N ILE A 34 1.65 3.27 -6.71
CA ILE A 34 0.68 4.17 -6.11
C ILE A 34 0.52 5.44 -6.95
N ARG A 35 -0.52 5.46 -7.78
CA ARG A 35 -0.79 6.61 -8.62
C ARG A 35 -1.16 7.83 -7.79
N LEU A 36 -0.67 9.00 -8.20
CA LEU A 36 -0.94 10.24 -7.49
C LEU A 36 -1.61 11.26 -8.42
N ASN A 37 -2.82 11.68 -8.04
CA ASN A 37 -3.56 12.65 -8.84
C ASN A 37 -3.13 14.07 -8.49
N GLY A 38 -1.92 14.21 -7.98
CA GLY A 38 -1.41 15.52 -7.62
C GLY A 38 -1.60 15.83 -6.14
N ALA A 39 -1.54 14.81 -5.31
CA ALA A 39 -1.70 14.98 -3.87
C ALA A 39 -0.39 15.40 -3.20
N LYS A 40 -0.42 16.53 -2.52
CA LYS A 40 0.77 17.04 -1.84
C LYS A 40 0.70 16.76 -0.34
N GLY A 41 1.67 16.01 0.16
CA GLY A 41 1.70 15.68 1.58
C GLY A 41 2.78 14.69 1.92
N LYS A 42 2.39 13.52 2.43
CA LYS A 42 3.34 12.48 2.81
C LYS A 42 2.75 11.10 2.56
N ILE A 43 3.51 10.25 1.86
CA ILE A 43 3.07 8.90 1.57
C ILE A 43 3.69 7.89 2.53
N ASP A 44 2.86 7.04 3.11
CA ASP A 44 3.33 6.02 4.04
C ASP A 44 2.69 4.66 3.74
N ALA A 45 3.51 3.62 3.76
CA ALA A 45 3.03 2.27 3.49
C ALA A 45 3.62 1.27 4.48
N LYS A 46 2.76 0.63 5.26
CA LYS A 46 3.19 -0.35 6.24
C LYS A 46 2.27 -1.57 6.24
N VAL A 47 2.86 -2.75 6.42
CA VAL A 47 2.10 -3.98 6.43
C VAL A 47 1.80 -4.42 7.86
N HIS A 48 0.60 -4.96 8.07
CA HIS A 48 0.19 -5.43 9.39
C HIS A 48 0.08 -6.94 9.43
N SER A 49 -0.11 -7.50 10.61
CA SER A 49 -0.22 -8.94 10.79
C SER A 49 -1.14 -9.28 11.96
N PRO A 50 -1.83 -10.43 11.85
CA PRO A 50 -2.75 -10.89 12.89
C PRO A 50 -2.02 -11.33 14.16
N SER A 51 -0.70 -11.43 14.07
CA SER A 51 0.11 -11.85 15.21
C SER A 51 0.81 -10.65 15.84
N GLY A 52 0.18 -9.48 15.72
CA GLY A 52 0.76 -8.27 16.28
C GLY A 52 2.09 -7.92 15.66
N ALA A 53 2.27 -8.29 14.41
CA ALA A 53 3.51 -8.01 13.69
C ALA A 53 3.32 -6.88 12.69
N VAL A 54 4.31 -6.00 12.61
CA VAL A 54 4.25 -4.86 11.69
C VAL A 54 5.59 -4.65 10.99
N GLU A 55 5.62 -4.92 9.68
CA GLU A 55 6.83 -4.77 8.89
C GLU A 55 6.80 -3.46 8.11
N GLU A 56 7.99 -2.97 7.76
CA GLU A 56 8.10 -1.72 7.00
C GLU A 56 8.36 -2.01 5.52
N CYS A 57 7.57 -1.38 4.67
CA CYS A 57 7.71 -1.56 3.23
C CYS A 57 8.66 -0.53 2.63
N HIS A 58 9.60 -1.00 1.81
CA HIS A 58 10.59 -0.12 1.19
C HIS A 58 9.91 0.83 0.20
N VAL A 59 9.70 2.07 0.64
CA VAL A 59 9.07 3.07 -0.21
C VAL A 59 10.11 3.90 -0.96
N SER A 60 10.25 3.63 -2.25
CA SER A 60 11.21 4.35 -3.09
C SER A 60 10.51 5.36 -3.98
N GLU A 61 11.03 6.58 -4.00
CA GLU A 61 10.46 7.65 -4.82
C GLU A 61 11.20 7.79 -6.14
N LEU A 62 10.73 7.07 -7.16
CA LEU A 62 11.35 7.11 -8.48
C LEU A 62 10.81 8.27 -9.30
N GLU A 63 9.51 8.50 -9.21
CA GLU A 63 8.87 9.59 -9.94
C GLU A 63 8.03 10.46 -9.01
N PRO A 64 7.95 11.76 -9.32
CA PRO A 64 7.18 12.72 -8.52
C PRO A 64 5.68 12.50 -8.65
N ASP A 65 5.28 11.58 -9.52
CA ASP A 65 3.88 11.27 -9.74
C ASP A 65 3.62 9.77 -9.59
N LYS A 66 4.69 9.01 -9.42
CA LYS A 66 4.58 7.56 -9.26
C LYS A 66 5.55 7.05 -8.20
N TYR A 67 5.07 6.14 -7.35
CA TYR A 67 5.89 5.58 -6.29
C TYR A 67 5.90 4.06 -6.37
N ALA A 68 6.88 3.45 -5.70
CA ALA A 68 7.00 1.99 -5.69
C ALA A 68 7.21 1.47 -4.27
N VAL A 69 6.31 0.60 -3.83
CA VAL A 69 6.40 0.04 -2.49
C VAL A 69 6.64 -1.47 -2.54
N ARG A 70 7.81 -1.90 -2.07
CA ARG A 70 8.17 -3.30 -2.08
C ARG A 70 7.98 -3.92 -0.69
N PHE A 71 7.43 -5.13 -0.65
CA PHE A 71 7.19 -5.82 0.60
C PHE A 71 7.02 -7.32 0.38
N ILE A 72 7.38 -8.11 1.39
CA ILE A 72 7.27 -9.57 1.31
C ILE A 72 5.99 -10.06 1.96
N PRO A 73 5.00 -10.39 1.12
CA PRO A 73 3.71 -10.89 1.60
C PRO A 73 3.80 -12.30 2.19
N HIS A 74 4.23 -12.38 3.44
CA HIS A 74 4.38 -13.66 4.13
C HIS A 74 3.56 -13.68 5.42
N GLU A 75 2.43 -14.38 5.39
CA GLU A 75 1.56 -14.47 6.56
C GLU A 75 0.86 -15.83 6.61
N ASN A 76 0.37 -16.18 7.79
CA ASN A 76 -0.33 -17.46 7.97
C ASN A 76 -1.83 -17.28 7.86
N GLY A 77 -2.26 -16.15 7.32
CA GLY A 77 -3.67 -15.88 7.17
C GLY A 77 -3.95 -14.76 6.18
N VAL A 78 -4.63 -13.72 6.64
CA VAL A 78 -4.96 -12.58 5.79
C VAL A 78 -4.04 -11.40 6.07
N HIS A 79 -3.64 -10.70 5.01
CA HIS A 79 -2.76 -9.55 5.15
C HIS A 79 -3.56 -8.26 5.12
N THR A 80 -2.98 -7.20 5.68
CA THR A 80 -3.64 -5.90 5.72
C THR A 80 -2.65 -4.77 5.45
N ILE A 81 -2.86 -4.04 4.36
CA ILE A 81 -1.99 -2.93 3.99
C ILE A 81 -2.47 -1.62 4.62
N ASP A 82 -1.60 -1.00 5.41
CA ASP A 82 -1.94 0.26 6.06
C ASP A 82 -1.34 1.44 5.29
N VAL A 83 -2.18 2.10 4.50
CA VAL A 83 -1.74 3.25 3.72
C VAL A 83 -2.23 4.55 4.32
N LYS A 84 -1.29 5.40 4.71
CA LYS A 84 -1.62 6.70 5.31
C LYS A 84 -1.08 7.84 4.47
N PHE A 85 -1.90 8.88 4.28
CA PHE A 85 -1.50 10.04 3.49
C PHE A 85 -1.88 11.33 4.20
N ASN A 86 -0.95 11.85 5.00
CA ASN A 86 -1.19 13.08 5.74
C ASN A 86 -2.16 12.86 6.89
N GLY A 87 -1.99 11.74 7.59
CA GLY A 87 -2.86 11.42 8.70
C GLY A 87 -4.28 11.11 8.26
N SER A 88 -4.40 10.31 7.21
CA SER A 88 -5.72 9.93 6.69
C SER A 88 -5.62 8.69 5.81
N HIS A 89 -6.36 7.65 6.17
CA HIS A 89 -6.35 6.41 5.42
C HIS A 89 -7.09 6.57 4.09
N VAL A 90 -6.35 6.43 2.99
CA VAL A 90 -6.94 6.56 1.66
C VAL A 90 -8.19 5.71 1.52
N VAL A 91 -8.76 5.70 0.32
CA VAL A 91 -9.95 4.92 0.05
C VAL A 91 -9.66 3.42 0.05
N GLY A 92 -10.62 2.64 0.51
CA GLY A 92 -10.43 1.19 0.55
C GLY A 92 -9.32 0.79 1.51
N SER A 93 -9.04 1.63 2.49
CA SER A 93 -8.00 1.35 3.47
C SER A 93 -8.57 1.30 4.88
N PRO A 94 -8.06 0.36 5.69
CA PRO A 94 -7.00 -0.57 5.26
C PRO A 94 -7.50 -1.59 4.24
N PHE A 95 -6.57 -2.11 3.43
CA PHE A 95 -6.93 -3.08 2.41
C PHE A 95 -6.76 -4.51 2.94
N LYS A 96 -7.52 -5.44 2.38
CA LYS A 96 -7.45 -6.83 2.79
C LYS A 96 -7.18 -7.75 1.59
N VAL A 97 -6.20 -8.63 1.73
CA VAL A 97 -5.85 -9.55 0.66
C VAL A 97 -5.40 -10.89 1.22
N ARG A 98 -5.42 -11.92 0.38
CA ARG A 98 -5.02 -13.26 0.80
C ARG A 98 -3.91 -13.80 -0.10
N VAL A 99 -2.99 -14.56 0.49
CA VAL A 99 -1.88 -15.14 -0.26
C VAL A 99 -2.13 -16.60 -0.57
N GLY A 100 -1.65 -17.05 -1.73
CA GLY A 100 -1.83 -18.44 -2.13
C GLY A 100 -3.13 -18.66 -2.87
N GLU A 101 -3.03 -19.26 -4.06
CA GLU A 101 -4.20 -19.53 -4.88
C GLU A 101 -4.46 -21.02 -4.99
N PRO A 102 -5.74 -21.41 -5.04
CA PRO A 102 -6.15 -22.81 -5.13
C PRO A 102 -5.82 -23.41 -6.50
N GLY A 103 -5.76 -24.74 -6.55
CA GLY A 103 -5.45 -25.41 -7.80
C GLY A 103 -6.09 -26.80 -7.88
N GLN A 104 -5.84 -27.49 -8.98
CA GLN A 104 -6.39 -28.82 -9.18
C GLN A 104 -5.44 -29.89 -8.64
N ALA A 105 -6.02 -30.97 -8.13
CA ALA A 105 -5.23 -32.07 -7.58
C ALA A 105 -4.62 -32.92 -8.69
N GLY A 106 -5.47 -33.53 -9.51
CA GLY A 106 -4.99 -34.36 -10.60
C GLY A 106 -5.65 -34.01 -11.92
N GLY A 1 13.28 30.56 -2.36
CA GLY A 1 12.37 29.92 -1.43
C GLY A 1 11.88 28.57 -1.92
N SER A 2 10.63 28.25 -1.61
CA SER A 2 10.05 26.97 -2.03
C SER A 2 9.10 27.16 -3.19
N SER A 3 8.94 26.11 -4.00
CA SER A 3 8.06 26.16 -5.15
C SER A 3 6.64 26.56 -4.74
N GLY A 4 6.10 25.86 -3.75
CA GLY A 4 4.77 26.16 -3.27
C GLY A 4 4.28 25.15 -2.24
N SER A 5 3.53 25.63 -1.26
CA SER A 5 3.01 24.76 -0.21
C SER A 5 1.68 25.30 0.32
N SER A 6 0.64 24.47 0.26
CA SER A 6 -0.68 24.87 0.73
C SER A 6 -0.98 24.21 2.07
N GLY A 7 -1.11 22.88 2.06
CA GLY A 7 -1.41 22.16 3.28
C GLY A 7 -2.22 20.91 3.03
N SER A 8 -3.21 21.02 2.14
CA SER A 8 -4.07 19.88 1.81
C SER A 8 -3.24 18.61 1.63
N ASP A 9 -3.90 17.46 1.83
CA ASP A 9 -3.22 16.17 1.69
C ASP A 9 -3.83 15.36 0.55
N ASP A 10 -5.14 15.52 0.37
CA ASP A 10 -5.85 14.80 -0.69
C ASP A 10 -5.62 13.29 -0.57
N ALA A 11 -5.64 12.80 0.65
CA ALA A 11 -5.45 11.37 0.90
C ALA A 11 -6.51 10.53 0.20
N ARG A 12 -7.73 11.06 0.15
CA ARG A 12 -8.83 10.35 -0.49
C ARG A 12 -8.70 10.41 -2.01
N ARG A 13 -7.69 11.13 -2.48
CA ARG A 13 -7.45 11.25 -3.92
C ARG A 13 -6.21 10.47 -4.34
N LEU A 14 -6.20 9.18 -3.99
CA LEU A 14 -5.08 8.31 -4.33
C LEU A 14 -5.57 6.94 -4.78
N THR A 15 -5.07 6.49 -5.93
CA THR A 15 -5.46 5.19 -6.48
C THR A 15 -4.29 4.23 -6.49
N VAL A 16 -4.57 2.96 -6.19
CA VAL A 16 -3.52 1.93 -6.16
C VAL A 16 -3.57 1.08 -7.42
N MET A 17 -2.41 0.79 -7.99
CA MET A 17 -2.31 -0.02 -9.18
C MET A 17 -1.44 -1.25 -8.96
N SER A 18 -1.32 -2.10 -9.97
CA SER A 18 -0.52 -3.31 -9.87
C SER A 18 -0.61 -3.91 -8.47
N LEU A 19 -1.82 -3.95 -7.93
CA LEU A 19 -2.05 -4.50 -6.60
C LEU A 19 -2.58 -5.93 -6.68
N GLN A 20 -1.88 -6.85 -6.02
CA GLN A 20 -2.29 -8.25 -6.02
C GLN A 20 -3.39 -8.50 -5.02
N GLU A 21 -4.16 -9.56 -5.22
CA GLU A 21 -5.26 -9.91 -4.33
C GLU A 21 -5.18 -11.37 -3.90
N SER A 22 -5.38 -12.27 -4.86
CA SER A 22 -5.34 -13.70 -4.60
C SER A 22 -4.23 -14.37 -5.41
N GLY A 23 -3.22 -13.59 -5.77
CA GLY A 23 -2.11 -14.14 -6.53
C GLY A 23 -0.76 -13.78 -5.94
N LEU A 24 -0.74 -13.54 -4.63
CA LEU A 24 0.50 -13.20 -3.94
C LEU A 24 1.39 -14.42 -3.76
N LYS A 25 2.61 -14.19 -3.29
CA LYS A 25 3.56 -15.28 -3.08
C LYS A 25 4.25 -15.12 -1.72
N VAL A 26 4.38 -16.22 -1.00
CA VAL A 26 5.03 -16.21 0.31
C VAL A 26 6.55 -16.25 0.17
N ASN A 27 7.25 -15.66 1.13
CA ASN A 27 8.70 -15.63 1.11
C ASN A 27 9.22 -15.08 -0.22
N GLN A 28 8.55 -14.05 -0.72
CA GLN A 28 8.95 -13.43 -1.98
C GLN A 28 8.67 -11.93 -1.97
N PRO A 29 9.58 -11.15 -2.56
CA PRO A 29 9.45 -9.69 -2.63
C PRO A 29 8.33 -9.25 -3.55
N ALA A 30 7.29 -8.64 -2.98
CA ALA A 30 6.15 -8.17 -3.75
C ALA A 30 5.97 -6.67 -3.59
N SER A 31 6.04 -5.95 -4.70
CA SER A 31 5.88 -4.50 -4.69
C SER A 31 4.74 -4.06 -5.61
N PHE A 32 4.09 -2.96 -5.27
CA PHE A 32 2.99 -2.44 -6.06
C PHE A 32 3.25 -0.98 -6.46
N ALA A 33 2.46 -0.49 -7.41
CA ALA A 33 2.60 0.88 -7.88
C ALA A 33 1.45 1.75 -7.38
N ILE A 34 1.76 2.98 -6.99
CA ILE A 34 0.77 3.91 -6.49
C ILE A 34 0.53 5.04 -7.48
N ARG A 35 -0.72 5.49 -7.58
CA ARG A 35 -1.08 6.57 -8.49
C ARG A 35 -1.52 7.81 -7.71
N LEU A 36 -1.03 8.97 -8.12
CA LEU A 36 -1.36 10.23 -7.47
C LEU A 36 -2.17 11.12 -8.39
N ASN A 37 -3.39 11.44 -7.98
CA ASN A 37 -4.27 12.30 -8.76
C ASN A 37 -3.99 13.77 -8.50
N GLY A 38 -2.79 14.06 -7.99
CA GLY A 38 -2.43 15.43 -7.69
C GLY A 38 -2.30 15.68 -6.20
N ALA A 39 -1.88 14.66 -5.45
CA ALA A 39 -1.72 14.78 -4.01
C ALA A 39 -0.25 14.89 -3.63
N LYS A 40 0.06 15.85 -2.76
CA LYS A 40 1.42 16.07 -2.31
C LYS A 40 1.51 16.02 -0.79
N GLY A 41 2.36 15.12 -0.28
CA GLY A 41 2.52 15.00 1.16
C GLY A 41 3.47 13.87 1.54
N LYS A 42 3.26 13.29 2.71
CA LYS A 42 4.10 12.20 3.18
C LYS A 42 3.42 10.85 2.97
N ILE A 43 4.09 9.97 2.23
CA ILE A 43 3.55 8.64 1.95
C ILE A 43 4.16 7.59 2.88
N ASP A 44 3.29 6.86 3.57
CA ASP A 44 3.75 5.82 4.49
C ASP A 44 2.96 4.52 4.28
N ALA A 45 3.69 3.42 4.13
CA ALA A 45 3.07 2.12 3.92
C ALA A 45 3.73 1.05 4.78
N LYS A 46 2.92 0.20 5.39
CA LYS A 46 3.42 -0.87 6.24
C LYS A 46 2.55 -2.11 6.12
N VAL A 47 3.10 -3.26 6.50
CA VAL A 47 2.38 -4.53 6.44
C VAL A 47 1.94 -4.98 7.83
N HIS A 48 0.64 -5.15 8.00
CA HIS A 48 0.09 -5.58 9.29
C HIS A 48 -0.03 -7.10 9.34
N SER A 49 0.00 -7.64 10.55
CA SER A 49 -0.09 -9.08 10.75
C SER A 49 -0.97 -9.42 11.95
N PRO A 50 -1.61 -10.60 11.91
CA PRO A 50 -2.48 -11.05 12.99
C PRO A 50 -1.71 -11.42 14.25
N SER A 51 -0.39 -11.50 14.12
CA SER A 51 0.47 -11.84 15.26
C SER A 51 0.98 -10.57 15.95
N GLY A 52 0.30 -9.46 15.71
CA GLY A 52 0.70 -8.21 16.32
C GLY A 52 2.05 -7.71 15.81
N ALA A 53 2.37 -8.06 14.57
CA ALA A 53 3.62 -7.65 13.96
C ALA A 53 3.39 -6.74 12.76
N VAL A 54 4.17 -5.67 12.67
CA VAL A 54 4.04 -4.72 11.58
C VAL A 54 5.40 -4.42 10.95
N GLU A 55 5.59 -4.87 9.72
CA GLU A 55 6.86 -4.64 9.01
C GLU A 55 6.88 -3.27 8.37
N GLU A 56 8.04 -2.87 7.87
CA GLU A 56 8.20 -1.57 7.22
C GLU A 56 8.40 -1.73 5.73
N CYS A 57 7.53 -1.10 4.94
CA CYS A 57 7.61 -1.17 3.49
C CYS A 57 8.56 -0.10 2.95
N HIS A 58 9.45 -0.52 2.05
CA HIS A 58 10.41 0.40 1.45
C HIS A 58 9.74 1.29 0.40
N VAL A 59 9.45 2.53 0.78
CA VAL A 59 8.80 3.48 -0.11
C VAL A 59 9.84 4.37 -0.80
N SER A 60 10.06 4.13 -2.09
CA SER A 60 11.01 4.91 -2.86
C SER A 60 10.30 5.83 -3.85
N GLU A 61 10.70 7.11 -3.85
CA GLU A 61 10.10 8.09 -4.74
C GLU A 61 10.80 8.08 -6.10
N LEU A 62 10.15 7.45 -7.08
CA LEU A 62 10.71 7.38 -8.43
C LEU A 62 10.15 8.49 -9.31
N GLU A 63 8.84 8.72 -9.22
CA GLU A 63 8.18 9.75 -10.01
C GLU A 63 7.38 10.69 -9.11
N PRO A 64 7.24 11.94 -9.56
CA PRO A 64 6.49 12.98 -8.82
C PRO A 64 4.99 12.70 -8.80
N ASP A 65 4.56 11.75 -9.62
CA ASP A 65 3.14 11.39 -9.70
C ASP A 65 2.96 9.89 -9.50
N LYS A 66 4.05 9.20 -9.21
CA LYS A 66 4.01 7.75 -8.99
C LYS A 66 4.99 7.33 -7.90
N TYR A 67 4.67 6.25 -7.21
CA TYR A 67 5.53 5.75 -6.14
C TYR A 67 5.54 4.23 -6.12
N ALA A 68 6.55 3.65 -5.47
CA ALA A 68 6.68 2.21 -5.38
C ALA A 68 6.82 1.76 -3.93
N VAL A 69 6.17 0.64 -3.60
CA VAL A 69 6.21 0.09 -2.25
C VAL A 69 6.53 -1.39 -2.26
N ARG A 70 7.66 -1.77 -1.67
CA ARG A 70 8.07 -3.16 -1.61
C ARG A 70 7.79 -3.75 -0.23
N PHE A 71 7.29 -4.98 -0.21
CA PHE A 71 6.97 -5.66 1.03
C PHE A 71 6.93 -7.18 0.84
N ILE A 72 7.16 -7.91 1.92
CA ILE A 72 7.15 -9.37 1.86
C ILE A 72 5.83 -9.92 2.41
N PRO A 73 4.91 -10.27 1.50
CA PRO A 73 3.60 -10.82 1.86
C PRO A 73 3.71 -12.24 2.42
N HIS A 74 4.07 -12.34 3.70
CA HIS A 74 4.21 -13.64 4.35
C HIS A 74 3.32 -13.71 5.59
N GLU A 75 2.21 -14.44 5.47
CA GLU A 75 1.28 -14.59 6.59
C GLU A 75 0.64 -15.98 6.57
N ASN A 76 -0.13 -16.28 7.62
CA ASN A 76 -0.80 -17.57 7.72
C ASN A 76 -2.28 -17.44 7.40
N GLY A 77 -2.65 -16.35 6.74
CA GLY A 77 -4.03 -16.12 6.38
C GLY A 77 -4.22 -14.90 5.50
N VAL A 78 -5.03 -13.95 5.97
CA VAL A 78 -5.28 -12.72 5.22
C VAL A 78 -4.40 -11.59 5.71
N HIS A 79 -3.78 -10.88 4.77
CA HIS A 79 -2.91 -9.76 5.11
C HIS A 79 -3.69 -8.45 5.12
N THR A 80 -3.12 -7.43 5.76
CA THR A 80 -3.76 -6.13 5.85
C THR A 80 -2.77 -5.00 5.57
N ILE A 81 -2.94 -4.32 4.45
CA ILE A 81 -2.07 -3.22 4.08
C ILE A 81 -2.53 -1.91 4.69
N ASP A 82 -1.59 -1.12 5.21
CA ASP A 82 -1.91 0.16 5.81
C ASP A 82 -1.31 1.30 5.01
N VAL A 83 -2.15 2.00 4.25
CA VAL A 83 -1.70 3.13 3.44
C VAL A 83 -2.11 4.45 4.06
N LYS A 84 -1.13 5.31 4.31
CA LYS A 84 -1.40 6.62 4.90
C LYS A 84 -0.81 7.73 4.03
N PHE A 85 -1.49 8.87 4.01
CA PHE A 85 -1.03 10.01 3.23
C PHE A 85 -1.11 11.30 4.04
N ASN A 86 -0.01 11.65 4.70
CA ASN A 86 0.05 12.85 5.51
C ASN A 86 -0.80 12.70 6.76
N GLY A 87 -0.98 11.46 7.21
CA GLY A 87 -1.77 11.21 8.40
C GLY A 87 -3.24 10.98 8.08
N SER A 88 -3.52 10.09 7.15
CA SER A 88 -4.88 9.79 6.75
C SER A 88 -4.93 8.55 5.87
N HIS A 89 -5.88 7.66 6.16
CA HIS A 89 -6.04 6.44 5.40
C HIS A 89 -6.77 6.70 4.08
N VAL A 90 -6.06 6.52 2.97
CA VAL A 90 -6.64 6.75 1.65
C VAL A 90 -7.95 5.97 1.49
N VAL A 91 -8.57 6.12 0.32
CA VAL A 91 -9.83 5.44 0.04
C VAL A 91 -9.64 3.93 0.01
N GLY A 92 -10.59 3.21 0.60
CA GLY A 92 -10.52 1.76 0.64
C GLY A 92 -9.34 1.27 1.44
N SER A 93 -9.05 1.96 2.55
CA SER A 93 -7.94 1.58 3.41
C SER A 93 -8.41 1.38 4.85
N PRO A 94 -7.83 0.37 5.52
CA PRO A 94 -6.79 -0.48 4.92
C PRO A 94 -7.35 -1.40 3.85
N PHE A 95 -6.48 -2.23 3.27
CA PHE A 95 -6.89 -3.15 2.23
C PHE A 95 -6.80 -4.60 2.70
N LYS A 96 -7.68 -5.45 2.18
CA LYS A 96 -7.69 -6.86 2.57
C LYS A 96 -7.41 -7.75 1.37
N VAL A 97 -6.38 -8.58 1.49
CA VAL A 97 -6.00 -9.49 0.40
C VAL A 97 -5.76 -10.91 0.93
N ARG A 98 -5.50 -11.84 0.02
CA ARG A 98 -5.27 -13.23 0.39
C ARG A 98 -4.09 -13.80 -0.39
N VAL A 99 -3.12 -14.36 0.34
CA VAL A 99 -1.94 -14.95 -0.27
C VAL A 99 -2.16 -16.42 -0.59
N GLY A 100 -1.65 -16.87 -1.73
CA GLY A 100 -1.80 -18.25 -2.13
C GLY A 100 -1.91 -18.42 -3.63
N GLU A 101 -1.02 -19.24 -4.20
CA GLU A 101 -1.02 -19.48 -5.64
C GLU A 101 -2.27 -20.22 -6.07
N PRO A 102 -2.78 -19.87 -7.26
CA PRO A 102 -3.99 -20.49 -7.82
C PRO A 102 -3.77 -21.94 -8.22
N GLY A 103 -4.51 -22.85 -7.59
CA GLY A 103 -4.39 -24.26 -7.89
C GLY A 103 -5.26 -25.12 -7.00
N GLN A 104 -5.74 -26.23 -7.56
CA GLN A 104 -6.59 -27.15 -6.80
C GLN A 104 -5.85 -28.43 -6.47
N ALA A 105 -5.24 -29.03 -7.49
CA ALA A 105 -4.49 -30.27 -7.31
C ALA A 105 -5.42 -31.42 -6.94
N GLY A 106 -6.47 -31.61 -7.73
CA GLY A 106 -7.43 -32.66 -7.48
C GLY A 106 -8.86 -32.17 -7.47
N GLY A 1 -2.59 26.52 1.78
CA GLY A 1 -2.22 27.58 0.86
C GLY A 1 -3.14 28.78 0.94
N SER A 2 -3.07 29.51 2.05
CA SER A 2 -3.91 30.68 2.25
C SER A 2 -5.39 30.31 2.20
N SER A 3 -5.73 29.19 2.85
CA SER A 3 -7.10 28.72 2.87
C SER A 3 -7.74 28.98 4.23
N GLY A 4 -9.03 29.32 4.22
CA GLY A 4 -9.73 29.60 5.45
C GLY A 4 -9.76 28.39 6.38
N SER A 5 -10.92 27.76 6.49
CA SER A 5 -11.08 26.58 7.35
C SER A 5 -10.62 25.32 6.64
N SER A 6 -9.68 24.61 7.26
CA SER A 6 -9.14 23.38 6.68
C SER A 6 -10.26 22.40 6.39
N GLY A 7 -10.22 21.81 5.19
CA GLY A 7 -11.24 20.86 4.80
C GLY A 7 -10.67 19.48 4.56
N SER A 8 -11.25 18.75 3.61
CA SER A 8 -10.80 17.40 3.29
C SER A 8 -9.49 17.44 2.51
N ASP A 9 -8.65 16.43 2.72
CA ASP A 9 -7.37 16.35 2.04
C ASP A 9 -7.48 15.47 0.79
N ASP A 10 -6.37 15.36 0.05
CA ASP A 10 -6.34 14.55 -1.15
C ASP A 10 -5.81 13.15 -0.87
N ALA A 11 -6.16 12.63 0.31
CA ALA A 11 -5.73 11.29 0.71
C ALA A 11 -6.39 10.21 -0.14
N ARG A 12 -7.72 10.28 -0.24
CA ARG A 12 -8.47 9.30 -1.03
C ARG A 12 -8.16 9.45 -2.52
N ARG A 13 -7.89 10.68 -2.94
CA ARG A 13 -7.58 10.96 -4.34
C ARG A 13 -6.61 9.92 -4.89
N LEU A 14 -5.67 9.49 -4.06
CA LEU A 14 -4.68 8.50 -4.47
C LEU A 14 -5.35 7.22 -4.96
N THR A 15 -4.74 6.58 -5.95
CA THR A 15 -5.28 5.36 -6.51
C THR A 15 -4.24 4.23 -6.48
N VAL A 16 -4.70 3.02 -6.20
CA VAL A 16 -3.81 1.86 -6.15
C VAL A 16 -3.77 1.14 -7.48
N MET A 17 -2.57 0.77 -7.93
CA MET A 17 -2.39 0.08 -9.20
C MET A 17 -1.54 -1.18 -9.01
N SER A 18 -1.69 -2.12 -9.93
CA SER A 18 -0.94 -3.37 -9.86
C SER A 18 -0.84 -3.88 -8.43
N LEU A 19 -1.99 -3.97 -7.77
CA LEU A 19 -2.04 -4.44 -6.39
C LEU A 19 -2.41 -5.92 -6.33
N GLN A 20 -1.41 -6.77 -6.11
CA GLN A 20 -1.62 -8.20 -6.04
C GLN A 20 -2.50 -8.56 -4.83
N GLU A 21 -3.81 -8.60 -5.06
CA GLU A 21 -4.76 -8.92 -4.00
C GLU A 21 -4.96 -10.43 -3.89
N SER A 22 -4.94 -11.11 -5.03
CA SER A 22 -5.13 -12.56 -5.07
C SER A 22 -4.04 -13.23 -5.91
N GLY A 23 -2.85 -12.64 -5.90
CA GLY A 23 -1.75 -13.19 -6.66
C GLY A 23 -0.43 -13.10 -5.92
N LEU A 24 -0.49 -12.75 -4.65
CA LEU A 24 0.72 -12.62 -3.83
C LEU A 24 1.38 -13.97 -3.63
N LYS A 25 2.70 -13.96 -3.47
CA LYS A 25 3.46 -15.19 -3.28
C LYS A 25 4.20 -15.16 -1.93
N VAL A 26 3.88 -16.12 -1.07
CA VAL A 26 4.51 -16.21 0.24
C VAL A 26 6.02 -16.31 0.11
N ASN A 27 6.73 -15.81 1.12
CA ASN A 27 8.19 -15.84 1.12
C ASN A 27 8.75 -15.32 -0.20
N GLN A 28 8.21 -14.21 -0.66
CA GLN A 28 8.65 -13.61 -1.91
C GLN A 28 8.42 -12.10 -1.91
N PRO A 29 9.40 -11.34 -2.44
CA PRO A 29 9.33 -9.88 -2.49
C PRO A 29 8.28 -9.40 -3.50
N ALA A 30 7.23 -8.74 -3.00
CA ALA A 30 6.18 -8.24 -3.85
C ALA A 30 5.96 -6.74 -3.62
N SER A 31 5.72 -6.02 -4.70
CA SER A 31 5.50 -4.57 -4.62
C SER A 31 4.33 -4.15 -5.51
N PHE A 32 3.91 -2.90 -5.36
CA PHE A 32 2.81 -2.37 -6.15
C PHE A 32 3.03 -0.90 -6.48
N ALA A 33 2.33 -0.41 -7.50
CA ALA A 33 2.46 0.98 -7.93
C ALA A 33 1.33 1.83 -7.35
N ILE A 34 1.62 3.10 -7.10
CA ILE A 34 0.62 4.01 -6.56
C ILE A 34 0.46 5.25 -7.44
N ARG A 35 -0.76 5.45 -7.94
CA ARG A 35 -1.04 6.59 -8.80
C ARG A 35 -1.40 7.82 -7.97
N LEU A 36 -0.83 8.96 -8.34
CA LEU A 36 -1.10 10.21 -7.63
C LEU A 36 -1.89 11.17 -8.51
N ASN A 37 -3.08 11.54 -8.04
CA ASN A 37 -3.93 12.46 -8.78
C ASN A 37 -3.56 13.91 -8.48
N GLY A 38 -2.35 14.12 -7.98
CA GLY A 38 -1.89 15.46 -7.67
C GLY A 38 -1.83 15.71 -6.17
N ALA A 39 -1.57 14.65 -5.41
CA ALA A 39 -1.48 14.76 -3.95
C ALA A 39 -0.02 14.76 -3.49
N LYS A 40 0.39 15.83 -2.81
CA LYS A 40 1.75 15.94 -2.30
C LYS A 40 1.76 16.17 -0.81
N GLY A 41 2.52 15.36 -0.09
CA GLY A 41 2.60 15.49 1.36
C GLY A 41 3.48 14.43 2.00
N LYS A 42 2.87 13.29 2.33
CA LYS A 42 3.60 12.19 2.94
C LYS A 42 2.92 10.85 2.65
N ILE A 43 3.70 9.88 2.21
CA ILE A 43 3.17 8.56 1.89
C ILE A 43 3.68 7.51 2.89
N ASP A 44 2.74 6.84 3.55
CA ASP A 44 3.08 5.81 4.52
C ASP A 44 2.47 4.47 4.14
N ALA A 45 3.29 3.42 4.17
CA ALA A 45 2.83 2.08 3.83
C ALA A 45 3.48 1.04 4.73
N LYS A 46 2.67 0.42 5.59
CA LYS A 46 3.17 -0.60 6.50
C LYS A 46 2.34 -1.89 6.39
N VAL A 47 3.00 -3.03 6.54
CA VAL A 47 2.32 -4.32 6.45
C VAL A 47 1.98 -4.85 7.84
N HIS A 48 0.70 -5.16 8.05
CA HIS A 48 0.24 -5.67 9.33
C HIS A 48 0.25 -7.20 9.34
N SER A 49 0.42 -7.78 10.52
CA SER A 49 0.46 -9.23 10.66
C SER A 49 -0.50 -9.69 11.75
N PRO A 50 -0.98 -10.95 11.62
CA PRO A 50 -1.91 -11.53 12.59
C PRO A 50 -1.24 -11.82 13.94
N SER A 51 0.03 -11.47 14.04
CA SER A 51 0.78 -11.70 15.27
C SER A 51 1.01 -10.39 16.02
N GLY A 52 0.21 -9.38 15.68
CA GLY A 52 0.34 -8.08 16.33
C GLY A 52 1.64 -7.38 15.97
N ALA A 53 2.17 -7.67 14.79
CA ALA A 53 3.41 -7.07 14.34
C ALA A 53 3.20 -6.26 13.07
N VAL A 54 3.99 -5.20 12.90
CA VAL A 54 3.89 -4.34 11.73
C VAL A 54 5.25 -4.09 11.11
N GLU A 55 5.47 -4.60 9.91
CA GLU A 55 6.74 -4.42 9.21
C GLU A 55 6.67 -3.24 8.25
N GLU A 56 7.75 -2.47 8.19
CA GLU A 56 7.81 -1.31 7.30
C GLU A 56 8.14 -1.72 5.88
N CYS A 57 7.33 -1.27 4.93
CA CYS A 57 7.53 -1.59 3.52
C CYS A 57 8.50 -0.61 2.87
N HIS A 58 9.26 -1.09 1.89
CA HIS A 58 10.24 -0.26 1.19
C HIS A 58 9.53 0.75 0.30
N VAL A 59 9.46 2.00 0.77
CA VAL A 59 8.81 3.07 0.02
C VAL A 59 9.84 3.89 -0.75
N SER A 60 9.85 3.73 -2.07
CA SER A 60 10.78 4.46 -2.92
C SER A 60 10.03 5.36 -3.90
N GLU A 61 10.60 6.53 -4.17
CA GLU A 61 9.99 7.48 -5.09
C GLU A 61 10.77 7.56 -6.40
N LEU A 62 10.26 6.87 -7.42
CA LEU A 62 10.90 6.86 -8.73
C LEU A 62 10.39 8.00 -9.60
N GLU A 63 9.08 8.20 -9.58
CA GLU A 63 8.45 9.26 -10.37
C GLU A 63 7.61 10.18 -9.49
N PRO A 64 7.53 11.46 -9.89
CA PRO A 64 6.76 12.47 -9.15
C PRO A 64 5.25 12.23 -9.24
N ASP A 65 4.86 11.23 -10.04
CA ASP A 65 3.45 10.91 -10.21
C ASP A 65 3.19 9.43 -9.93
N LYS A 66 4.28 8.69 -9.69
CA LYS A 66 4.18 7.26 -9.40
C LYS A 66 5.19 6.84 -8.34
N TYR A 67 4.79 5.92 -7.48
CA TYR A 67 5.66 5.44 -6.41
C TYR A 67 5.69 3.92 -6.39
N ALA A 68 6.71 3.36 -5.75
CA ALA A 68 6.85 1.91 -5.64
C ALA A 68 6.97 1.48 -4.18
N VAL A 69 6.17 0.48 -3.81
CA VAL A 69 6.17 -0.03 -2.44
C VAL A 69 6.46 -1.53 -2.42
N ARG A 70 7.68 -1.89 -2.03
CA ARG A 70 8.07 -3.29 -1.97
C ARG A 70 7.91 -3.84 -0.55
N PHE A 71 7.39 -5.06 -0.45
CA PHE A 71 7.18 -5.69 0.85
C PHE A 71 7.14 -7.21 0.71
N ILE A 72 7.28 -7.91 1.83
CA ILE A 72 7.26 -9.36 1.84
C ILE A 72 6.01 -9.89 2.53
N PRO A 73 4.96 -10.17 1.74
CA PRO A 73 3.69 -10.69 2.26
C PRO A 73 3.81 -12.12 2.78
N HIS A 74 4.12 -12.26 4.06
CA HIS A 74 4.26 -13.58 4.67
C HIS A 74 3.32 -13.73 5.86
N GLU A 75 2.24 -14.49 5.65
CA GLU A 75 1.25 -14.72 6.71
C GLU A 75 0.67 -16.13 6.62
N ASN A 76 -0.20 -16.46 7.56
CA ASN A 76 -0.83 -17.77 7.59
C ASN A 76 -2.28 -17.70 7.11
N GLY A 77 -2.67 -16.53 6.62
CA GLY A 77 -4.02 -16.35 6.14
C GLY A 77 -4.18 -15.10 5.30
N VAL A 78 -4.92 -14.12 5.81
CA VAL A 78 -5.14 -12.87 5.10
C VAL A 78 -4.27 -11.75 5.67
N HIS A 79 -3.73 -10.92 4.78
CA HIS A 79 -2.89 -9.81 5.19
C HIS A 79 -3.67 -8.50 5.21
N THR A 80 -3.13 -7.51 5.91
CA THR A 80 -3.78 -6.20 6.01
C THR A 80 -2.79 -5.08 5.78
N ILE A 81 -2.89 -4.44 4.62
CA ILE A 81 -2.00 -3.33 4.28
C ILE A 81 -2.48 -2.03 4.91
N ASP A 82 -1.53 -1.20 5.34
CA ASP A 82 -1.86 0.08 5.96
C ASP A 82 -1.27 1.23 5.16
N VAL A 83 -2.14 1.96 4.45
CA VAL A 83 -1.71 3.08 3.63
C VAL A 83 -2.29 4.40 4.16
N LYS A 84 -1.43 5.22 4.73
CA LYS A 84 -1.85 6.51 5.28
C LYS A 84 -1.21 7.66 4.51
N PHE A 85 -1.99 8.70 4.23
CA PHE A 85 -1.50 9.86 3.51
C PHE A 85 -1.83 11.14 4.25
N ASN A 86 -0.79 11.86 4.69
CA ASN A 86 -0.97 13.11 5.42
C ASN A 86 -1.90 12.91 6.61
N GLY A 87 -1.66 11.85 7.38
CA GLY A 87 -2.49 11.57 8.54
C GLY A 87 -3.94 11.30 8.17
N SER A 88 -4.15 10.27 7.36
CA SER A 88 -5.50 9.92 6.93
C SER A 88 -5.49 8.62 6.12
N HIS A 89 -6.22 7.62 6.60
CA HIS A 89 -6.29 6.33 5.92
C HIS A 89 -7.03 6.46 4.59
N VAL A 90 -6.27 6.45 3.50
CA VAL A 90 -6.86 6.56 2.16
C VAL A 90 -8.11 5.71 2.04
N VAL A 91 -8.89 5.96 0.99
CA VAL A 91 -10.11 5.20 0.75
C VAL A 91 -9.84 3.70 0.68
N GLY A 92 -10.71 2.92 1.31
CA GLY A 92 -10.55 1.48 1.30
C GLY A 92 -9.32 1.04 2.07
N SER A 93 -9.00 1.76 3.14
CA SER A 93 -7.83 1.44 3.96
C SER A 93 -8.24 1.15 5.40
N PRO A 94 -7.55 0.19 6.03
CA PRO A 94 -6.47 -0.56 5.37
C PRO A 94 -6.98 -1.50 4.29
N PHE A 95 -6.09 -1.94 3.43
CA PHE A 95 -6.45 -2.84 2.33
C PHE A 95 -6.25 -4.30 2.74
N LYS A 96 -6.94 -5.20 2.04
CA LYS A 96 -6.84 -6.62 2.33
C LYS A 96 -6.43 -7.40 1.09
N VAL A 97 -5.57 -8.40 1.27
CA VAL A 97 -5.09 -9.22 0.17
C VAL A 97 -4.84 -10.66 0.62
N ARG A 98 -5.25 -11.61 -0.20
CA ARG A 98 -5.06 -13.03 0.11
C ARG A 98 -3.85 -13.59 -0.63
N VAL A 99 -2.85 -14.03 0.12
CA VAL A 99 -1.64 -14.59 -0.46
C VAL A 99 -1.90 -15.98 -1.02
N GLY A 100 -1.43 -16.22 -2.25
CA GLY A 100 -1.62 -17.51 -2.88
C GLY A 100 -1.61 -17.42 -4.39
N GLU A 101 -0.88 -18.33 -5.03
CA GLU A 101 -0.78 -18.35 -6.49
C GLU A 101 -2.15 -18.09 -7.12
N PRO A 102 -2.14 -17.36 -8.24
CA PRO A 102 -3.37 -17.03 -8.97
C PRO A 102 -3.99 -18.24 -9.65
N GLY A 103 -4.96 -18.85 -8.98
CA GLY A 103 -5.63 -20.03 -9.53
C GLY A 103 -6.40 -19.71 -10.79
N GLN A 104 -7.10 -18.58 -10.79
CA GLN A 104 -7.89 -18.17 -11.94
C GLN A 104 -7.53 -16.75 -12.37
N ALA A 105 -7.70 -16.47 -13.66
CA ALA A 105 -7.38 -15.16 -14.20
C ALA A 105 -8.16 -14.06 -13.48
N GLY A 106 -9.49 -14.20 -13.46
CA GLY A 106 -10.33 -13.23 -12.80
C GLY A 106 -10.61 -12.02 -13.68
N GLY A 1 -10.54 30.57 6.12
CA GLY A 1 -9.41 30.30 5.23
C GLY A 1 -9.02 28.83 5.23
N SER A 2 -8.53 28.35 6.36
CA SER A 2 -8.11 26.95 6.48
C SER A 2 -9.10 26.16 7.31
N SER A 3 -9.94 25.37 6.63
CA SER A 3 -10.94 24.56 7.31
C SER A 3 -11.11 23.22 6.61
N GLY A 4 -10.93 22.14 7.35
CA GLY A 4 -11.08 20.81 6.79
C GLY A 4 -11.00 19.72 7.84
N SER A 5 -11.18 18.47 7.41
CA SER A 5 -11.15 17.33 8.32
C SER A 5 -9.77 16.67 8.31
N SER A 6 -9.11 16.68 9.45
CA SER A 6 -7.79 16.08 9.57
C SER A 6 -6.80 16.76 8.63
N GLY A 7 -6.88 18.09 8.56
CA GLY A 7 -5.99 18.84 7.69
C GLY A 7 -6.49 18.92 6.27
N SER A 8 -6.07 19.97 5.56
CA SER A 8 -6.49 20.16 4.17
C SER A 8 -5.59 19.38 3.21
N ASP A 9 -5.91 18.11 3.04
CA ASP A 9 -5.13 17.24 2.15
C ASP A 9 -6.04 16.48 1.19
N ASP A 10 -5.46 15.98 0.11
CA ASP A 10 -6.22 15.24 -0.89
C ASP A 10 -5.94 13.75 -0.79
N ALA A 11 -5.81 13.26 0.45
CA ALA A 11 -5.53 11.85 0.68
C ALA A 11 -6.54 10.96 -0.04
N ARG A 12 -7.81 11.37 -0.01
CA ARG A 12 -8.87 10.61 -0.65
C ARG A 12 -8.66 10.56 -2.16
N ARG A 13 -7.78 11.42 -2.66
CA ARG A 13 -7.49 11.48 -4.09
C ARG A 13 -6.26 10.63 -4.42
N LEU A 14 -6.29 9.37 -4.01
CA LEU A 14 -5.18 8.46 -4.26
C LEU A 14 -5.68 7.10 -4.72
N THR A 15 -5.14 6.61 -5.82
CA THR A 15 -5.54 5.31 -6.36
C THR A 15 -4.38 4.32 -6.32
N VAL A 16 -4.68 3.09 -5.92
CA VAL A 16 -3.66 2.04 -5.84
C VAL A 16 -3.62 1.22 -7.12
N MET A 17 -2.41 0.87 -7.54
CA MET A 17 -2.22 0.09 -8.75
C MET A 17 -1.26 -1.08 -8.49
N SER A 18 -1.25 -2.04 -9.42
CA SER A 18 -0.38 -3.21 -9.29
C SER A 18 -0.52 -3.83 -7.90
N LEU A 19 -1.75 -3.98 -7.45
CA LEU A 19 -2.02 -4.57 -6.13
C LEU A 19 -2.67 -5.93 -6.27
N GLN A 20 -1.91 -6.97 -5.97
CA GLN A 20 -2.42 -8.34 -6.06
C GLN A 20 -3.55 -8.58 -5.05
N GLU A 21 -4.42 -9.52 -5.36
CA GLU A 21 -5.55 -9.84 -4.49
C GLU A 21 -5.42 -11.26 -3.94
N SER A 22 -5.53 -12.24 -4.83
CA SER A 22 -5.44 -13.64 -4.43
C SER A 22 -4.42 -14.38 -5.29
N GLY A 23 -3.43 -13.64 -5.78
CA GLY A 23 -2.41 -14.24 -6.62
C GLY A 23 -1.01 -13.93 -6.13
N LEU A 24 -0.86 -13.73 -4.82
CA LEU A 24 0.43 -13.42 -4.23
C LEU A 24 1.28 -14.67 -4.06
N LYS A 25 2.57 -14.49 -3.86
CA LYS A 25 3.49 -15.61 -3.68
C LYS A 25 4.19 -15.53 -2.32
N VAL A 26 4.15 -16.62 -1.58
CA VAL A 26 4.79 -16.68 -0.26
C VAL A 26 6.30 -16.75 -0.39
N ASN A 27 6.99 -16.15 0.57
CA ASN A 27 8.45 -16.14 0.57
C ASN A 27 8.99 -15.51 -0.71
N GLN A 28 8.34 -14.45 -1.16
CA GLN A 28 8.76 -13.76 -2.38
C GLN A 28 8.50 -12.26 -2.26
N PRO A 29 9.50 -11.45 -2.68
CA PRO A 29 9.40 -9.99 -2.63
C PRO A 29 8.41 -9.45 -3.65
N ALA A 30 7.38 -8.77 -3.17
CA ALA A 30 6.37 -8.19 -4.04
C ALA A 30 6.23 -6.69 -3.80
N SER A 31 6.08 -5.93 -4.88
CA SER A 31 5.94 -4.49 -4.80
C SER A 31 4.79 -4.00 -5.67
N PHE A 32 4.25 -2.83 -5.34
CA PHE A 32 3.14 -2.25 -6.09
C PHE A 32 3.39 -0.77 -6.35
N ALA A 33 2.60 -0.21 -7.26
CA ALA A 33 2.74 1.21 -7.61
C ALA A 33 1.52 2.00 -7.16
N ILE A 34 1.75 3.21 -6.68
CA ILE A 34 0.67 4.07 -6.21
C ILE A 34 0.44 5.24 -7.16
N ARG A 35 -0.82 5.49 -7.50
CA ARG A 35 -1.17 6.58 -8.40
C ARG A 35 -1.60 7.82 -7.62
N LEU A 36 -1.08 8.98 -8.03
CA LEU A 36 -1.41 10.23 -7.37
C LEU A 36 -2.10 11.18 -8.33
N ASN A 37 -3.34 11.55 -8.01
CA ASN A 37 -4.12 12.46 -8.85
C ASN A 37 -3.79 13.92 -8.50
N GLY A 38 -2.61 14.13 -7.94
CA GLY A 38 -2.20 15.48 -7.57
C GLY A 38 -2.23 15.70 -6.07
N ALA A 39 -1.93 14.66 -5.32
CA ALA A 39 -1.92 14.75 -3.86
C ALA A 39 -0.49 14.85 -3.33
N LYS A 40 -0.23 15.90 -2.57
CA LYS A 40 1.10 16.12 -2.00
C LYS A 40 1.08 15.94 -0.49
N GLY A 41 1.98 15.12 0.02
CA GLY A 41 2.05 14.88 1.45
C GLY A 41 3.06 13.79 1.81
N LYS A 42 2.87 13.18 2.97
CA LYS A 42 3.76 12.12 3.43
C LYS A 42 3.15 10.75 3.16
N ILE A 43 3.65 10.07 2.14
CA ILE A 43 3.17 8.75 1.77
C ILE A 43 3.82 7.67 2.63
N ASP A 44 3.05 7.08 3.53
CA ASP A 44 3.56 6.03 4.41
C ASP A 44 2.95 4.68 4.04
N ALA A 45 3.75 3.62 4.14
CA ALA A 45 3.30 2.28 3.82
C ALA A 45 3.90 1.26 4.78
N LYS A 46 3.03 0.47 5.42
CA LYS A 46 3.47 -0.55 6.37
C LYS A 46 2.56 -1.77 6.31
N VAL A 47 3.14 -2.95 6.51
CA VAL A 47 2.39 -4.19 6.48
C VAL A 47 1.96 -4.60 7.88
N HIS A 48 0.70 -5.00 8.03
CA HIS A 48 0.18 -5.43 9.32
C HIS A 48 0.03 -6.94 9.37
N SER A 49 0.11 -7.50 10.58
CA SER A 49 0.00 -8.94 10.77
C SER A 49 -1.01 -9.26 11.86
N PRO A 50 -1.67 -10.42 11.74
CA PRO A 50 -2.67 -10.88 12.71
C PRO A 50 -2.04 -11.26 14.04
N SER A 51 -0.73 -11.09 14.15
CA SER A 51 -0.01 -11.43 15.38
C SER A 51 0.10 -10.22 16.29
N GLY A 52 0.08 -9.03 15.69
CA GLY A 52 0.19 -7.81 16.47
C GLY A 52 1.51 -7.10 16.27
N ALA A 53 2.09 -7.24 15.08
CA ALA A 53 3.36 -6.61 14.77
C ALA A 53 3.24 -5.69 13.56
N VAL A 54 4.06 -4.65 13.52
CA VAL A 54 4.05 -3.70 12.41
C VAL A 54 5.40 -3.65 11.72
N GLU A 55 5.41 -4.01 10.43
CA GLU A 55 6.65 -4.00 9.66
C GLU A 55 6.64 -2.87 8.64
N GLU A 56 7.82 -2.31 8.38
CA GLU A 56 7.95 -1.21 7.43
C GLU A 56 8.32 -1.73 6.05
N CYS A 57 7.52 -1.36 5.05
CA CYS A 57 7.77 -1.78 3.68
C CYS A 57 8.60 -0.75 2.93
N HIS A 58 9.56 -1.24 2.15
CA HIS A 58 10.43 -0.35 1.37
C HIS A 58 9.62 0.51 0.43
N VAL A 59 9.85 1.82 0.48
CA VAL A 59 9.14 2.77 -0.37
C VAL A 59 10.11 3.56 -1.24
N SER A 60 9.98 3.41 -2.56
CA SER A 60 10.85 4.10 -3.49
C SER A 60 10.11 5.26 -4.17
N GLU A 61 10.85 6.10 -4.88
CA GLU A 61 10.26 7.25 -5.57
C GLU A 61 10.81 7.36 -6.99
N LEU A 62 10.08 6.79 -7.94
CA LEU A 62 10.49 6.83 -9.34
C LEU A 62 10.13 8.17 -9.98
N GLU A 63 8.88 8.60 -9.78
CA GLU A 63 8.42 9.86 -10.32
C GLU A 63 7.52 10.59 -9.34
N PRO A 64 7.44 11.92 -9.48
CA PRO A 64 6.62 12.77 -8.60
C PRO A 64 5.12 12.55 -8.83
N ASP A 65 4.79 11.62 -9.72
CA ASP A 65 3.40 11.32 -10.03
C ASP A 65 3.07 9.87 -9.69
N LYS A 66 4.07 9.14 -9.20
CA LYS A 66 3.89 7.73 -8.84
C LYS A 66 4.95 7.29 -7.83
N TYR A 67 4.62 6.26 -7.07
CA TYR A 67 5.54 5.74 -6.06
C TYR A 67 5.47 4.21 -5.99
N ALA A 68 6.58 3.60 -5.61
CA ALA A 68 6.64 2.14 -5.51
C ALA A 68 6.80 1.70 -4.05
N VAL A 69 6.26 0.53 -3.72
CA VAL A 69 6.34 0.00 -2.37
C VAL A 69 6.59 -1.50 -2.38
N ARG A 70 7.79 -1.89 -1.96
CA ARG A 70 8.17 -3.30 -1.92
C ARG A 70 7.93 -3.89 -0.54
N PHE A 71 7.47 -5.13 -0.49
CA PHE A 71 7.20 -5.81 0.76
C PHE A 71 7.18 -7.33 0.57
N ILE A 72 7.17 -8.06 1.68
CA ILE A 72 7.14 -9.52 1.63
C ILE A 72 5.83 -10.05 2.19
N PRO A 73 4.91 -10.42 1.28
CA PRO A 73 3.60 -10.97 1.64
C PRO A 73 3.71 -12.36 2.26
N HIS A 74 4.03 -12.41 3.54
CA HIS A 74 4.16 -13.68 4.25
C HIS A 74 3.25 -13.71 5.48
N GLU A 75 2.15 -14.44 5.38
CA GLU A 75 1.19 -14.55 6.47
C GLU A 75 0.56 -15.95 6.51
N ASN A 76 -0.29 -16.17 7.50
CA ASN A 76 -0.96 -17.46 7.65
C ASN A 76 -2.42 -17.37 7.22
N GLY A 77 -2.69 -16.51 6.24
CA GLY A 77 -4.05 -16.34 5.76
C GLY A 77 -4.21 -15.08 4.92
N VAL A 78 -4.78 -14.05 5.53
CA VAL A 78 -5.00 -12.78 4.84
C VAL A 78 -4.10 -11.69 5.40
N HIS A 79 -3.58 -10.84 4.52
CA HIS A 79 -2.71 -9.75 4.94
C HIS A 79 -3.48 -8.43 4.99
N THR A 80 -2.93 -7.46 5.71
CA THR A 80 -3.55 -6.15 5.85
C THR A 80 -2.54 -5.03 5.68
N ILE A 81 -2.76 -4.18 4.67
CA ILE A 81 -1.86 -3.06 4.41
C ILE A 81 -2.41 -1.76 5.00
N ASP A 82 -1.52 -0.90 5.47
CA ASP A 82 -1.92 0.37 6.06
C ASP A 82 -1.24 1.53 5.33
N VAL A 83 -2.04 2.32 4.63
CA VAL A 83 -1.53 3.47 3.89
C VAL A 83 -2.04 4.78 4.47
N LYS A 84 -1.12 5.57 5.02
CA LYS A 84 -1.48 6.85 5.62
C LYS A 84 -0.97 8.00 4.77
N PHE A 85 -1.83 9.00 4.56
CA PHE A 85 -1.48 10.16 3.75
C PHE A 85 -1.69 11.45 4.54
N ASN A 86 -0.61 11.97 5.11
CA ASN A 86 -0.68 13.20 5.89
C ASN A 86 -1.64 13.05 7.07
N GLY A 87 -1.69 11.84 7.63
CA GLY A 87 -2.57 11.59 8.75
C GLY A 87 -3.99 11.28 8.32
N SER A 88 -4.13 10.36 7.37
CA SER A 88 -5.45 9.99 6.87
C SER A 88 -5.34 8.77 5.95
N HIS A 89 -6.01 7.69 6.33
CA HIS A 89 -6.00 6.46 5.54
C HIS A 89 -6.68 6.68 4.19
N VAL A 90 -5.90 6.54 3.11
CA VAL A 90 -6.43 6.72 1.76
C VAL A 90 -7.69 5.89 1.55
N VAL A 91 -8.23 5.95 0.34
CA VAL A 91 -9.43 5.20 0.00
C VAL A 91 -9.17 3.70 0.00
N GLY A 92 -10.20 2.91 0.30
CA GLY A 92 -10.05 1.47 0.32
C GLY A 92 -8.92 1.02 1.24
N SER A 93 -8.73 1.74 2.33
CA SER A 93 -7.68 1.41 3.29
C SER A 93 -8.27 1.20 4.69
N PRO A 94 -7.69 0.24 5.44
CA PRO A 94 -6.57 -0.57 4.95
C PRO A 94 -6.99 -1.54 3.85
N PHE A 95 -6.00 -2.11 3.17
CA PHE A 95 -6.27 -3.06 2.08
C PHE A 95 -6.02 -4.49 2.55
N LYS A 96 -6.83 -5.41 2.03
CA LYS A 96 -6.70 -6.83 2.39
C LYS A 96 -6.38 -7.67 1.16
N VAL A 97 -5.41 -8.57 1.29
CA VAL A 97 -5.01 -9.43 0.19
C VAL A 97 -4.60 -10.81 0.71
N ARG A 98 -5.18 -11.85 0.13
CA ARG A 98 -4.88 -13.21 0.52
C ARG A 98 -3.75 -13.79 -0.34
N VAL A 99 -2.80 -14.46 0.30
CA VAL A 99 -1.68 -15.07 -0.40
C VAL A 99 -1.92 -16.55 -0.65
N GLY A 100 -1.59 -16.99 -1.87
CA GLY A 100 -1.79 -18.39 -2.23
C GLY A 100 -1.30 -18.70 -3.63
N GLU A 101 -1.13 -19.98 -3.92
CA GLU A 101 -0.67 -20.41 -5.24
C GLU A 101 -1.72 -21.28 -5.93
N PRO A 102 -1.78 -21.16 -7.26
CA PRO A 102 -2.74 -21.93 -8.07
C PRO A 102 -2.41 -23.42 -8.11
N GLY A 103 -1.11 -23.73 -8.16
CA GLY A 103 -0.69 -25.11 -8.20
C GLY A 103 0.46 -25.34 -9.17
N GLN A 104 1.53 -25.96 -8.69
CA GLN A 104 2.69 -26.23 -9.51
C GLN A 104 2.52 -27.53 -10.30
N ALA A 105 2.99 -27.54 -11.54
CA ALA A 105 2.88 -28.72 -12.38
C ALA A 105 4.27 -29.27 -12.73
N GLY A 106 4.83 -30.05 -11.79
CA GLY A 106 6.15 -30.62 -12.02
C GLY A 106 7.18 -30.12 -11.03
N GLY A 1 2.63 27.47 -11.10
CA GLY A 1 1.68 28.17 -11.95
C GLY A 1 0.77 29.09 -11.16
N SER A 2 0.03 28.53 -10.21
CA SER A 2 -0.87 29.31 -9.38
C SER A 2 -0.69 28.99 -7.91
N SER A 3 -0.37 30.01 -7.12
CA SER A 3 -0.15 29.83 -5.68
C SER A 3 -1.48 29.87 -4.93
N GLY A 4 -1.49 29.28 -3.74
CA GLY A 4 -2.70 29.25 -2.94
C GLY A 4 -2.43 28.89 -1.49
N SER A 5 -3.49 28.75 -0.70
CA SER A 5 -3.36 28.41 0.71
C SER A 5 -3.52 26.91 0.92
N SER A 6 -3.12 26.44 2.09
CA SER A 6 -3.22 25.02 2.42
C SER A 6 -4.46 24.75 3.25
N GLY A 7 -5.35 23.90 2.72
CA GLY A 7 -6.57 23.57 3.44
C GLY A 7 -6.70 22.08 3.69
N SER A 8 -7.67 21.45 3.03
CA SER A 8 -7.91 20.03 3.20
C SER A 8 -6.75 19.22 2.60
N ASP A 9 -6.71 17.94 2.95
CA ASP A 9 -5.66 17.05 2.45
C ASP A 9 -6.14 16.28 1.23
N ASP A 10 -5.19 15.74 0.47
CA ASP A 10 -5.52 14.97 -0.73
C ASP A 10 -5.12 13.50 -0.57
N ALA A 11 -5.87 12.79 0.25
CA ALA A 11 -5.61 11.37 0.49
C ALA A 11 -6.57 10.48 -0.28
N ARG A 12 -7.78 11.00 -0.51
CA ARG A 12 -8.79 10.24 -1.25
C ARG A 12 -8.54 10.32 -2.75
N ARG A 13 -7.64 11.21 -3.16
CA ARG A 13 -7.32 11.37 -4.57
C ARG A 13 -6.13 10.50 -4.95
N LEU A 14 -6.12 9.26 -4.47
CA LEU A 14 -5.04 8.33 -4.77
C LEU A 14 -5.58 7.02 -5.35
N THR A 15 -4.94 6.54 -6.41
CA THR A 15 -5.35 5.31 -7.06
C THR A 15 -4.26 4.26 -6.99
N VAL A 16 -4.59 3.10 -6.43
CA VAL A 16 -3.63 2.00 -6.30
C VAL A 16 -3.69 1.08 -7.52
N MET A 17 -2.53 0.81 -8.12
CA MET A 17 -2.44 -0.06 -9.28
C MET A 17 -1.56 -1.26 -8.99
N SER A 18 -1.42 -2.14 -9.99
CA SER A 18 -0.60 -3.33 -9.84
C SER A 18 -0.69 -3.89 -8.42
N LEU A 19 -1.92 -3.97 -7.91
CA LEU A 19 -2.14 -4.49 -6.56
C LEU A 19 -2.58 -5.96 -6.60
N GLN A 20 -1.80 -6.80 -5.92
CA GLN A 20 -2.10 -8.23 -5.87
C GLN A 20 -2.82 -8.59 -4.57
N GLU A 21 -3.96 -9.27 -4.71
CA GLU A 21 -4.74 -9.68 -3.55
C GLU A 21 -4.92 -11.19 -3.52
N SER A 22 -5.27 -11.77 -4.65
CA SER A 22 -5.47 -13.22 -4.76
C SER A 22 -4.37 -13.86 -5.60
N GLY A 23 -3.23 -13.17 -5.70
CA GLY A 23 -2.12 -13.69 -6.47
C GLY A 23 -0.82 -13.71 -5.68
N LEU A 24 -0.76 -12.88 -4.65
CA LEU A 24 0.44 -12.80 -3.81
C LEU A 24 1.07 -14.17 -3.63
N LYS A 25 2.39 -14.20 -3.52
CA LYS A 25 3.12 -15.45 -3.34
C LYS A 25 4.00 -15.40 -2.08
N VAL A 26 3.85 -16.38 -1.22
CA VAL A 26 4.63 -16.44 0.01
C VAL A 26 6.10 -16.72 -0.28
N ASN A 27 6.98 -16.08 0.49
CA ASN A 27 8.41 -16.25 0.31
C ASN A 27 8.88 -15.63 -0.99
N GLN A 28 8.19 -14.57 -1.42
CA GLN A 28 8.53 -13.88 -2.65
C GLN A 28 8.28 -12.38 -2.52
N PRO A 29 9.16 -11.57 -3.13
CA PRO A 29 9.05 -10.11 -3.10
C PRO A 29 7.87 -9.59 -3.92
N ALA A 30 6.96 -8.88 -3.26
CA ALA A 30 5.79 -8.33 -3.93
C ALA A 30 5.71 -6.82 -3.75
N SER A 31 5.51 -6.11 -4.85
CA SER A 31 5.43 -4.65 -4.82
C SER A 31 4.23 -4.16 -5.62
N PHE A 32 3.90 -2.88 -5.46
CA PHE A 32 2.79 -2.28 -6.18
C PHE A 32 3.04 -0.81 -6.47
N ALA A 33 2.32 -0.27 -7.44
CA ALA A 33 2.46 1.13 -7.82
C ALA A 33 1.29 1.96 -7.31
N ILE A 34 1.59 3.16 -6.81
CA ILE A 34 0.55 4.06 -6.30
C ILE A 34 0.44 5.31 -7.15
N ARG A 35 -0.69 5.45 -7.84
CA ARG A 35 -0.92 6.61 -8.69
C ARG A 35 -1.40 7.80 -7.87
N LEU A 36 -0.93 8.99 -8.22
CA LEU A 36 -1.30 10.21 -7.52
C LEU A 36 -2.07 11.15 -8.43
N ASN A 37 -3.33 11.41 -8.09
CA ASN A 37 -4.18 12.29 -8.89
C ASN A 37 -3.95 13.75 -8.50
N GLY A 38 -2.80 14.02 -7.92
CA GLY A 38 -2.47 15.38 -7.51
C GLY A 38 -2.35 15.52 -6.00
N ALA A 39 -1.91 14.44 -5.35
CA ALA A 39 -1.74 14.45 -3.90
C ALA A 39 -0.25 14.48 -3.52
N LYS A 40 0.11 15.43 -2.68
CA LYS A 40 1.49 15.58 -2.22
C LYS A 40 1.56 15.70 -0.71
N GLY A 41 2.60 15.10 -0.12
CA GLY A 41 2.77 15.16 1.32
C GLY A 41 3.72 14.09 1.83
N LYS A 42 3.24 13.29 2.78
CA LYS A 42 4.05 12.23 3.36
C LYS A 42 3.38 10.87 3.18
N ILE A 43 3.74 10.17 2.12
CA ILE A 43 3.17 8.85 1.84
C ILE A 43 3.73 7.80 2.79
N ASP A 44 2.85 6.98 3.35
CA ASP A 44 3.26 5.93 4.27
C ASP A 44 2.71 4.58 3.83
N ALA A 45 3.58 3.57 3.80
CA ALA A 45 3.17 2.23 3.40
C ALA A 45 3.84 1.18 4.27
N LYS A 46 3.03 0.43 5.02
CA LYS A 46 3.54 -0.61 5.90
C LYS A 46 2.62 -1.83 5.91
N VAL A 47 3.18 -2.99 6.18
CA VAL A 47 2.40 -4.23 6.22
C VAL A 47 2.00 -4.58 7.65
N HIS A 48 0.74 -4.99 7.82
CA HIS A 48 0.23 -5.36 9.13
C HIS A 48 0.02 -6.87 9.23
N SER A 49 0.02 -7.38 10.46
CA SER A 49 -0.17 -8.81 10.69
C SER A 49 -0.98 -9.05 11.95
N PRO A 50 -1.75 -10.15 11.96
CA PRO A 50 -2.59 -10.52 13.10
C PRO A 50 -1.76 -10.97 14.31
N SER A 51 -0.44 -10.96 14.15
CA SER A 51 0.45 -11.36 15.22
C SER A 51 0.98 -10.15 15.97
N GLY A 52 0.23 -9.06 15.93
CA GLY A 52 0.64 -7.84 16.60
C GLY A 52 1.99 -7.33 16.12
N ALA A 53 2.31 -7.62 14.87
CA ALA A 53 3.58 -7.20 14.28
C ALA A 53 3.35 -6.24 13.12
N VAL A 54 4.25 -5.28 12.97
CA VAL A 54 4.15 -4.29 11.90
C VAL A 54 5.50 -4.08 11.22
N GLU A 55 5.60 -4.50 9.96
CA GLU A 55 6.83 -4.34 9.19
C GLU A 55 6.74 -3.17 8.23
N GLU A 56 7.81 -2.39 8.16
CA GLU A 56 7.85 -1.23 7.27
C GLU A 56 8.18 -1.65 5.84
N CYS A 57 7.34 -1.22 4.90
CA CYS A 57 7.54 -1.54 3.49
C CYS A 57 8.50 -0.56 2.83
N HIS A 58 9.45 -1.08 2.06
CA HIS A 58 10.42 -0.23 1.37
C HIS A 58 9.73 0.67 0.36
N VAL A 59 9.76 1.97 0.63
CA VAL A 59 9.14 2.95 -0.26
C VAL A 59 10.19 3.87 -0.89
N SER A 60 10.38 3.73 -2.19
CA SER A 60 11.36 4.55 -2.91
C SER A 60 10.66 5.47 -3.91
N GLU A 61 10.72 6.77 -3.64
CA GLU A 61 10.10 7.76 -4.51
C GLU A 61 10.86 7.88 -5.82
N LEU A 62 10.37 7.20 -6.85
CA LEU A 62 11.00 7.23 -8.17
C LEU A 62 10.53 8.43 -8.97
N GLU A 63 9.24 8.78 -8.81
CA GLU A 63 8.67 9.91 -9.52
C GLU A 63 7.73 10.70 -8.62
N PRO A 64 7.59 12.00 -8.90
CA PRO A 64 6.71 12.89 -8.13
C PRO A 64 5.23 12.58 -8.34
N ASP A 65 4.95 11.74 -9.34
CA ASP A 65 3.57 11.37 -9.65
C ASP A 65 3.40 9.85 -9.56
N LYS A 66 4.44 9.16 -9.13
CA LYS A 66 4.39 7.71 -8.99
C LYS A 66 5.29 7.24 -7.86
N TYR A 67 4.89 6.15 -7.20
CA TYR A 67 5.66 5.60 -6.10
C TYR A 67 5.65 4.07 -6.14
N ALA A 68 6.59 3.46 -5.42
CA ALA A 68 6.69 2.01 -5.37
C ALA A 68 6.87 1.52 -3.94
N VAL A 69 6.24 0.39 -3.62
CA VAL A 69 6.33 -0.18 -2.28
C VAL A 69 6.67 -1.67 -2.34
N ARG A 70 7.88 -2.01 -1.93
CA ARG A 70 8.33 -3.40 -1.94
C ARG A 70 8.22 -4.01 -0.54
N PHE A 71 7.66 -5.20 -0.46
CA PHE A 71 7.50 -5.89 0.81
C PHE A 71 7.30 -7.40 0.60
N ILE A 72 7.61 -8.18 1.62
CA ILE A 72 7.48 -9.63 1.54
C ILE A 72 6.19 -10.09 2.22
N PRO A 73 5.15 -10.36 1.42
CA PRO A 73 3.86 -10.82 1.93
C PRO A 73 3.92 -12.24 2.48
N HIS A 74 4.33 -12.36 3.73
CA HIS A 74 4.44 -13.66 4.38
C HIS A 74 3.62 -13.70 5.67
N GLU A 75 2.48 -14.37 5.61
CA GLU A 75 1.59 -14.47 6.78
C GLU A 75 0.91 -15.84 6.82
N ASN A 76 0.41 -16.20 8.00
CA ASN A 76 -0.27 -17.48 8.17
C ASN A 76 -1.72 -17.40 7.73
N GLY A 77 -2.06 -16.30 7.05
CA GLY A 77 -3.42 -16.12 6.57
C GLY A 77 -3.57 -14.89 5.68
N VAL A 78 -4.56 -14.07 5.97
CA VAL A 78 -4.80 -12.86 5.19
C VAL A 78 -3.97 -11.69 5.72
N HIS A 79 -3.41 -10.91 4.80
CA HIS A 79 -2.60 -9.76 5.18
C HIS A 79 -3.42 -8.47 5.12
N THR A 80 -2.94 -7.44 5.81
CA THR A 80 -3.63 -6.16 5.85
C THR A 80 -2.68 -5.01 5.51
N ILE A 81 -2.92 -4.36 4.38
CA ILE A 81 -2.09 -3.25 3.95
C ILE A 81 -2.52 -1.95 4.61
N ASP A 82 -1.55 -1.15 5.03
CA ASP A 82 -1.83 0.13 5.69
C ASP A 82 -1.30 1.29 4.85
N VAL A 83 -2.20 1.95 4.14
CA VAL A 83 -1.83 3.09 3.30
C VAL A 83 -2.43 4.39 3.83
N LYS A 84 -1.58 5.21 4.43
CA LYS A 84 -2.01 6.50 4.97
C LYS A 84 -1.35 7.65 4.25
N PHE A 85 -2.11 8.73 4.05
CA PHE A 85 -1.61 9.91 3.36
C PHE A 85 -1.80 11.16 4.22
N ASN A 86 -0.70 11.63 4.83
CA ASN A 86 -0.75 12.81 5.68
C ASN A 86 -1.68 12.59 6.87
N GLY A 87 -1.57 11.42 7.48
CA GLY A 87 -2.41 11.11 8.64
C GLY A 87 -3.85 10.87 8.26
N SER A 88 -4.07 10.06 7.23
CA SER A 88 -5.42 9.76 6.76
C SER A 88 -5.43 8.51 5.88
N HIS A 89 -6.15 7.49 6.31
CA HIS A 89 -6.24 6.24 5.56
C HIS A 89 -6.95 6.46 4.23
N VAL A 90 -6.19 6.44 3.14
CA VAL A 90 -6.74 6.62 1.81
C VAL A 90 -8.05 5.87 1.64
N VAL A 91 -8.82 6.26 0.64
CA VAL A 91 -10.10 5.61 0.37
C VAL A 91 -9.93 4.12 0.10
N GLY A 92 -10.67 3.30 0.85
CA GLY A 92 -10.58 1.86 0.68
C GLY A 92 -9.46 1.25 1.52
N SER A 93 -9.09 1.95 2.59
CA SER A 93 -8.02 1.47 3.47
C SER A 93 -8.57 1.22 4.88
N PRO A 94 -8.00 0.20 5.55
CA PRO A 94 -6.93 -0.63 4.99
C PRO A 94 -7.41 -1.52 3.85
N PHE A 95 -6.49 -2.23 3.22
CA PHE A 95 -6.83 -3.12 2.13
C PHE A 95 -6.63 -4.58 2.52
N LYS A 96 -7.54 -5.45 2.08
CA LYS A 96 -7.46 -6.86 2.39
C LYS A 96 -6.89 -7.65 1.20
N VAL A 97 -5.99 -8.58 1.50
CA VAL A 97 -5.38 -9.40 0.47
C VAL A 97 -5.20 -10.84 0.94
N ARG A 98 -5.46 -11.79 0.04
CA ARG A 98 -5.34 -13.20 0.36
C ARG A 98 -4.10 -13.80 -0.28
N VAL A 99 -3.11 -14.14 0.54
CA VAL A 99 -1.87 -14.72 0.04
C VAL A 99 -2.09 -16.14 -0.47
N GLY A 100 -1.70 -16.39 -1.70
CA GLY A 100 -1.87 -17.71 -2.28
C GLY A 100 -1.51 -17.75 -3.76
N GLU A 101 -0.71 -18.72 -4.15
CA GLU A 101 -0.28 -18.86 -5.54
C GLU A 101 -1.33 -19.63 -6.34
N PRO A 102 -1.55 -19.20 -7.59
CA PRO A 102 -2.52 -19.83 -8.49
C PRO A 102 -2.08 -21.22 -8.94
N GLY A 103 -2.64 -22.25 -8.31
CA GLY A 103 -2.29 -23.62 -8.66
C GLY A 103 -0.80 -23.88 -8.53
N GLN A 104 -0.43 -25.16 -8.50
CA GLN A 104 0.97 -25.54 -8.39
C GLN A 104 1.72 -25.28 -9.70
N ALA A 105 2.80 -24.50 -9.60
CA ALA A 105 3.61 -24.17 -10.77
C ALA A 105 3.78 -25.39 -11.67
N GLY A 106 3.21 -25.32 -12.87
CA GLY A 106 3.32 -26.43 -13.81
C GLY A 106 2.26 -27.49 -13.59
N GLY A 1 -21.30 32.20 3.23
CA GLY A 1 -20.08 31.48 2.94
C GLY A 1 -19.41 30.93 4.18
N SER A 2 -18.18 31.37 4.42
CA SER A 2 -17.42 30.93 5.58
C SER A 2 -17.25 29.40 5.57
N SER A 3 -16.92 28.86 4.40
CA SER A 3 -16.74 27.43 4.25
C SER A 3 -16.02 27.11 2.94
N GLY A 4 -15.60 25.85 2.79
CA GLY A 4 -14.91 25.44 1.59
C GLY A 4 -13.82 24.42 1.87
N SER A 5 -12.62 24.68 1.36
CA SER A 5 -11.49 23.78 1.55
C SER A 5 -10.97 23.87 2.97
N SER A 6 -10.52 25.06 3.36
CA SER A 6 -9.98 25.28 4.69
C SER A 6 -8.74 24.43 4.93
N GLY A 7 -7.88 24.35 3.91
CA GLY A 7 -6.67 23.57 4.03
C GLY A 7 -6.94 22.10 4.27
N SER A 8 -7.21 21.36 3.19
CA SER A 8 -7.50 19.93 3.29
C SER A 8 -6.49 19.12 2.50
N ASP A 9 -6.06 18.01 3.08
CA ASP A 9 -5.09 17.13 2.42
C ASP A 9 -5.70 16.47 1.19
N ASP A 10 -4.89 15.70 0.47
CA ASP A 10 -5.34 15.00 -0.73
C ASP A 10 -5.04 13.51 -0.64
N ALA A 11 -5.72 12.83 0.27
CA ALA A 11 -5.52 11.39 0.45
C ALA A 11 -6.51 10.59 -0.39
N ARG A 12 -7.78 10.99 -0.34
CA ARG A 12 -8.81 10.30 -1.09
C ARG A 12 -8.54 10.37 -2.59
N ARG A 13 -7.61 11.24 -2.98
CA ARG A 13 -7.25 11.40 -4.39
C ARG A 13 -6.01 10.59 -4.71
N LEU A 14 -6.01 9.33 -4.32
CA LEU A 14 -4.87 8.45 -4.58
C LEU A 14 -5.33 7.07 -5.01
N THR A 15 -4.84 6.60 -6.16
CA THR A 15 -5.22 5.30 -6.68
C THR A 15 -4.06 4.31 -6.57
N VAL A 16 -4.39 3.06 -6.25
CA VAL A 16 -3.37 2.02 -6.11
C VAL A 16 -3.35 1.10 -7.33
N MET A 17 -2.16 0.87 -7.87
CA MET A 17 -2.00 0.01 -9.03
C MET A 17 -1.06 -1.15 -8.74
N SER A 18 -0.94 -2.07 -9.69
CA SER A 18 -0.08 -3.24 -9.53
C SER A 18 -0.32 -3.90 -8.17
N LEU A 19 -1.59 -4.02 -7.80
CA LEU A 19 -1.95 -4.64 -6.53
C LEU A 19 -2.63 -5.99 -6.76
N GLN A 20 -2.27 -6.98 -5.94
CA GLN A 20 -2.84 -8.32 -6.06
C GLN A 20 -3.91 -8.54 -4.99
N GLU A 21 -4.84 -9.45 -5.28
CA GLU A 21 -5.91 -9.75 -4.34
C GLU A 21 -5.68 -11.10 -3.67
N SER A 22 -5.83 -12.18 -4.44
CA SER A 22 -5.64 -13.52 -3.92
C SER A 22 -4.64 -14.30 -4.77
N GLY A 23 -3.68 -13.58 -5.34
CA GLY A 23 -2.67 -14.22 -6.17
C GLY A 23 -1.26 -13.96 -5.69
N LEU A 24 -1.14 -13.50 -4.45
CA LEU A 24 0.17 -13.21 -3.87
C LEU A 24 1.02 -14.47 -3.77
N LYS A 25 2.33 -14.29 -3.66
CA LYS A 25 3.25 -15.41 -3.55
C LYS A 25 4.10 -15.31 -2.30
N VAL A 26 4.16 -16.40 -1.54
CA VAL A 26 4.94 -16.43 -0.31
C VAL A 26 6.44 -16.51 -0.61
N ASN A 27 7.24 -16.07 0.36
CA ASN A 27 8.70 -16.08 0.21
C ASN A 27 9.11 -15.51 -1.15
N GLN A 28 8.44 -14.44 -1.56
CA GLN A 28 8.74 -13.79 -2.83
C GLN A 28 8.49 -12.29 -2.76
N PRO A 29 9.38 -11.51 -3.40
CA PRO A 29 9.28 -10.05 -3.42
C PRO A 29 8.10 -9.56 -4.25
N ALA A 30 7.19 -8.83 -3.62
CA ALA A 30 6.02 -8.30 -4.30
C ALA A 30 5.85 -6.82 -4.02
N SER A 31 6.06 -5.99 -5.04
CA SER A 31 5.92 -4.54 -4.89
C SER A 31 4.73 -4.03 -5.69
N PHE A 32 4.27 -2.83 -5.35
CA PHE A 32 3.13 -2.22 -6.03
C PHE A 32 3.41 -0.76 -6.34
N ALA A 33 2.60 -0.19 -7.24
CA ALA A 33 2.77 1.21 -7.63
C ALA A 33 1.58 2.05 -7.16
N ILE A 34 1.87 3.26 -6.71
CA ILE A 34 0.83 4.17 -6.23
C ILE A 34 0.64 5.34 -7.19
N ARG A 35 -0.57 5.47 -7.73
CA ARG A 35 -0.87 6.54 -8.66
C ARG A 35 -1.32 7.80 -7.91
N LEU A 36 -0.85 8.96 -8.37
CA LEU A 36 -1.19 10.23 -7.73
C LEU A 36 -1.99 11.11 -8.69
N ASN A 37 -3.20 11.46 -8.29
CA ASN A 37 -4.07 12.30 -9.11
C ASN A 37 -3.76 13.78 -8.89
N GLY A 38 -2.59 14.05 -8.32
CA GLY A 38 -2.19 15.43 -8.06
C GLY A 38 -2.11 15.73 -6.57
N ALA A 39 -1.71 14.75 -5.79
CA ALA A 39 -1.57 14.91 -4.35
C ALA A 39 -0.12 14.97 -3.92
N LYS A 40 0.11 15.24 -2.64
CA LYS A 40 1.48 15.31 -2.11
C LYS A 40 1.45 15.50 -0.60
N GLY A 41 2.36 14.81 0.09
CA GLY A 41 2.43 14.91 1.54
C GLY A 41 3.31 13.86 2.15
N LYS A 42 2.94 13.39 3.34
CA LYS A 42 3.70 12.36 4.04
C LYS A 42 3.19 10.97 3.72
N ILE A 43 3.81 10.32 2.75
CA ILE A 43 3.41 8.98 2.35
C ILE A 43 4.00 7.93 3.28
N ASP A 44 3.15 7.00 3.72
CA ASP A 44 3.59 5.94 4.62
C ASP A 44 2.86 4.63 4.30
N ALA A 45 3.61 3.65 3.79
CA ALA A 45 3.05 2.36 3.44
C ALA A 45 3.59 1.26 4.36
N LYS A 46 2.79 0.84 5.32
CA LYS A 46 3.18 -0.20 6.25
C LYS A 46 2.31 -1.44 6.09
N VAL A 47 2.81 -2.58 6.57
CA VAL A 47 2.07 -3.84 6.47
C VAL A 47 1.71 -4.37 7.85
N HIS A 48 0.56 -5.00 7.95
CA HIS A 48 0.09 -5.56 9.21
C HIS A 48 -0.12 -7.07 9.11
N SER A 49 0.00 -7.77 10.24
CA SER A 49 -0.18 -9.20 10.25
C SER A 49 -1.21 -9.61 11.32
N PRO A 50 -1.86 -10.76 11.10
CA PRO A 50 -2.87 -11.29 12.03
C PRO A 50 -2.26 -11.77 13.34
N SER A 51 -0.95 -11.66 13.44
CA SER A 51 -0.24 -12.08 14.65
C SER A 51 -0.11 -10.93 15.64
N GLY A 52 -0.10 -9.71 15.12
CA GLY A 52 0.01 -8.54 15.97
C GLY A 52 1.35 -7.84 15.81
N ALA A 53 1.93 -7.94 14.62
CA ALA A 53 3.21 -7.32 14.34
C ALA A 53 3.08 -6.28 13.23
N VAL A 54 3.92 -5.25 13.28
CA VAL A 54 3.89 -4.19 12.28
C VAL A 54 5.23 -4.08 11.56
N GLU A 55 5.19 -4.25 10.24
CA GLU A 55 6.41 -4.18 9.43
C GLU A 55 6.35 -2.99 8.46
N GLU A 56 7.50 -2.41 8.18
CA GLU A 56 7.58 -1.28 7.27
C GLU A 56 7.98 -1.73 5.86
N CYS A 57 7.22 -1.27 4.86
CA CYS A 57 7.49 -1.63 3.48
C CYS A 57 8.42 -0.61 2.82
N HIS A 58 9.41 -1.10 2.09
CA HIS A 58 10.37 -0.23 1.41
C HIS A 58 9.65 0.73 0.46
N VAL A 59 9.97 2.02 0.57
CA VAL A 59 9.36 3.03 -0.29
C VAL A 59 10.41 3.93 -0.91
N SER A 60 10.40 4.00 -2.24
CA SER A 60 11.37 4.82 -2.97
C SER A 60 10.66 5.71 -3.98
N GLU A 61 11.02 6.99 -3.99
CA GLU A 61 10.42 7.95 -4.92
C GLU A 61 11.11 7.89 -6.28
N LEU A 62 10.42 7.30 -7.26
CA LEU A 62 10.96 7.18 -8.60
C LEU A 62 10.40 8.26 -9.51
N GLU A 63 9.10 8.52 -9.39
CA GLU A 63 8.44 9.53 -10.20
C GLU A 63 7.75 10.57 -9.32
N PRO A 64 7.58 11.79 -9.86
CA PRO A 64 6.94 12.89 -9.15
C PRO A 64 5.44 12.66 -8.96
N ASP A 65 4.84 11.87 -9.85
CA ASP A 65 3.43 11.57 -9.77
C ASP A 65 3.19 10.08 -9.57
N LYS A 66 4.28 9.33 -9.38
CA LYS A 66 4.20 7.90 -9.17
C LYS A 66 5.18 7.45 -8.08
N TYR A 67 4.87 6.32 -7.44
CA TYR A 67 5.72 5.79 -6.39
C TYR A 67 5.78 4.26 -6.46
N ALA A 68 6.68 3.68 -5.67
CA ALA A 68 6.84 2.23 -5.64
C ALA A 68 7.07 1.73 -4.22
N VAL A 69 6.50 0.58 -3.90
CA VAL A 69 6.65 -0.01 -2.57
C VAL A 69 6.93 -1.50 -2.66
N ARG A 70 7.97 -1.94 -1.96
CA ARG A 70 8.36 -3.34 -1.96
C ARG A 70 8.13 -3.98 -0.58
N PHE A 71 7.56 -5.17 -0.58
CA PHE A 71 7.27 -5.88 0.67
C PHE A 71 7.10 -7.38 0.41
N ILE A 72 7.51 -8.19 1.38
CA ILE A 72 7.39 -9.63 1.27
C ILE A 72 6.14 -10.14 1.96
N PRO A 73 5.12 -10.48 1.14
CA PRO A 73 3.84 -10.99 1.65
C PRO A 73 3.97 -12.39 2.25
N HIS A 74 4.45 -12.46 3.48
CA HIS A 74 4.62 -13.74 4.17
C HIS A 74 3.86 -13.75 5.49
N GLU A 75 2.74 -14.45 5.52
CA GLU A 75 1.92 -14.53 6.72
C GLU A 75 1.25 -15.90 6.83
N ASN A 76 0.51 -16.12 7.92
CA ASN A 76 -0.18 -17.37 8.14
C ASN A 76 -1.69 -17.19 8.04
N GLY A 77 -2.11 -16.06 7.48
CA GLY A 77 -3.53 -15.78 7.34
C GLY A 77 -3.81 -14.73 6.29
N VAL A 78 -4.45 -13.64 6.69
CA VAL A 78 -4.78 -12.56 5.77
C VAL A 78 -3.96 -11.31 6.07
N HIS A 79 -3.30 -10.77 5.04
CA HIS A 79 -2.48 -9.58 5.19
C HIS A 79 -3.36 -8.33 5.19
N THR A 80 -2.80 -7.22 5.69
CA THR A 80 -3.53 -5.96 5.74
C THR A 80 -2.59 -4.78 5.48
N ILE A 81 -2.75 -4.15 4.32
CA ILE A 81 -1.92 -3.00 3.96
C ILE A 81 -2.47 -1.72 4.55
N ASP A 82 -1.59 -0.95 5.20
CA ASP A 82 -1.99 0.31 5.82
C ASP A 82 -1.38 1.50 5.07
N VAL A 83 -2.16 2.09 4.18
CA VAL A 83 -1.70 3.23 3.39
C VAL A 83 -2.22 4.54 3.97
N LYS A 84 -1.35 5.26 4.67
CA LYS A 84 -1.72 6.53 5.28
C LYS A 84 -1.13 7.70 4.49
N PHE A 85 -1.93 8.75 4.30
CA PHE A 85 -1.49 9.93 3.58
C PHE A 85 -1.87 11.21 4.32
N ASN A 86 -0.92 11.77 5.06
CA ASN A 86 -1.16 12.99 5.81
C ASN A 86 -2.06 12.71 7.02
N GLY A 87 -1.69 11.71 7.81
CA GLY A 87 -2.47 11.37 8.99
C GLY A 87 -3.88 10.94 8.64
N SER A 88 -4.06 10.43 7.42
CA SER A 88 -5.37 9.99 6.97
C SER A 88 -5.28 8.61 6.31
N HIS A 89 -6.43 8.05 5.97
CA HIS A 89 -6.48 6.74 5.33
C HIS A 89 -7.19 6.81 3.98
N VAL A 90 -6.44 6.55 2.91
CA VAL A 90 -7.00 6.59 1.56
C VAL A 90 -8.27 5.76 1.47
N VAL A 91 -8.80 5.64 0.25
CA VAL A 91 -10.02 4.87 0.02
C VAL A 91 -9.75 3.37 0.14
N GLY A 92 -10.68 2.65 0.74
CA GLY A 92 -10.53 1.22 0.91
C GLY A 92 -9.35 0.86 1.80
N SER A 93 -9.11 1.69 2.80
CA SER A 93 -8.00 1.46 3.73
C SER A 93 -8.51 1.38 5.17
N PRO A 94 -7.91 0.47 5.96
CA PRO A 94 -6.83 -0.39 5.48
C PRO A 94 -7.32 -1.45 4.50
N PHE A 95 -6.41 -1.95 3.67
CA PHE A 95 -6.76 -2.96 2.68
C PHE A 95 -6.52 -4.36 3.23
N LYS A 96 -7.14 -5.35 2.59
CA LYS A 96 -7.00 -6.74 3.02
C LYS A 96 -6.72 -7.65 1.82
N VAL A 97 -5.72 -8.51 1.96
CA VAL A 97 -5.35 -9.43 0.89
C VAL A 97 -4.95 -10.79 1.45
N ARG A 98 -5.13 -11.83 0.65
CA ARG A 98 -4.78 -13.19 1.06
C ARG A 98 -3.66 -13.75 0.20
N VAL A 99 -2.73 -14.45 0.83
CA VAL A 99 -1.61 -15.05 0.13
C VAL A 99 -1.90 -16.49 -0.26
N GLY A 100 -1.72 -16.80 -1.54
CA GLY A 100 -1.97 -18.14 -2.02
C GLY A 100 -1.98 -18.22 -3.54
N GLU A 101 -1.46 -19.32 -4.08
CA GLU A 101 -1.40 -19.51 -5.52
C GLU A 101 -2.67 -20.22 -6.02
N PRO A 102 -3.17 -19.77 -7.18
CA PRO A 102 -4.38 -20.34 -7.79
C PRO A 102 -4.15 -21.75 -8.33
N GLY A 103 -2.89 -22.08 -8.59
CA GLY A 103 -2.55 -23.39 -9.10
C GLY A 103 -1.85 -23.34 -10.45
N GLN A 104 -1.77 -24.49 -11.11
CA GLN A 104 -1.11 -24.56 -12.42
C GLN A 104 -1.79 -23.63 -13.42
N ALA A 105 -3.11 -23.72 -13.51
CA ALA A 105 -3.87 -22.88 -14.43
C ALA A 105 -3.24 -22.87 -15.81
N GLY A 106 -2.66 -24.01 -16.20
CA GLY A 106 -2.03 -24.10 -17.51
C GLY A 106 -2.59 -25.24 -18.34
N GLY A 1 7.51 15.44 3.34
CA GLY A 1 7.98 16.80 3.57
C GLY A 1 7.67 17.28 4.98
N SER A 2 6.74 18.23 5.09
CA SER A 2 6.37 18.77 6.39
C SER A 2 5.42 17.83 7.13
N SER A 3 5.34 18.00 8.45
CA SER A 3 4.47 17.16 9.27
C SER A 3 3.98 17.92 10.49
N GLY A 4 2.69 17.78 10.78
CA GLY A 4 2.11 18.46 11.92
C GLY A 4 1.02 19.43 11.52
N SER A 5 1.42 20.54 10.90
CA SER A 5 0.47 21.56 10.48
C SER A 5 -0.71 20.93 9.75
N SER A 6 -1.85 20.84 10.44
CA SER A 6 -3.05 20.25 9.85
C SER A 6 -3.85 21.30 9.09
N GLY A 7 -4.70 20.84 8.18
CA GLY A 7 -5.51 21.75 7.39
C GLY A 7 -6.35 21.03 6.35
N SER A 8 -5.68 20.52 5.32
CA SER A 8 -6.37 19.80 4.24
C SER A 8 -5.42 18.85 3.54
N ASP A 9 -5.93 17.67 3.20
CA ASP A 9 -5.13 16.65 2.51
C ASP A 9 -5.89 16.08 1.32
N ASP A 10 -5.15 15.43 0.42
CA ASP A 10 -5.76 14.84 -0.77
C ASP A 10 -5.56 13.33 -0.78
N ALA A 11 -5.71 12.71 0.38
CA ALA A 11 -5.55 11.26 0.51
C ALA A 11 -6.57 10.52 -0.34
N ARG A 12 -7.77 11.08 -0.45
CA ARG A 12 -8.84 10.47 -1.23
C ARG A 12 -8.59 10.64 -2.73
N ARG A 13 -7.44 11.22 -3.07
CA ARG A 13 -7.08 11.45 -4.46
C ARG A 13 -5.86 10.62 -4.85
N LEU A 14 -5.83 9.38 -4.38
CA LEU A 14 -4.72 8.49 -4.69
C LEU A 14 -5.23 7.13 -5.17
N THR A 15 -4.66 6.64 -6.26
CA THR A 15 -5.06 5.35 -6.82
C THR A 15 -3.97 4.31 -6.63
N VAL A 16 -4.37 3.11 -6.23
CA VAL A 16 -3.42 2.01 -6.01
C VAL A 16 -3.55 0.94 -7.09
N MET A 17 -2.59 0.91 -8.01
CA MET A 17 -2.60 -0.06 -9.09
C MET A 17 -1.68 -1.23 -8.78
N SER A 18 -1.54 -2.15 -9.74
CA SER A 18 -0.69 -3.31 -9.56
C SER A 18 -0.82 -3.89 -8.15
N LEU A 19 -2.06 -4.04 -7.70
CA LEU A 19 -2.34 -4.58 -6.38
C LEU A 19 -2.81 -6.03 -6.45
N GLN A 20 -2.11 -6.91 -5.74
CA GLN A 20 -2.46 -8.33 -5.73
C GLN A 20 -3.36 -8.66 -4.54
N GLU A 21 -4.30 -9.57 -4.75
CA GLU A 21 -5.21 -9.98 -3.69
C GLU A 21 -5.31 -11.50 -3.61
N SER A 22 -5.36 -12.16 -4.77
CA SER A 22 -5.45 -13.61 -4.81
C SER A 22 -4.34 -14.19 -5.70
N GLY A 23 -3.22 -13.49 -5.77
CA GLY A 23 -2.11 -13.95 -6.58
C GLY A 23 -0.78 -13.85 -5.87
N LEU A 24 -0.81 -13.35 -4.64
CA LEU A 24 0.40 -13.19 -3.84
C LEU A 24 1.09 -14.54 -3.62
N LYS A 25 2.41 -14.50 -3.42
CA LYS A 25 3.18 -15.71 -3.20
C LYS A 25 4.02 -15.59 -1.92
N VAL A 26 3.94 -16.61 -1.08
CA VAL A 26 4.69 -16.62 0.18
C VAL A 26 6.19 -16.61 -0.09
N ASN A 27 6.90 -15.73 0.60
CA ASN A 27 8.35 -15.63 0.45
C ASN A 27 8.71 -15.15 -0.95
N GLN A 28 7.98 -14.15 -1.44
CA GLN A 28 8.23 -13.61 -2.78
C GLN A 28 8.13 -12.09 -2.77
N PRO A 29 9.05 -11.43 -3.50
CA PRO A 29 9.10 -9.97 -3.60
C PRO A 29 7.93 -9.41 -4.40
N ALA A 30 7.05 -8.69 -3.72
CA ALA A 30 5.89 -8.10 -4.37
C ALA A 30 5.83 -6.59 -4.12
N SER A 31 5.49 -5.84 -5.15
CA SER A 31 5.41 -4.38 -5.05
C SER A 31 4.25 -3.84 -5.89
N PHE A 32 3.73 -2.68 -5.50
CA PHE A 32 2.62 -2.07 -6.22
C PHE A 32 2.95 -0.63 -6.59
N ALA A 33 2.16 -0.06 -7.49
CA ALA A 33 2.37 1.31 -7.94
C ALA A 33 1.30 2.24 -7.39
N ILE A 34 1.71 3.37 -6.83
CA ILE A 34 0.79 4.34 -6.26
C ILE A 34 0.61 5.54 -7.19
N ARG A 35 -0.52 5.59 -7.88
CA ARG A 35 -0.81 6.68 -8.79
C ARG A 35 -1.28 7.92 -8.04
N LEU A 36 -0.74 9.08 -8.42
CA LEU A 36 -1.09 10.34 -7.78
C LEU A 36 -1.87 11.24 -8.73
N ASN A 37 -3.08 11.59 -8.34
CA ASN A 37 -3.94 12.45 -9.16
C ASN A 37 -3.60 13.92 -8.92
N GLY A 38 -2.38 14.19 -8.49
CA GLY A 38 -1.96 15.56 -8.23
C GLY A 38 -1.99 15.90 -6.76
N ALA A 39 -1.69 14.93 -5.92
CA ALA A 39 -1.69 15.14 -4.47
C ALA A 39 -0.27 15.15 -3.92
N LYS A 40 -0.13 15.46 -2.64
CA LYS A 40 1.17 15.49 -1.99
C LYS A 40 1.01 15.51 -0.47
N GLY A 41 2.09 15.16 0.23
CA GLY A 41 2.07 15.14 1.68
C GLY A 41 3.04 14.14 2.26
N LYS A 42 2.51 13.18 3.03
CA LYS A 42 3.34 12.16 3.64
C LYS A 42 2.84 10.76 3.29
N ILE A 43 3.67 10.00 2.58
CA ILE A 43 3.32 8.65 2.17
C ILE A 43 3.91 7.62 3.12
N ASP A 44 3.05 6.82 3.74
CA ASP A 44 3.49 5.79 4.67
C ASP A 44 2.81 4.46 4.38
N ALA A 45 3.58 3.49 3.92
CA ALA A 45 3.05 2.16 3.60
C ALA A 45 3.71 1.09 4.45
N LYS A 46 2.93 0.48 5.35
CA LYS A 46 3.43 -0.57 6.22
C LYS A 46 2.52 -1.79 6.19
N VAL A 47 3.12 -2.98 6.26
CA VAL A 47 2.36 -4.23 6.25
C VAL A 47 2.11 -4.72 7.66
N HIS A 48 0.85 -5.05 7.96
CA HIS A 48 0.48 -5.56 9.27
C HIS A 48 0.18 -7.04 9.22
N SER A 49 0.18 -7.69 10.39
CA SER A 49 -0.09 -9.11 10.47
C SER A 49 -1.19 -9.40 11.49
N PRO A 50 -1.90 -10.51 11.30
CA PRO A 50 -3.00 -10.92 12.20
C PRO A 50 -2.48 -11.37 13.56
N SER A 51 -1.17 -11.31 13.75
CA SER A 51 -0.56 -11.72 15.00
C SER A 51 -0.32 -10.51 15.91
N GLY A 52 -0.18 -9.34 15.30
CA GLY A 52 0.06 -8.12 16.06
C GLY A 52 1.43 -7.54 15.82
N ALA A 53 2.02 -7.84 14.66
CA ALA A 53 3.33 -7.35 14.31
C ALA A 53 3.25 -6.24 13.28
N VAL A 54 4.23 -5.34 13.28
CA VAL A 54 4.26 -4.23 12.35
C VAL A 54 5.51 -4.29 11.47
N GLU A 55 5.31 -4.49 10.17
CA GLU A 55 6.43 -4.56 9.23
C GLU A 55 6.41 -3.37 8.29
N GLU A 56 7.60 -2.86 7.98
CA GLU A 56 7.73 -1.71 7.08
C GLU A 56 7.99 -2.17 5.65
N CYS A 57 7.47 -1.41 4.68
CA CYS A 57 7.64 -1.73 3.28
C CYS A 57 8.59 -0.75 2.60
N HIS A 58 9.49 -1.27 1.77
CA HIS A 58 10.46 -0.44 1.07
C HIS A 58 9.74 0.57 0.17
N VAL A 59 9.90 1.85 0.50
CA VAL A 59 9.28 2.92 -0.27
C VAL A 59 10.32 3.83 -0.91
N SER A 60 10.33 3.88 -2.23
CA SER A 60 11.29 4.72 -2.96
C SER A 60 10.57 5.69 -3.89
N GLU A 61 11.12 6.89 -4.00
CA GLU A 61 10.52 7.92 -4.86
C GLU A 61 11.21 7.96 -6.22
N LEU A 62 10.65 7.25 -7.19
CA LEU A 62 11.20 7.20 -8.53
C LEU A 62 10.72 8.38 -9.37
N GLU A 63 9.46 8.77 -9.16
CA GLU A 63 8.89 9.89 -9.89
C GLU A 63 8.07 10.79 -8.97
N PRO A 64 7.93 12.07 -9.34
CA PRO A 64 7.18 13.04 -8.56
C PRO A 64 5.68 12.77 -8.58
N ASP A 65 5.24 11.97 -9.54
CA ASP A 65 3.83 11.63 -9.67
C ASP A 65 3.62 10.13 -9.55
N LYS A 66 4.71 9.39 -9.46
CA LYS A 66 4.65 7.93 -9.34
C LYS A 66 5.46 7.45 -8.14
N TYR A 67 5.01 6.37 -7.52
CA TYR A 67 5.67 5.81 -6.36
C TYR A 67 5.65 4.28 -6.40
N ALA A 68 6.62 3.67 -5.71
CA ALA A 68 6.70 2.21 -5.67
C ALA A 68 6.95 1.72 -4.24
N VAL A 69 6.33 0.60 -3.89
CA VAL A 69 6.48 0.03 -2.56
C VAL A 69 6.73 -1.48 -2.64
N ARG A 70 7.88 -1.90 -2.12
CA ARG A 70 8.24 -3.32 -2.13
C ARG A 70 8.03 -3.94 -0.75
N PHE A 71 7.49 -5.16 -0.75
CA PHE A 71 7.23 -5.87 0.50
C PHE A 71 7.09 -7.37 0.25
N ILE A 72 7.20 -8.15 1.33
CA ILE A 72 7.09 -9.60 1.23
C ILE A 72 5.86 -10.11 1.97
N PRO A 73 4.83 -10.51 1.21
CA PRO A 73 3.57 -11.03 1.78
C PRO A 73 3.75 -12.40 2.43
N HIS A 74 4.27 -12.40 3.66
CA HIS A 74 4.49 -13.64 4.38
C HIS A 74 3.77 -13.62 5.72
N GLU A 75 2.66 -14.34 5.81
CA GLU A 75 1.88 -14.41 7.04
C GLU A 75 1.24 -15.78 7.22
N ASN A 76 0.56 -15.98 8.33
CA ASN A 76 -0.09 -17.24 8.62
C ASN A 76 -1.58 -17.17 8.31
N GLY A 77 -2.00 -16.09 7.66
CA GLY A 77 -3.38 -15.92 7.31
C GLY A 77 -3.60 -14.84 6.26
N VAL A 78 -4.31 -13.78 6.64
CA VAL A 78 -4.58 -12.67 5.73
C VAL A 78 -3.71 -11.48 6.05
N HIS A 79 -3.24 -10.79 5.01
CA HIS A 79 -2.40 -9.62 5.18
C HIS A 79 -3.23 -8.34 5.19
N THR A 80 -2.70 -7.29 5.82
CA THR A 80 -3.40 -6.02 5.90
C THR A 80 -2.45 -4.85 5.60
N ILE A 81 -2.65 -4.23 4.45
CA ILE A 81 -1.81 -3.11 4.03
C ILE A 81 -2.36 -1.80 4.58
N ASP A 82 -1.54 -1.08 5.34
CA ASP A 82 -1.94 0.19 5.92
C ASP A 82 -1.33 1.36 5.15
N VAL A 83 -2.18 2.12 4.45
CA VAL A 83 -1.73 3.26 3.67
C VAL A 83 -2.20 4.57 4.29
N LYS A 84 -1.25 5.35 4.80
CA LYS A 84 -1.57 6.64 5.42
C LYS A 84 -1.06 7.79 4.57
N PHE A 85 -1.91 8.79 4.35
CA PHE A 85 -1.55 9.95 3.55
C PHE A 85 -1.91 11.24 4.28
N ASN A 86 -0.90 11.88 4.87
CA ASN A 86 -1.11 13.12 5.60
C ASN A 86 -2.01 12.90 6.81
N GLY A 87 -1.87 11.74 7.44
CA GLY A 87 -2.68 11.41 8.60
C GLY A 87 -4.13 11.16 8.25
N SER A 88 -4.35 10.22 7.34
CA SER A 88 -5.70 9.88 6.92
C SER A 88 -5.69 8.66 5.98
N HIS A 89 -6.27 7.56 6.46
CA HIS A 89 -6.32 6.34 5.67
C HIS A 89 -7.08 6.56 4.37
N VAL A 90 -6.38 6.41 3.24
CA VAL A 90 -6.99 6.60 1.93
C VAL A 90 -8.27 5.79 1.80
N VAL A 91 -8.86 5.81 0.60
CA VAL A 91 -10.09 5.08 0.35
C VAL A 91 -9.84 3.57 0.34
N GLY A 92 -10.77 2.82 0.93
CA GLY A 92 -10.63 1.38 0.98
C GLY A 92 -9.41 0.94 1.76
N SER A 93 -9.04 1.72 2.78
CA SER A 93 -7.89 1.41 3.61
C SER A 93 -8.32 1.19 5.05
N PRO A 94 -7.63 0.26 5.73
CA PRO A 94 -6.52 -0.52 5.13
C PRO A 94 -7.01 -1.50 4.07
N PHE A 95 -6.08 -2.12 3.36
CA PHE A 95 -6.41 -3.08 2.33
C PHE A 95 -6.16 -4.51 2.80
N LYS A 96 -6.96 -5.45 2.30
CA LYS A 96 -6.81 -6.85 2.67
C LYS A 96 -6.52 -7.71 1.45
N VAL A 97 -5.64 -8.69 1.62
CA VAL A 97 -5.28 -9.59 0.53
C VAL A 97 -5.02 -11.00 1.04
N ARG A 98 -5.35 -11.99 0.22
CA ARG A 98 -5.14 -13.38 0.60
C ARG A 98 -3.88 -13.94 -0.05
N VAL A 99 -3.05 -14.61 0.75
CA VAL A 99 -1.81 -15.19 0.26
C VAL A 99 -2.05 -16.60 -0.28
N GLY A 100 -1.57 -16.85 -1.49
CA GLY A 100 -1.73 -18.16 -2.11
C GLY A 100 -1.64 -18.11 -3.62
N GLU A 101 -1.06 -19.14 -4.21
CA GLU A 101 -0.90 -19.22 -5.65
C GLU A 101 -2.21 -19.64 -6.32
N PRO A 102 -2.53 -18.99 -7.46
CA PRO A 102 -3.75 -19.28 -8.22
C PRO A 102 -3.70 -20.65 -8.89
N GLY A 103 -2.57 -21.34 -8.76
CA GLY A 103 -2.42 -22.65 -9.36
C GLY A 103 -1.85 -22.59 -10.75
N GLN A 104 -2.01 -23.67 -11.50
CA GLN A 104 -1.51 -23.73 -12.87
C GLN A 104 -2.65 -23.65 -13.87
N ALA A 105 -2.63 -22.61 -14.70
CA ALA A 105 -3.66 -22.41 -15.71
C ALA A 105 -3.25 -23.03 -17.04
N GLY A 106 -4.13 -23.86 -17.59
CA GLY A 106 -3.84 -24.51 -18.86
C GLY A 106 -4.96 -24.32 -19.87
N GLY A 1 2.59 31.48 -1.03
CA GLY A 1 2.87 30.76 0.20
C GLY A 1 2.09 29.47 0.32
N SER A 2 2.79 28.38 0.64
CA SER A 2 2.15 27.08 0.77
C SER A 2 2.04 26.67 2.24
N SER A 3 0.89 26.95 2.83
CA SER A 3 0.66 26.61 4.24
C SER A 3 -0.67 25.88 4.41
N GLY A 4 -0.62 24.71 5.05
CA GLY A 4 -1.82 23.93 5.26
C GLY A 4 -1.61 22.82 6.28
N SER A 5 -1.96 23.10 7.53
CA SER A 5 -1.81 22.12 8.61
C SER A 5 -3.17 21.60 9.06
N SER A 6 -3.21 20.34 9.48
CA SER A 6 -4.45 19.73 9.94
C SER A 6 -5.64 20.24 9.16
N GLY A 7 -5.47 20.36 7.84
CA GLY A 7 -6.54 20.84 6.99
C GLY A 7 -7.02 19.79 6.01
N SER A 8 -7.85 20.20 5.05
CA SER A 8 -8.39 19.28 4.06
C SER A 8 -7.26 18.55 3.33
N ASP A 9 -7.19 17.25 3.52
CA ASP A 9 -6.17 16.43 2.88
C ASP A 9 -6.72 15.71 1.66
N ASP A 10 -5.83 15.28 0.77
CA ASP A 10 -6.24 14.56 -0.44
C ASP A 10 -5.90 13.09 -0.34
N ALA A 11 -6.17 12.49 0.82
CA ALA A 11 -5.89 11.08 1.04
C ALA A 11 -6.82 10.20 0.21
N ARG A 12 -8.02 10.71 -0.08
CA ARG A 12 -8.99 9.97 -0.87
C ARG A 12 -8.74 10.17 -2.37
N ARG A 13 -7.64 10.84 -2.69
CA ARG A 13 -7.28 11.10 -4.08
C ARG A 13 -6.02 10.33 -4.48
N LEU A 14 -6.00 9.04 -4.16
CA LEU A 14 -4.86 8.19 -4.48
C LEU A 14 -5.31 6.84 -5.02
N THR A 15 -4.91 6.53 -6.24
CA THR A 15 -5.26 5.26 -6.86
C THR A 15 -4.14 4.24 -6.74
N VAL A 16 -4.51 2.98 -6.58
CA VAL A 16 -3.53 1.90 -6.45
C VAL A 16 -3.51 1.02 -7.70
N MET A 17 -2.31 0.78 -8.22
CA MET A 17 -2.16 -0.05 -9.41
C MET A 17 -1.25 -1.24 -9.12
N SER A 18 -1.15 -2.15 -10.09
CA SER A 18 -0.31 -3.33 -9.93
C SER A 18 -0.45 -3.93 -8.53
N LEU A 19 -1.68 -3.97 -8.04
CA LEU A 19 -1.96 -4.50 -6.71
C LEU A 19 -2.56 -5.90 -6.80
N GLN A 20 -2.26 -6.74 -5.81
CA GLN A 20 -2.78 -8.10 -5.78
C GLN A 20 -3.99 -8.20 -4.87
N GLU A 21 -4.84 -9.19 -5.12
CA GLU A 21 -6.03 -9.39 -4.31
C GLU A 21 -5.95 -10.71 -3.53
N SER A 22 -6.05 -11.82 -4.25
CA SER A 22 -5.99 -13.13 -3.62
C SER A 22 -5.02 -14.05 -4.37
N GLY A 23 -4.03 -13.45 -5.01
CA GLY A 23 -3.05 -14.22 -5.75
C GLY A 23 -1.62 -13.80 -5.47
N LEU A 24 -1.12 -14.15 -4.30
CA LEU A 24 0.24 -13.80 -3.90
C LEU A 24 1.16 -15.02 -3.95
N LYS A 25 2.40 -14.83 -3.52
CA LYS A 25 3.38 -15.91 -3.51
C LYS A 25 4.24 -15.85 -2.27
N VAL A 26 4.10 -16.84 -1.39
CA VAL A 26 4.88 -16.90 -0.16
C VAL A 26 6.37 -17.01 -0.46
N ASN A 27 7.19 -16.33 0.34
CA ASN A 27 8.63 -16.35 0.16
C ASN A 27 9.02 -15.76 -1.19
N GLN A 28 8.39 -14.64 -1.55
CA GLN A 28 8.68 -13.97 -2.81
C GLN A 28 8.45 -12.47 -2.71
N PRO A 29 9.35 -11.69 -3.32
CA PRO A 29 9.27 -10.23 -3.31
C PRO A 29 8.10 -9.71 -4.14
N ALA A 30 7.18 -9.00 -3.47
CA ALA A 30 6.02 -8.44 -4.15
C ALA A 30 5.93 -6.93 -3.94
N SER A 31 6.00 -6.18 -5.04
CA SER A 31 5.93 -4.72 -4.97
C SER A 31 4.84 -4.19 -5.89
N PHE A 32 4.16 -3.13 -5.46
CA PHE A 32 3.10 -2.52 -6.24
C PHE A 32 3.37 -1.04 -6.48
N ALA A 33 2.66 -0.46 -7.43
CA ALA A 33 2.82 0.95 -7.76
C ALA A 33 1.64 1.77 -7.28
N ILE A 34 1.87 3.05 -6.98
CA ILE A 34 0.82 3.94 -6.51
C ILE A 34 0.69 5.15 -7.41
N ARG A 35 -0.54 5.59 -7.63
CA ARG A 35 -0.80 6.76 -8.47
C ARG A 35 -1.22 7.96 -7.62
N LEU A 36 -0.77 9.14 -8.03
CA LEU A 36 -1.09 10.37 -7.31
C LEU A 36 -1.80 11.37 -8.23
N ASN A 37 -3.03 11.74 -7.86
CA ASN A 37 -3.81 12.69 -8.65
C ASN A 37 -3.50 14.12 -8.23
N GLY A 38 -2.32 14.33 -7.67
CA GLY A 38 -1.93 15.66 -7.23
C GLY A 38 -1.99 15.81 -5.72
N ALA A 39 -1.75 14.72 -5.00
CA ALA A 39 -1.78 14.74 -3.55
C ALA A 39 -0.40 15.04 -2.97
N LYS A 40 -0.32 16.06 -2.13
CA LYS A 40 0.94 16.46 -1.52
C LYS A 40 0.90 16.23 0.00
N GLY A 41 1.97 15.64 0.53
CA GLY A 41 2.04 15.37 1.95
C GLY A 41 3.12 14.39 2.30
N LYS A 42 2.76 13.34 3.05
CA LYS A 42 3.71 12.32 3.45
C LYS A 42 3.19 10.92 3.13
N ILE A 43 3.86 10.25 2.21
CA ILE A 43 3.45 8.90 1.80
C ILE A 43 4.09 7.85 2.71
N ASP A 44 3.26 7.25 3.57
CA ASP A 44 3.75 6.22 4.49
C ASP A 44 3.03 4.89 4.23
N ALA A 45 3.81 3.87 3.90
CA ALA A 45 3.27 2.54 3.63
C ALA A 45 3.85 1.51 4.58
N LYS A 46 2.96 0.74 5.22
CA LYS A 46 3.38 -0.28 6.15
C LYS A 46 2.42 -1.47 6.13
N VAL A 47 2.97 -2.67 6.26
CA VAL A 47 2.15 -3.88 6.26
C VAL A 47 1.82 -4.33 7.67
N HIS A 48 0.61 -4.84 7.87
CA HIS A 48 0.17 -5.31 9.18
C HIS A 48 0.03 -6.82 9.20
N SER A 49 0.07 -7.40 10.39
CA SER A 49 -0.05 -8.85 10.55
C SER A 49 -1.09 -9.20 11.61
N PRO A 50 -1.71 -10.38 11.46
CA PRO A 50 -2.73 -10.86 12.40
C PRO A 50 -2.15 -11.21 13.77
N SER A 51 -0.84 -11.06 13.90
CA SER A 51 -0.16 -11.37 15.15
C SER A 51 0.26 -10.09 15.87
N GLY A 52 -0.33 -8.97 15.46
CA GLY A 52 0.00 -7.69 16.08
C GLY A 52 1.39 -7.22 15.72
N ALA A 53 1.85 -7.59 14.53
CA ALA A 53 3.18 -7.20 14.07
C ALA A 53 3.10 -6.15 12.97
N VAL A 54 4.04 -5.22 12.96
CA VAL A 54 4.06 -4.16 11.96
C VAL A 54 5.43 -4.10 11.26
N GLU A 55 5.44 -4.39 9.97
CA GLU A 55 6.67 -4.37 9.20
C GLU A 55 6.76 -3.09 8.36
N GLU A 56 7.92 -2.88 7.74
CA GLU A 56 8.14 -1.70 6.91
C GLU A 56 8.37 -2.09 5.46
N CYS A 57 7.68 -1.42 4.55
CA CYS A 57 7.81 -1.70 3.12
C CYS A 57 8.71 -0.67 2.45
N HIS A 58 9.69 -1.16 1.68
CA HIS A 58 10.63 -0.29 0.99
C HIS A 58 9.89 0.65 0.04
N VAL A 59 9.80 1.93 0.42
CA VAL A 59 9.12 2.92 -0.40
C VAL A 59 10.11 3.94 -0.95
N SER A 60 10.31 3.91 -2.27
CA SER A 60 11.24 4.83 -2.91
C SER A 60 10.49 5.76 -3.87
N GLU A 61 10.94 7.01 -3.94
CA GLU A 61 10.32 8.00 -4.81
C GLU A 61 11.04 8.07 -6.16
N LEU A 62 10.52 7.36 -7.15
CA LEU A 62 11.13 7.35 -8.47
C LEU A 62 10.54 8.46 -9.34
N GLU A 63 9.23 8.68 -9.23
CA GLU A 63 8.56 9.71 -10.01
C GLU A 63 7.78 10.66 -9.09
N PRO A 64 7.72 11.93 -9.48
CA PRO A 64 7.01 12.96 -8.71
C PRO A 64 5.50 12.77 -8.75
N ASP A 65 5.04 11.80 -9.54
CA ASP A 65 3.62 11.51 -9.66
C ASP A 65 3.34 10.02 -9.47
N LYS A 66 4.41 9.25 -9.25
CA LYS A 66 4.28 7.82 -9.06
C LYS A 66 5.24 7.33 -7.98
N TYR A 67 4.82 6.31 -7.24
CA TYR A 67 5.64 5.76 -6.17
C TYR A 67 5.62 4.23 -6.21
N ALA A 68 6.62 3.62 -5.58
CA ALA A 68 6.72 2.17 -5.54
C ALA A 68 6.89 1.66 -4.11
N VAL A 69 6.39 0.47 -3.84
CA VAL A 69 6.49 -0.12 -2.51
C VAL A 69 6.77 -1.62 -2.60
N ARG A 70 7.88 -2.04 -1.99
CA ARG A 70 8.27 -3.44 -1.99
C ARG A 70 8.07 -4.07 -0.61
N PHE A 71 7.51 -5.27 -0.59
CA PHE A 71 7.26 -5.98 0.67
C PHE A 71 7.11 -7.48 0.42
N ILE A 72 7.50 -8.27 1.42
CA ILE A 72 7.41 -9.72 1.31
C ILE A 72 6.15 -10.24 2.00
N PRO A 73 5.16 -10.64 1.18
CA PRO A 73 3.88 -11.16 1.68
C PRO A 73 4.03 -12.54 2.32
N HIS A 74 4.49 -12.55 3.58
CA HIS A 74 4.68 -13.80 4.31
C HIS A 74 3.90 -13.79 5.61
N GLU A 75 2.79 -14.52 5.64
CA GLU A 75 1.95 -14.59 6.83
C GLU A 75 1.31 -15.98 6.96
N ASN A 76 0.56 -16.17 8.04
CA ASN A 76 -0.10 -17.45 8.29
C ASN A 76 -1.60 -17.33 8.04
N GLY A 77 -2.02 -16.22 7.46
CA GLY A 77 -3.42 -16.01 7.18
C GLY A 77 -3.66 -14.94 6.14
N VAL A 78 -4.33 -13.85 6.53
CA VAL A 78 -4.62 -12.75 5.63
C VAL A 78 -3.75 -11.54 5.94
N HIS A 79 -3.36 -10.80 4.90
CA HIS A 79 -2.54 -9.61 5.08
C HIS A 79 -3.39 -8.35 5.05
N THR A 80 -2.87 -7.28 5.62
CA THR A 80 -3.58 -6.00 5.67
C THR A 80 -2.63 -4.84 5.45
N ILE A 81 -2.74 -4.19 4.29
CA ILE A 81 -1.89 -3.05 3.96
C ILE A 81 -2.39 -1.78 4.65
N ASP A 82 -1.44 -0.94 5.06
CA ASP A 82 -1.79 0.32 5.73
C ASP A 82 -1.18 1.50 4.99
N VAL A 83 -2.03 2.27 4.30
CA VAL A 83 -1.58 3.43 3.56
C VAL A 83 -2.17 4.72 4.13
N LYS A 84 -1.35 5.46 4.86
CA LYS A 84 -1.79 6.71 5.46
C LYS A 84 -1.25 7.91 4.68
N PHE A 85 -2.10 8.92 4.49
CA PHE A 85 -1.71 10.12 3.77
C PHE A 85 -2.13 11.38 4.52
N ASN A 86 -1.16 12.05 5.12
CA ASN A 86 -1.42 13.27 5.87
C ASN A 86 -2.37 12.99 7.04
N GLY A 87 -2.18 11.83 7.67
CA GLY A 87 -3.01 11.46 8.80
C GLY A 87 -4.42 11.09 8.39
N SER A 88 -4.53 10.17 7.43
CA SER A 88 -5.83 9.73 6.95
C SER A 88 -5.67 8.56 5.97
N HIS A 89 -6.35 7.46 6.27
CA HIS A 89 -6.30 6.27 5.42
C HIS A 89 -6.99 6.52 4.09
N VAL A 90 -6.23 6.45 3.01
CA VAL A 90 -6.79 6.66 1.67
C VAL A 90 -8.04 5.82 1.45
N VAL A 91 -8.67 6.00 0.29
CA VAL A 91 -9.88 5.26 -0.04
C VAL A 91 -9.60 3.77 -0.14
N GLY A 92 -10.53 2.96 0.36
CA GLY A 92 -10.37 1.52 0.33
C GLY A 92 -9.22 1.05 1.19
N SER A 93 -8.96 1.76 2.28
CA SER A 93 -7.89 1.41 3.19
C SER A 93 -8.41 1.21 4.61
N PRO A 94 -7.83 0.23 5.32
CA PRO A 94 -6.76 -0.61 4.79
C PRO A 94 -7.25 -1.56 3.70
N PHE A 95 -6.32 -2.30 3.12
CA PHE A 95 -6.66 -3.25 2.06
C PHE A 95 -6.47 -4.69 2.53
N LYS A 96 -7.36 -5.57 2.09
CA LYS A 96 -7.29 -6.98 2.47
C LYS A 96 -6.87 -7.84 1.29
N VAL A 97 -6.02 -8.83 1.55
CA VAL A 97 -5.55 -9.73 0.50
C VAL A 97 -5.11 -11.07 1.09
N ARG A 98 -5.58 -12.15 0.48
CA ARG A 98 -5.25 -13.49 0.94
C ARG A 98 -4.00 -14.02 0.23
N VAL A 99 -3.12 -14.66 0.99
CA VAL A 99 -1.89 -15.20 0.44
C VAL A 99 -2.04 -16.69 0.13
N GLY A 100 -1.61 -17.08 -1.07
CA GLY A 100 -1.70 -18.48 -1.47
C GLY A 100 -1.25 -18.70 -2.90
N GLU A 101 -0.56 -19.81 -3.14
CA GLU A 101 -0.07 -20.13 -4.47
C GLU A 101 -0.66 -21.46 -4.95
N PRO A 102 -0.84 -21.58 -6.27
CA PRO A 102 -1.38 -22.79 -6.90
C PRO A 102 -0.41 -23.96 -6.83
N GLY A 103 -0.93 -25.12 -6.43
CA GLY A 103 -0.09 -26.31 -6.32
C GLY A 103 0.12 -26.99 -7.66
N GLN A 104 1.37 -27.07 -8.10
CA GLN A 104 1.69 -27.69 -9.37
C GLN A 104 2.39 -29.03 -9.16
N ALA A 105 2.12 -29.97 -10.05
CA ALA A 105 2.73 -31.30 -9.95
C ALA A 105 4.21 -31.25 -10.28
N GLY A 106 4.54 -30.78 -11.49
CA GLY A 106 5.93 -30.70 -11.90
C GLY A 106 6.42 -31.97 -12.57
N GLY A 1 10.35 29.49 3.62
CA GLY A 1 10.18 28.92 4.94
C GLY A 1 9.21 27.75 4.94
N SER A 2 8.41 27.64 6.00
CA SER A 2 7.45 26.56 6.12
C SER A 2 6.06 27.02 5.69
N SER A 3 5.43 26.24 4.83
CA SER A 3 4.09 26.56 4.34
C SER A 3 3.03 26.19 5.36
N GLY A 4 3.12 24.97 5.88
CA GLY A 4 2.16 24.51 6.86
C GLY A 4 0.83 24.12 6.25
N SER A 5 0.56 22.82 6.19
CA SER A 5 -0.69 22.32 5.62
C SER A 5 -1.80 22.29 6.66
N SER A 6 -3.01 22.65 6.23
CA SER A 6 -4.16 22.67 7.14
C SER A 6 -5.46 22.58 6.34
N GLY A 7 -6.31 21.62 6.72
CA GLY A 7 -7.57 21.44 6.05
C GLY A 7 -7.65 20.13 5.30
N SER A 8 -8.66 19.99 4.45
CA SER A 8 -8.85 18.77 3.66
C SER A 8 -7.62 18.48 2.82
N ASP A 9 -7.51 17.24 2.35
CA ASP A 9 -6.38 16.83 1.53
C ASP A 9 -6.82 15.82 0.46
N ASP A 10 -5.93 15.53 -0.48
CA ASP A 10 -6.22 14.58 -1.54
C ASP A 10 -5.71 13.18 -1.19
N ALA A 11 -6.30 12.60 -0.15
CA ALA A 11 -5.91 11.26 0.29
C ALA A 11 -6.69 10.18 -0.45
N ARG A 12 -8.01 10.28 -0.40
CA ARG A 12 -8.87 9.30 -1.07
C ARG A 12 -8.65 9.34 -2.58
N ARG A 13 -7.99 10.39 -3.06
CA ARG A 13 -7.73 10.54 -4.48
C ARG A 13 -6.67 9.54 -4.94
N LEU A 14 -5.71 9.27 -4.07
CA LEU A 14 -4.63 8.34 -4.39
C LEU A 14 -5.20 6.98 -4.82
N THR A 15 -4.65 6.43 -5.89
CA THR A 15 -5.10 5.14 -6.40
C THR A 15 -3.97 4.12 -6.41
N VAL A 16 -4.31 2.86 -6.17
CA VAL A 16 -3.32 1.79 -6.15
C VAL A 16 -3.37 0.96 -7.42
N MET A 17 -2.26 0.97 -8.17
CA MET A 17 -2.18 0.22 -9.42
C MET A 17 -1.32 -1.03 -9.25
N SER A 18 -1.60 -2.05 -10.05
CA SER A 18 -0.85 -3.30 -9.99
C SER A 18 -0.94 -3.91 -8.59
N LEU A 19 -2.10 -3.79 -7.98
CA LEU A 19 -2.32 -4.33 -6.64
C LEU A 19 -2.75 -5.79 -6.70
N GLN A 20 -1.96 -6.67 -6.10
CA GLN A 20 -2.27 -8.10 -6.09
C GLN A 20 -3.30 -8.42 -5.03
N GLU A 21 -4.53 -8.68 -5.46
CA GLU A 21 -5.62 -9.01 -4.55
C GLU A 21 -5.39 -10.38 -3.90
N SER A 22 -5.51 -11.42 -4.70
CA SER A 22 -5.33 -12.79 -4.21
C SER A 22 -4.31 -13.54 -5.06
N GLY A 23 -3.40 -12.79 -5.68
CA GLY A 23 -2.39 -13.40 -6.51
C GLY A 23 -0.98 -13.20 -5.97
N LEU A 24 -0.85 -13.22 -4.65
CA LEU A 24 0.44 -13.03 -4.01
C LEU A 24 1.19 -14.36 -3.88
N LYS A 25 2.50 -14.27 -3.68
CA LYS A 25 3.33 -15.46 -3.53
C LYS A 25 4.15 -15.40 -2.25
N VAL A 26 4.19 -16.52 -1.52
CA VAL A 26 4.94 -16.59 -0.28
C VAL A 26 6.44 -16.70 -0.54
N ASN A 27 7.22 -16.04 0.30
CA ASN A 27 8.68 -16.07 0.16
C ASN A 27 9.10 -15.47 -1.18
N GLN A 28 8.42 -14.41 -1.59
CA GLN A 28 8.73 -13.76 -2.86
C GLN A 28 8.50 -12.25 -2.76
N PRO A 29 9.39 -11.47 -3.40
CA PRO A 29 9.31 -10.01 -3.40
C PRO A 29 8.12 -9.49 -4.20
N ALA A 30 7.18 -8.84 -3.52
CA ALA A 30 6.00 -8.30 -4.16
C ALA A 30 5.86 -6.81 -3.89
N SER A 31 5.71 -6.02 -4.95
CA SER A 31 5.57 -4.58 -4.82
C SER A 31 4.43 -4.06 -5.70
N PHE A 32 3.91 -2.88 -5.36
CA PHE A 32 2.81 -2.28 -6.11
C PHE A 32 3.12 -0.82 -6.42
N ALA A 33 2.35 -0.25 -7.34
CA ALA A 33 2.52 1.15 -7.72
C ALA A 33 1.38 2.02 -7.19
N ILE A 34 1.73 3.17 -6.62
CA ILE A 34 0.74 4.08 -6.08
C ILE A 34 0.56 5.30 -6.99
N ARG A 35 -0.56 5.31 -7.72
CA ARG A 35 -0.86 6.42 -8.62
C ARG A 35 -1.28 7.66 -7.85
N LEU A 36 -0.74 8.81 -8.24
CA LEU A 36 -1.05 10.07 -7.59
C LEU A 36 -1.77 11.02 -8.55
N ASN A 37 -2.99 11.40 -8.18
CA ASN A 37 -3.78 12.30 -9.01
C ASN A 37 -3.44 13.75 -8.70
N GLY A 38 -2.25 13.98 -8.15
CA GLY A 38 -1.82 15.33 -7.81
C GLY A 38 -1.96 15.63 -6.34
N ALA A 39 -1.77 14.61 -5.50
CA ALA A 39 -1.87 14.78 -4.05
C ALA A 39 -0.50 15.04 -3.43
N LYS A 40 -0.33 16.22 -2.86
CA LYS A 40 0.93 16.59 -2.24
C LYS A 40 0.89 16.32 -0.73
N GLY A 41 1.99 15.80 -0.19
CA GLY A 41 2.06 15.51 1.22
C GLY A 41 3.01 14.37 1.53
N LYS A 42 2.65 13.55 2.53
CA LYS A 42 3.47 12.42 2.92
C LYS A 42 2.83 11.10 2.50
N ILE A 43 3.66 10.07 2.37
CA ILE A 43 3.17 8.75 1.97
C ILE A 43 3.72 7.67 2.89
N ASP A 44 2.83 7.02 3.64
CA ASP A 44 3.23 5.95 4.55
C ASP A 44 2.68 4.61 4.09
N ALA A 45 3.54 3.61 4.04
CA ALA A 45 3.15 2.28 3.62
C ALA A 45 3.79 1.20 4.49
N LYS A 46 2.96 0.47 5.24
CA LYS A 46 3.44 -0.58 6.11
C LYS A 46 2.57 -1.83 6.00
N VAL A 47 3.11 -2.96 6.44
CA VAL A 47 2.37 -4.22 6.41
C VAL A 47 2.02 -4.70 7.80
N HIS A 48 0.73 -4.91 8.06
CA HIS A 48 0.27 -5.36 9.36
C HIS A 48 0.17 -6.89 9.39
N SER A 49 0.30 -7.46 10.59
CA SER A 49 0.24 -8.91 10.75
C SER A 49 -0.83 -9.29 11.77
N PRO A 50 -1.45 -10.46 11.58
CA PRO A 50 -2.50 -10.96 12.47
C PRO A 50 -1.95 -11.36 13.84
N SER A 51 -0.62 -11.41 13.95
CA SER A 51 0.03 -11.79 15.19
C SER A 51 0.16 -10.58 16.12
N GLY A 52 0.19 -9.39 15.53
CA GLY A 52 0.31 -8.18 16.33
C GLY A 52 1.65 -7.49 16.12
N ALA A 53 2.24 -7.67 14.95
CA ALA A 53 3.52 -7.06 14.63
C ALA A 53 3.39 -6.03 13.51
N VAL A 54 4.16 -4.96 13.60
CA VAL A 54 4.13 -3.91 12.59
C VAL A 54 5.43 -3.86 11.80
N GLU A 55 5.35 -4.18 10.51
CA GLU A 55 6.53 -4.18 9.65
C GLU A 55 6.47 -3.01 8.67
N GLU A 56 7.64 -2.56 8.23
CA GLU A 56 7.73 -1.45 7.29
C GLU A 56 8.03 -1.96 5.88
N CYS A 57 7.43 -1.31 4.89
CA CYS A 57 7.62 -1.69 3.49
C CYS A 57 8.58 -0.72 2.80
N HIS A 58 9.53 -1.27 2.05
CA HIS A 58 10.51 -0.46 1.33
C HIS A 58 9.81 0.50 0.38
N VAL A 59 9.73 1.77 0.75
CA VAL A 59 9.10 2.79 -0.07
C VAL A 59 10.13 3.67 -0.76
N SER A 60 10.23 3.55 -2.07
CA SER A 60 11.18 4.34 -2.84
C SER A 60 10.46 5.29 -3.79
N GLU A 61 10.91 6.55 -3.82
CA GLU A 61 10.30 7.55 -4.68
C GLU A 61 11.03 7.63 -6.03
N LEU A 62 10.43 7.03 -7.05
CA LEU A 62 11.02 7.03 -8.38
C LEU A 62 10.45 8.16 -9.22
N GLU A 63 9.15 8.40 -9.10
CA GLU A 63 8.48 9.46 -9.85
C GLU A 63 7.66 10.34 -8.92
N PRO A 64 7.52 11.62 -9.30
CA PRO A 64 6.75 12.60 -8.52
C PRO A 64 5.26 12.33 -8.56
N ASP A 65 4.85 11.44 -9.46
CA ASP A 65 3.44 11.10 -9.60
C ASP A 65 3.23 9.60 -9.39
N LYS A 66 4.32 8.87 -9.19
CA LYS A 66 4.26 7.43 -8.98
C LYS A 66 5.23 7.01 -7.87
N TYR A 67 4.85 5.98 -7.13
CA TYR A 67 5.67 5.47 -6.03
C TYR A 67 5.73 3.95 -6.05
N ALA A 68 6.82 3.40 -5.53
CA ALA A 68 6.99 1.95 -5.48
C ALA A 68 7.14 1.46 -4.03
N VAL A 69 6.41 0.41 -3.69
CA VAL A 69 6.46 -0.15 -2.35
C VAL A 69 6.71 -1.65 -2.39
N ARG A 70 7.91 -2.06 -1.98
CA ARG A 70 8.28 -3.47 -1.98
C ARG A 70 8.02 -4.09 -0.61
N PHE A 71 7.42 -5.28 -0.61
CA PHE A 71 7.13 -5.97 0.64
C PHE A 71 6.91 -7.46 0.38
N ILE A 72 7.33 -8.28 1.34
CA ILE A 72 7.18 -9.73 1.21
C ILE A 72 5.91 -10.21 1.93
N PRO A 73 4.89 -10.55 1.14
CA PRO A 73 3.61 -11.03 1.68
C PRO A 73 3.72 -12.42 2.27
N HIS A 74 4.17 -12.49 3.53
CA HIS A 74 4.33 -13.76 4.22
C HIS A 74 3.53 -13.77 5.52
N GLU A 75 2.41 -14.48 5.51
CA GLU A 75 1.55 -14.57 6.70
C GLU A 75 0.91 -15.95 6.80
N ASN A 76 0.16 -16.18 7.88
CA ASN A 76 -0.50 -17.45 8.09
C ASN A 76 -2.00 -17.33 7.84
N GLY A 77 -2.36 -16.42 6.93
CA GLY A 77 -3.77 -16.23 6.60
C GLY A 77 -3.99 -15.03 5.69
N VAL A 78 -4.54 -13.96 6.25
CA VAL A 78 -4.81 -12.75 5.49
C VAL A 78 -3.91 -11.61 5.95
N HIS A 79 -3.51 -10.76 5.02
CA HIS A 79 -2.65 -9.61 5.33
C HIS A 79 -3.45 -8.31 5.32
N THR A 80 -2.89 -7.28 5.94
CA THR A 80 -3.56 -5.98 6.01
C THR A 80 -2.58 -4.85 5.71
N ILE A 81 -2.75 -4.23 4.54
CA ILE A 81 -1.88 -3.14 4.13
C ILE A 81 -2.28 -1.83 4.81
N ASP A 82 -1.30 -1.03 5.18
CA ASP A 82 -1.55 0.24 5.84
C ASP A 82 -1.04 1.41 4.99
N VAL A 83 -1.97 2.20 4.47
CA VAL A 83 -1.62 3.35 3.64
C VAL A 83 -2.17 4.65 4.23
N LYS A 84 -1.27 5.47 4.76
CA LYS A 84 -1.66 6.74 5.35
C LYS A 84 -1.13 7.91 4.52
N PHE A 85 -2.03 8.82 4.17
CA PHE A 85 -1.65 9.99 3.37
C PHE A 85 -2.03 11.27 4.10
N ASN A 86 -1.01 11.98 4.59
CA ASN A 86 -1.24 13.24 5.31
C ASN A 86 -2.08 13.01 6.56
N GLY A 87 -1.92 11.84 7.16
CA GLY A 87 -2.67 11.52 8.36
C GLY A 87 -4.11 11.15 8.06
N SER A 88 -4.31 10.36 7.01
CA SER A 88 -5.65 9.94 6.61
C SER A 88 -5.60 8.67 5.77
N HIS A 89 -6.25 7.62 6.26
CA HIS A 89 -6.28 6.34 5.55
C HIS A 89 -6.99 6.47 4.21
N VAL A 90 -6.23 6.36 3.13
CA VAL A 90 -6.79 6.47 1.79
C VAL A 90 -7.95 5.50 1.60
N VAL A 91 -8.97 5.94 0.87
CA VAL A 91 -10.14 5.10 0.61
C VAL A 91 -9.73 3.65 0.36
N GLY A 92 -10.43 2.72 1.00
CA GLY A 92 -10.13 1.31 0.83
C GLY A 92 -9.19 0.79 1.91
N SER A 93 -8.48 1.69 2.56
CA SER A 93 -7.54 1.32 3.61
C SER A 93 -8.23 1.30 4.98
N PRO A 94 -7.85 0.33 5.82
CA PRO A 94 -6.83 -0.66 5.47
C PRO A 94 -7.33 -1.65 4.41
N PHE A 95 -6.40 -2.18 3.63
CA PHE A 95 -6.73 -3.13 2.58
C PHE A 95 -6.60 -4.57 3.07
N LYS A 96 -7.23 -5.49 2.35
CA LYS A 96 -7.17 -6.91 2.72
C LYS A 96 -6.75 -7.76 1.53
N VAL A 97 -5.72 -8.56 1.70
CA VAL A 97 -5.22 -9.43 0.64
C VAL A 97 -4.93 -10.83 1.16
N ARG A 98 -5.14 -11.83 0.31
CA ARG A 98 -4.89 -13.21 0.69
C ARG A 98 -3.73 -13.80 -0.10
N VAL A 99 -2.76 -14.37 0.61
CA VAL A 99 -1.59 -14.96 -0.02
C VAL A 99 -1.93 -16.30 -0.66
N GLY A 100 -1.56 -16.47 -1.93
CA GLY A 100 -1.83 -17.70 -2.63
C GLY A 100 -1.88 -17.52 -4.13
N GLU A 101 -1.48 -18.55 -4.86
CA GLU A 101 -1.47 -18.49 -6.32
C GLU A 101 -2.70 -19.18 -6.89
N PRO A 102 -3.29 -18.57 -7.94
CA PRO A 102 -4.48 -19.11 -8.60
C PRO A 102 -4.19 -20.38 -9.38
N GLY A 103 -3.16 -20.34 -10.23
CA GLY A 103 -2.80 -21.50 -11.02
C GLY A 103 -1.32 -21.79 -10.96
N GLN A 104 -0.83 -22.53 -11.96
CA GLN A 104 0.59 -22.88 -12.01
C GLN A 104 1.24 -22.30 -13.27
N ALA A 105 2.28 -21.49 -13.07
CA ALA A 105 2.99 -20.88 -14.18
C ALA A 105 4.47 -21.22 -14.13
N GLY A 106 5.19 -20.86 -15.20
CA GLY A 106 6.62 -21.14 -15.25
C GLY A 106 7.05 -21.66 -16.61
N GLY A 1 -1.49 35.28 4.25
CA GLY A 1 -2.51 35.84 5.12
C GLY A 1 -3.07 34.81 6.10
N SER A 2 -4.19 34.21 5.73
CA SER A 2 -4.82 33.21 6.59
C SER A 2 -5.15 31.94 5.79
N SER A 3 -5.53 30.89 6.50
CA SER A 3 -5.87 29.61 5.86
C SER A 3 -6.89 29.83 4.74
N GLY A 4 -7.91 30.62 5.03
CA GLY A 4 -8.94 30.89 4.05
C GLY A 4 -9.94 29.77 3.94
N SER A 5 -9.45 28.53 3.95
CA SER A 5 -10.32 27.36 3.85
C SER A 5 -9.76 26.20 4.67
N SER A 6 -10.63 25.25 5.01
CA SER A 6 -10.23 24.08 5.79
C SER A 6 -8.92 23.50 5.26
N GLY A 7 -8.15 22.88 6.14
CA GLY A 7 -6.89 22.30 5.74
C GLY A 7 -6.97 20.79 5.59
N SER A 8 -7.87 20.34 4.71
CA SER A 8 -8.06 18.92 4.47
C SER A 8 -6.84 18.32 3.77
N ASP A 9 -6.92 17.02 3.47
CA ASP A 9 -5.82 16.33 2.79
C ASP A 9 -6.35 15.44 1.68
N ASP A 10 -5.65 15.42 0.55
CA ASP A 10 -6.06 14.61 -0.58
C ASP A 10 -5.50 13.19 -0.46
N ALA A 11 -6.06 12.41 0.46
CA ALA A 11 -5.61 11.04 0.68
C ALA A 11 -6.52 10.06 -0.04
N ARG A 12 -7.79 10.42 -0.18
CA ARG A 12 -8.77 9.57 -0.85
C ARG A 12 -8.71 9.76 -2.36
N ARG A 13 -7.74 10.53 -2.82
CA ARG A 13 -7.57 10.80 -4.24
C ARG A 13 -6.40 10.01 -4.81
N LEU A 14 -5.97 8.98 -4.08
CA LEU A 14 -4.87 8.14 -4.51
C LEU A 14 -5.37 6.81 -5.06
N THR A 15 -4.81 6.40 -6.19
CA THR A 15 -5.20 5.14 -6.82
C THR A 15 -4.05 4.13 -6.79
N VAL A 16 -4.39 2.86 -6.53
CA VAL A 16 -3.39 1.81 -6.47
C VAL A 16 -3.46 0.92 -7.70
N MET A 17 -2.31 0.50 -8.19
CA MET A 17 -2.24 -0.36 -9.37
C MET A 17 -1.30 -1.54 -9.13
N SER A 18 -1.17 -2.41 -10.13
CA SER A 18 -0.31 -3.57 -10.04
C SER A 18 -0.40 -4.19 -8.64
N LEU A 19 -1.62 -4.24 -8.11
CA LEU A 19 -1.85 -4.81 -6.79
C LEU A 19 -2.42 -6.22 -6.90
N GLN A 20 -1.79 -7.18 -6.21
CA GLN A 20 -2.24 -8.56 -6.24
C GLN A 20 -3.36 -8.79 -5.22
N GLU A 21 -4.22 -9.75 -5.51
CA GLU A 21 -5.33 -10.07 -4.61
C GLU A 21 -5.19 -11.47 -4.04
N SER A 22 -5.43 -12.48 -4.87
CA SER A 22 -5.33 -13.87 -4.45
C SER A 22 -4.27 -14.61 -5.25
N GLY A 23 -3.23 -13.90 -5.64
CA GLY A 23 -2.16 -14.50 -6.42
C GLY A 23 -0.79 -14.22 -5.84
N LEU A 24 -0.73 -14.08 -4.52
CA LEU A 24 0.53 -13.80 -3.83
C LEU A 24 1.27 -15.09 -3.54
N LYS A 25 2.57 -14.97 -3.23
CA LYS A 25 3.40 -16.13 -2.93
C LYS A 25 4.33 -15.83 -1.75
N VAL A 26 4.21 -16.63 -0.70
CA VAL A 26 5.05 -16.45 0.48
C VAL A 26 6.52 -16.39 0.11
N ASN A 27 7.25 -15.48 0.75
CA ASN A 27 8.68 -15.31 0.48
C ASN A 27 8.90 -14.82 -0.94
N GLN A 28 8.00 -13.98 -1.43
CA GLN A 28 8.11 -13.44 -2.78
C GLN A 28 8.04 -11.92 -2.77
N PRO A 29 8.84 -11.29 -3.63
CA PRO A 29 8.89 -9.82 -3.74
C PRO A 29 7.62 -9.24 -4.35
N ALA A 30 6.88 -8.49 -3.54
CA ALA A 30 5.64 -7.87 -3.99
C ALA A 30 5.73 -6.35 -3.92
N SER A 31 5.53 -5.70 -5.07
CA SER A 31 5.59 -4.24 -5.15
C SER A 31 4.50 -3.70 -6.07
N PHE A 32 4.15 -2.44 -5.86
CA PHE A 32 3.12 -1.80 -6.68
C PHE A 32 3.38 -0.30 -6.80
N ALA A 33 2.76 0.32 -7.80
CA ALA A 33 2.93 1.75 -8.03
C ALA A 33 1.71 2.53 -7.56
N ILE A 34 1.96 3.62 -6.85
CA ILE A 34 0.88 4.45 -6.33
C ILE A 34 0.65 5.67 -7.21
N ARG A 35 -0.57 5.80 -7.74
CA ARG A 35 -0.91 6.92 -8.61
C ARG A 35 -1.33 8.14 -7.79
N LEU A 36 -0.77 9.29 -8.12
CA LEU A 36 -1.07 10.53 -7.41
C LEU A 36 -1.84 11.49 -8.31
N ASN A 37 -3.10 11.74 -7.98
CA ASN A 37 -3.93 12.65 -8.76
C ASN A 37 -3.72 14.09 -8.31
N GLY A 38 -2.59 14.36 -7.67
CA GLY A 38 -2.29 15.70 -7.21
C GLY A 38 -2.25 15.78 -5.69
N ALA A 39 -1.94 14.66 -5.04
CA ALA A 39 -1.86 14.62 -3.59
C ALA A 39 -0.44 14.85 -3.11
N LYS A 40 -0.22 15.97 -2.43
CA LYS A 40 1.10 16.31 -1.91
C LYS A 40 1.12 16.26 -0.39
N GLY A 41 1.94 15.36 0.16
CA GLY A 41 2.04 15.24 1.60
C GLY A 41 3.08 14.22 2.02
N LYS A 42 2.64 13.14 2.65
CA LYS A 42 3.55 12.08 3.10
C LYS A 42 2.98 10.71 2.77
N ILE A 43 3.80 9.88 2.12
CA ILE A 43 3.39 8.53 1.75
C ILE A 43 3.91 7.51 2.75
N ASP A 44 3.02 6.96 3.56
CA ASP A 44 3.39 5.96 4.55
C ASP A 44 2.77 4.60 4.23
N ALA A 45 3.63 3.61 4.00
CA ALA A 45 3.17 2.27 3.67
C ALA A 45 3.87 1.22 4.54
N LYS A 46 3.10 0.32 5.10
CA LYS A 46 3.64 -0.74 5.95
C LYS A 46 2.75 -1.97 5.93
N VAL A 47 3.35 -3.15 6.09
CA VAL A 47 2.60 -4.40 6.10
C VAL A 47 2.30 -4.84 7.52
N HIS A 48 1.01 -4.94 7.83
CA HIS A 48 0.57 -5.36 9.16
C HIS A 48 0.08 -6.80 9.14
N SER A 49 -0.25 -7.33 10.32
CA SER A 49 -0.73 -8.70 10.44
C SER A 49 -1.68 -8.85 11.63
N PRO A 50 -2.56 -9.86 11.56
CA PRO A 50 -3.54 -10.13 12.62
C PRO A 50 -2.88 -10.65 13.89
N SER A 51 -1.65 -11.13 13.77
CA SER A 51 -0.90 -11.67 14.90
C SER A 51 -0.40 -10.55 15.79
N GLY A 52 -0.25 -9.35 15.22
CA GLY A 52 0.22 -8.22 15.97
C GLY A 52 1.64 -7.83 15.61
N ALA A 53 2.01 -8.06 14.35
CA ALA A 53 3.35 -7.73 13.88
C ALA A 53 3.30 -6.65 12.80
N VAL A 54 4.25 -5.72 12.86
CA VAL A 54 4.32 -4.64 11.88
C VAL A 54 5.69 -4.58 11.22
N GLU A 55 5.70 -4.67 9.89
CA GLU A 55 6.94 -4.62 9.13
C GLU A 55 6.95 -3.44 8.17
N GLU A 56 8.10 -2.77 8.08
CA GLU A 56 8.24 -1.62 7.20
C GLU A 56 8.45 -2.05 5.75
N CYS A 57 7.80 -1.35 4.83
CA CYS A 57 7.92 -1.67 3.41
C CYS A 57 8.80 -0.65 2.69
N HIS A 58 9.72 -1.15 1.87
CA HIS A 58 10.62 -0.27 1.12
C HIS A 58 9.84 0.71 0.26
N VAL A 59 9.92 1.99 0.61
CA VAL A 59 9.22 3.03 -0.13
C VAL A 59 10.17 3.77 -1.05
N SER A 60 10.06 3.50 -2.35
CA SER A 60 10.92 4.14 -3.35
C SER A 60 10.16 5.25 -4.08
N GLU A 61 10.89 6.28 -4.49
CA GLU A 61 10.29 7.40 -5.21
C GLU A 61 10.94 7.60 -6.56
N LEU A 62 10.33 7.03 -7.60
CA LEU A 62 10.86 7.14 -8.96
C LEU A 62 10.54 8.51 -9.55
N GLU A 63 9.29 8.93 -9.42
CA GLU A 63 8.86 10.22 -9.94
C GLU A 63 7.94 10.94 -8.95
N PRO A 64 7.88 12.27 -9.06
CA PRO A 64 7.04 13.10 -8.18
C PRO A 64 5.55 12.91 -8.45
N ASP A 65 5.24 12.02 -9.38
CA ASP A 65 3.85 11.75 -9.74
C ASP A 65 3.50 10.28 -9.48
N LYS A 66 4.49 9.52 -9.04
CA LYS A 66 4.29 8.10 -8.75
C LYS A 66 5.30 7.61 -7.72
N TYR A 67 4.93 6.56 -6.99
CA TYR A 67 5.80 5.99 -5.97
C TYR A 67 5.71 4.47 -5.96
N ALA A 68 6.81 3.83 -5.59
CA ALA A 68 6.85 2.36 -5.54
C ALA A 68 7.04 1.88 -4.11
N VAL A 69 6.41 0.75 -3.78
CA VAL A 69 6.52 0.18 -2.44
C VAL A 69 6.76 -1.33 -2.51
N ARG A 70 7.97 -1.75 -2.14
CA ARG A 70 8.33 -3.16 -2.16
C ARG A 70 8.10 -3.79 -0.79
N PHE A 71 7.51 -4.98 -0.79
CA PHE A 71 7.22 -5.70 0.46
C PHE A 71 7.02 -7.19 0.19
N ILE A 72 7.14 -8.00 1.24
CA ILE A 72 6.96 -9.44 1.13
C ILE A 72 5.75 -9.91 1.91
N PRO A 73 4.72 -10.39 1.18
CA PRO A 73 3.49 -10.88 1.79
C PRO A 73 3.69 -12.19 2.54
N HIS A 74 4.05 -12.09 3.81
CA HIS A 74 4.29 -13.26 4.64
C HIS A 74 3.40 -13.25 5.89
N GLU A 75 2.35 -14.06 5.87
CA GLU A 75 1.43 -14.13 7.00
C GLU A 75 0.89 -15.54 7.18
N ASN A 76 0.24 -15.79 8.31
CA ASN A 76 -0.32 -17.10 8.61
C ASN A 76 -1.78 -17.17 8.17
N GLY A 77 -2.18 -16.26 7.30
CA GLY A 77 -3.55 -16.24 6.82
C GLY A 77 -3.85 -15.02 5.98
N VAL A 78 -4.52 -14.03 6.58
CA VAL A 78 -4.87 -12.80 5.87
C VAL A 78 -3.95 -11.65 6.28
N HIS A 79 -3.57 -10.83 5.31
CA HIS A 79 -2.69 -9.70 5.57
C HIS A 79 -3.49 -8.39 5.56
N THR A 80 -2.93 -7.37 6.20
CA THR A 80 -3.58 -6.06 6.28
C THR A 80 -2.63 -4.96 5.84
N ILE A 81 -2.90 -4.37 4.67
CA ILE A 81 -2.06 -3.29 4.15
C ILE A 81 -2.48 -1.95 4.74
N ASP A 82 -1.50 -1.19 5.22
CA ASP A 82 -1.76 0.12 5.80
C ASP A 82 -1.22 1.23 4.90
N VAL A 83 -2.13 2.04 4.37
CA VAL A 83 -1.75 3.14 3.49
C VAL A 83 -2.32 4.46 3.99
N LYS A 84 -1.47 5.29 4.58
CA LYS A 84 -1.89 6.58 5.10
C LYS A 84 -1.20 7.71 4.37
N PHE A 85 -1.95 8.77 4.05
CA PHE A 85 -1.41 9.92 3.34
C PHE A 85 -1.70 11.21 4.10
N ASN A 86 -0.70 11.73 4.79
CA ASN A 86 -0.85 12.97 5.55
C ASN A 86 -1.71 12.73 6.80
N GLY A 87 -1.65 11.51 7.32
CA GLY A 87 -2.44 11.19 8.51
C GLY A 87 -3.89 10.91 8.18
N SER A 88 -4.12 10.02 7.24
CA SER A 88 -5.48 9.66 6.83
C SER A 88 -5.47 8.49 5.86
N HIS A 89 -6.03 7.36 6.29
CA HIS A 89 -6.09 6.17 5.45
C HIS A 89 -6.87 6.43 4.16
N VAL A 90 -6.22 6.24 3.04
CA VAL A 90 -6.85 6.47 1.73
C VAL A 90 -8.10 5.60 1.58
N VAL A 91 -9.10 6.15 0.90
CA VAL A 91 -10.36 5.43 0.68
C VAL A 91 -10.10 3.97 0.36
N GLY A 92 -10.62 3.08 1.21
CA GLY A 92 -10.44 1.66 1.00
C GLY A 92 -9.24 1.11 1.76
N SER A 93 -8.88 1.77 2.85
CA SER A 93 -7.74 1.34 3.66
C SER A 93 -8.14 1.23 5.13
N PRO A 94 -7.52 0.27 5.84
CA PRO A 94 -6.51 -0.62 5.24
C PRO A 94 -7.12 -1.60 4.26
N PHE A 95 -6.29 -2.11 3.36
CA PHE A 95 -6.74 -3.07 2.36
C PHE A 95 -6.64 -4.50 2.88
N LYS A 96 -7.40 -5.41 2.27
CA LYS A 96 -7.40 -6.81 2.68
C LYS A 96 -7.01 -7.71 1.51
N VAL A 97 -6.16 -8.69 1.80
CA VAL A 97 -5.71 -9.63 0.77
C VAL A 97 -5.52 -11.03 1.34
N ARG A 98 -5.40 -12.01 0.45
CA ARG A 98 -5.21 -13.39 0.87
C ARG A 98 -4.05 -14.04 0.14
N VAL A 99 -3.06 -14.52 0.90
CA VAL A 99 -1.90 -15.16 0.31
C VAL A 99 -2.15 -16.64 0.04
N GLY A 100 -1.56 -17.15 -1.03
CA GLY A 100 -1.74 -18.55 -1.38
C GLY A 100 -0.84 -18.98 -2.52
N GLU A 101 -0.35 -20.21 -2.46
CA GLU A 101 0.53 -20.74 -3.49
C GLU A 101 -0.25 -21.57 -4.50
N PRO A 102 0.16 -21.50 -5.79
CA PRO A 102 -0.50 -22.23 -6.87
C PRO A 102 -0.25 -23.73 -6.77
N GLY A 103 -0.62 -24.45 -7.83
CA GLY A 103 -0.44 -25.89 -7.84
C GLY A 103 0.30 -26.37 -9.08
N GLN A 104 -0.12 -27.52 -9.61
CA GLN A 104 0.51 -28.08 -10.80
C GLN A 104 0.27 -27.19 -12.01
N ALA A 105 1.28 -26.39 -12.37
CA ALA A 105 1.18 -25.49 -13.50
C ALA A 105 0.35 -26.12 -14.63
N GLY A 106 0.82 -27.24 -15.14
CA GLY A 106 0.10 -27.91 -16.21
C GLY A 106 1.01 -28.29 -17.37
N GLY A 1 -2.99 30.72 9.46
CA GLY A 1 -3.62 29.47 9.79
C GLY A 1 -2.68 28.51 10.50
N SER A 2 -2.72 27.24 10.12
CA SER A 2 -1.86 26.22 10.71
C SER A 2 -0.64 25.97 9.84
N SER A 3 0.50 26.49 10.27
CA SER A 3 1.75 26.32 9.53
C SER A 3 1.81 24.93 8.88
N GLY A 4 1.77 24.91 7.55
CA GLY A 4 1.81 23.65 6.82
C GLY A 4 0.62 23.47 5.90
N SER A 5 0.03 22.27 5.94
CA SER A 5 -1.12 21.97 5.09
C SER A 5 -2.34 22.78 5.53
N SER A 6 -2.82 23.65 4.64
CA SER A 6 -3.97 24.49 4.93
C SER A 6 -5.25 23.85 4.39
N GLY A 7 -5.26 23.59 3.09
CA GLY A 7 -6.42 23.00 2.46
C GLY A 7 -6.60 21.54 2.84
N SER A 8 -7.76 20.98 2.51
CA SER A 8 -8.05 19.59 2.83
C SER A 8 -7.04 18.65 2.17
N ASP A 9 -6.62 17.63 2.92
CA ASP A 9 -5.65 16.67 2.40
C ASP A 9 -6.28 15.79 1.32
N ASP A 10 -5.46 15.34 0.38
CA ASP A 10 -5.93 14.49 -0.71
C ASP A 10 -5.37 13.08 -0.57
N ALA A 11 -5.98 12.29 0.31
CA ALA A 11 -5.54 10.92 0.53
C ALA A 11 -6.39 9.94 -0.28
N ARG A 12 -7.68 10.20 -0.36
CA ARG A 12 -8.59 9.35 -1.10
C ARG A 12 -8.28 9.38 -2.60
N ARG A 13 -8.08 10.59 -3.12
CA ARG A 13 -7.78 10.77 -4.53
C ARG A 13 -6.76 9.74 -5.00
N LEU A 14 -5.76 9.48 -4.18
CA LEU A 14 -4.72 8.51 -4.51
C LEU A 14 -5.34 7.19 -4.97
N THR A 15 -4.71 6.57 -5.97
CA THR A 15 -5.20 5.30 -6.49
C THR A 15 -4.10 4.24 -6.47
N VAL A 16 -4.50 2.99 -6.25
CA VAL A 16 -3.55 1.88 -6.20
C VAL A 16 -3.62 1.05 -7.48
N MET A 17 -2.46 0.67 -8.00
CA MET A 17 -2.38 -0.13 -9.21
C MET A 17 -1.55 -1.38 -8.99
N SER A 18 -1.47 -2.23 -10.00
CA SER A 18 -0.71 -3.48 -9.92
C SER A 18 -0.92 -4.13 -8.55
N LEU A 19 -2.13 -4.04 -8.03
CA LEU A 19 -2.45 -4.62 -6.74
C LEU A 19 -3.33 -5.86 -6.89
N GLN A 20 -2.87 -6.98 -6.34
CA GLN A 20 -3.63 -8.24 -6.43
C GLN A 20 -4.05 -8.71 -5.04
N GLU A 21 -4.99 -9.64 -5.00
CA GLU A 21 -5.48 -10.18 -3.74
C GLU A 21 -5.31 -11.69 -3.68
N SER A 22 -5.34 -12.33 -4.86
CA SER A 22 -5.19 -13.78 -4.94
C SER A 22 -4.06 -14.15 -5.90
N GLY A 23 -3.03 -13.31 -5.94
CA GLY A 23 -1.90 -13.57 -6.81
C GLY A 23 -0.57 -13.47 -6.08
N LEU A 24 -0.60 -12.91 -4.88
CA LEU A 24 0.61 -12.76 -4.08
C LEU A 24 1.35 -14.09 -3.94
N LYS A 25 2.63 -14.02 -3.62
CA LYS A 25 3.45 -15.21 -3.45
C LYS A 25 4.18 -15.20 -2.11
N VAL A 26 4.12 -16.32 -1.40
CA VAL A 26 4.79 -16.43 -0.10
C VAL A 26 6.31 -16.40 -0.26
N ASN A 27 6.98 -15.81 0.73
CA ASN A 27 8.44 -15.73 0.69
C ASN A 27 8.93 -15.18 -0.65
N GLN A 28 8.06 -14.43 -1.32
CA GLN A 28 8.40 -13.85 -2.61
C GLN A 28 8.27 -12.33 -2.58
N PRO A 29 9.25 -11.64 -3.19
CA PRO A 29 9.26 -10.18 -3.25
C PRO A 29 8.17 -9.63 -4.16
N ALA A 30 7.26 -8.83 -3.58
CA ALA A 30 6.17 -8.24 -4.34
C ALA A 30 6.08 -6.74 -4.08
N SER A 31 5.69 -5.99 -5.11
CA SER A 31 5.56 -4.54 -5.00
C SER A 31 4.44 -4.03 -5.88
N PHE A 32 3.94 -2.83 -5.56
CA PHE A 32 2.87 -2.22 -6.33
C PHE A 32 3.16 -0.75 -6.61
N ALA A 33 2.40 -0.17 -7.53
CA ALA A 33 2.57 1.24 -7.90
C ALA A 33 1.43 2.10 -7.36
N ILE A 34 1.77 3.28 -6.87
CA ILE A 34 0.77 4.20 -6.33
C ILE A 34 0.59 5.41 -7.24
N ARG A 35 -0.61 5.56 -7.79
CA ARG A 35 -0.91 6.68 -8.66
C ARG A 35 -1.30 7.92 -7.87
N LEU A 36 -0.75 9.06 -8.26
CA LEU A 36 -1.04 10.32 -7.58
C LEU A 36 -1.74 11.30 -8.51
N ASN A 37 -2.97 11.66 -8.15
CA ASN A 37 -3.77 12.58 -8.96
C ASN A 37 -3.45 14.03 -8.58
N GLY A 38 -2.26 14.25 -8.02
CA GLY A 38 -1.87 15.59 -7.61
C GLY A 38 -1.96 15.79 -6.12
N ALA A 39 -1.70 14.73 -5.36
CA ALA A 39 -1.75 14.80 -3.91
C ALA A 39 -0.34 14.83 -3.31
N LYS A 40 -0.03 15.90 -2.58
CA LYS A 40 1.28 16.05 -1.95
C LYS A 40 1.16 16.07 -0.44
N GLY A 41 2.17 15.55 0.24
CA GLY A 41 2.16 15.52 1.69
C GLY A 41 3.20 14.58 2.27
N LYS A 42 2.76 13.43 2.74
CA LYS A 42 3.65 12.44 3.31
C LYS A 42 3.13 11.03 3.08
N ILE A 43 3.81 10.28 2.22
CA ILE A 43 3.42 8.92 1.90
C ILE A 43 4.04 7.92 2.88
N ASP A 44 3.18 7.19 3.58
CA ASP A 44 3.64 6.20 4.55
C ASP A 44 2.93 4.87 4.34
N ALA A 45 3.68 3.87 3.87
CA ALA A 45 3.12 2.55 3.62
C ALA A 45 3.73 1.52 4.57
N LYS A 46 2.87 0.80 5.29
CA LYS A 46 3.32 -0.21 6.23
C LYS A 46 2.39 -1.42 6.20
N VAL A 47 2.97 -2.60 6.44
CA VAL A 47 2.20 -3.84 6.45
C VAL A 47 1.90 -4.29 7.87
N HIS A 48 0.70 -4.83 8.07
CA HIS A 48 0.28 -5.31 9.38
C HIS A 48 0.23 -6.84 9.41
N SER A 49 0.63 -7.41 10.55
CA SER A 49 0.63 -8.86 10.70
C SER A 49 -0.42 -9.30 11.73
N PRO A 50 -0.88 -10.55 11.61
CA PRO A 50 -1.89 -11.11 12.52
C PRO A 50 -1.32 -11.36 13.91
N SER A 51 -0.03 -11.14 14.07
CA SER A 51 0.63 -11.34 15.36
C SER A 51 0.61 -10.06 16.19
N GLY A 52 -0.22 -9.11 15.76
CA GLY A 52 -0.32 -7.84 16.48
C GLY A 52 0.93 -6.99 16.33
N ALA A 53 1.64 -7.19 15.23
CA ALA A 53 2.87 -6.44 14.97
C ALA A 53 2.76 -5.65 13.67
N VAL A 54 3.47 -4.53 13.60
CA VAL A 54 3.46 -3.69 12.41
C VAL A 54 4.84 -3.63 11.76
N GLU A 55 4.92 -4.04 10.51
CA GLU A 55 6.18 -4.02 9.77
C GLU A 55 6.26 -2.82 8.84
N GLU A 56 7.42 -2.63 8.22
CA GLU A 56 7.63 -1.51 7.31
C GLU A 56 7.90 -2.02 5.89
N CYS A 57 7.37 -1.29 4.90
CA CYS A 57 7.56 -1.67 3.50
C CYS A 57 8.54 -0.72 2.80
N HIS A 58 9.36 -1.28 1.94
CA HIS A 58 10.35 -0.49 1.21
C HIS A 58 9.67 0.50 0.27
N VAL A 59 9.78 1.79 0.59
CA VAL A 59 9.17 2.83 -0.23
C VAL A 59 10.23 3.72 -0.86
N SER A 60 10.29 3.71 -2.19
CA SER A 60 11.26 4.51 -2.93
C SER A 60 10.56 5.43 -3.92
N GLU A 61 11.07 6.66 -4.05
CA GLU A 61 10.50 7.63 -4.96
C GLU A 61 11.17 7.54 -6.34
N LEU A 62 10.49 6.91 -7.29
CA LEU A 62 11.02 6.76 -8.63
C LEU A 62 10.47 7.86 -9.56
N GLU A 63 9.21 8.23 -9.34
CA GLU A 63 8.58 9.27 -10.15
C GLU A 63 7.90 10.31 -9.26
N PRO A 64 7.77 11.53 -9.79
CA PRO A 64 7.14 12.64 -9.06
C PRO A 64 5.63 12.44 -8.92
N ASP A 65 5.06 11.62 -9.78
CA ASP A 65 3.62 11.34 -9.74
C ASP A 65 3.36 9.85 -9.56
N LYS A 66 4.43 9.07 -9.44
CA LYS A 66 4.32 7.63 -9.26
C LYS A 66 5.26 7.15 -8.16
N TYR A 67 4.80 6.16 -7.38
CA TYR A 67 5.59 5.62 -6.29
C TYR A 67 5.52 4.08 -6.29
N ALA A 68 6.48 3.46 -5.61
CA ALA A 68 6.53 2.01 -5.52
C ALA A 68 6.72 1.55 -4.08
N VAL A 69 6.20 0.37 -3.77
CA VAL A 69 6.32 -0.19 -2.42
C VAL A 69 6.59 -1.68 -2.46
N ARG A 70 7.80 -2.07 -2.09
CA ARG A 70 8.18 -3.48 -2.09
C ARG A 70 8.01 -4.09 -0.70
N PHE A 71 7.46 -5.30 -0.66
CA PHE A 71 7.24 -5.99 0.61
C PHE A 71 7.14 -7.49 0.40
N ILE A 72 7.24 -8.25 1.48
CA ILE A 72 7.16 -9.70 1.42
C ILE A 72 5.88 -10.22 2.05
N PRO A 73 4.87 -10.52 1.22
CA PRO A 73 3.58 -11.03 1.68
C PRO A 73 3.67 -12.44 2.24
N HIS A 74 4.12 -12.56 3.49
CA HIS A 74 4.25 -13.85 4.14
C HIS A 74 3.45 -13.89 5.43
N GLU A 75 2.31 -14.58 5.40
CA GLU A 75 1.46 -14.70 6.58
C GLU A 75 0.81 -16.07 6.65
N ASN A 76 0.07 -16.32 7.72
CA ASN A 76 -0.60 -17.61 7.91
C ASN A 76 -2.07 -17.51 7.48
N GLY A 77 -2.46 -16.35 6.96
CA GLY A 77 -3.83 -16.15 6.53
C GLY A 77 -3.97 -14.98 5.58
N VAL A 78 -4.60 -13.91 6.06
CA VAL A 78 -4.81 -12.71 5.25
C VAL A 78 -3.97 -11.54 5.79
N HIS A 79 -3.37 -10.80 4.86
CA HIS A 79 -2.55 -9.65 5.24
C HIS A 79 -3.38 -8.36 5.25
N THR A 80 -2.87 -7.34 5.92
CA THR A 80 -3.57 -6.06 6.01
C THR A 80 -2.62 -4.90 5.69
N ILE A 81 -2.86 -4.24 4.57
CA ILE A 81 -2.03 -3.11 4.15
C ILE A 81 -2.60 -1.80 4.69
N ASP A 82 -1.73 -1.02 5.34
CA ASP A 82 -2.13 0.27 5.90
C ASP A 82 -1.52 1.43 5.12
N VAL A 83 -2.35 2.13 4.36
CA VAL A 83 -1.89 3.26 3.55
C VAL A 83 -2.38 4.58 4.13
N LYS A 84 -1.48 5.31 4.78
CA LYS A 84 -1.82 6.59 5.38
C LYS A 84 -1.17 7.74 4.61
N PHE A 85 -1.91 8.82 4.41
CA PHE A 85 -1.41 9.98 3.70
C PHE A 85 -1.65 11.27 4.50
N ASN A 86 -0.59 11.78 5.11
CA ASN A 86 -0.69 13.01 5.90
C ASN A 86 -1.62 12.80 7.10
N GLY A 87 -1.66 11.57 7.60
CA GLY A 87 -2.49 11.25 8.74
C GLY A 87 -3.93 10.98 8.35
N SER A 88 -4.12 10.12 7.35
CA SER A 88 -5.45 9.78 6.87
C SER A 88 -5.42 8.53 6.01
N HIS A 89 -6.18 7.51 6.43
CA HIS A 89 -6.24 6.26 5.70
C HIS A 89 -6.98 6.42 4.38
N VAL A 90 -6.26 6.27 3.28
CA VAL A 90 -6.85 6.40 1.95
C VAL A 90 -8.07 5.49 1.80
N VAL A 91 -9.05 5.94 1.02
CA VAL A 91 -10.26 5.16 0.79
C VAL A 91 -9.94 3.69 0.59
N GLY A 92 -10.73 2.83 1.23
CA GLY A 92 -10.51 1.40 1.11
C GLY A 92 -9.32 0.92 1.93
N SER A 93 -8.82 1.79 2.80
CA SER A 93 -7.68 1.46 3.65
C SER A 93 -8.12 1.21 5.09
N PRO A 94 -7.49 0.22 5.73
CA PRO A 94 -6.45 -0.59 5.12
C PRO A 94 -7.01 -1.52 4.04
N PHE A 95 -6.12 -2.29 3.42
CA PHE A 95 -6.52 -3.23 2.37
C PHE A 95 -6.25 -4.67 2.79
N LYS A 96 -7.09 -5.59 2.32
CA LYS A 96 -6.96 -6.99 2.64
C LYS A 96 -6.53 -7.79 1.41
N VAL A 97 -5.64 -8.76 1.62
CA VAL A 97 -5.15 -9.59 0.52
C VAL A 97 -4.99 -11.04 0.97
N ARG A 98 -4.93 -11.96 0.01
CA ARG A 98 -4.78 -13.37 0.30
C ARG A 98 -3.58 -13.95 -0.44
N VAL A 99 -2.62 -14.46 0.33
CA VAL A 99 -1.41 -15.05 -0.25
C VAL A 99 -1.65 -16.50 -0.66
N GLY A 100 -1.26 -16.82 -1.89
CA GLY A 100 -1.44 -18.18 -2.38
C GLY A 100 -1.23 -18.29 -3.88
N GLU A 101 -0.72 -19.44 -4.33
CA GLU A 101 -0.48 -19.65 -5.75
C GLU A 101 -1.79 -19.59 -6.55
N PRO A 102 -1.70 -19.07 -7.78
CA PRO A 102 -2.85 -18.95 -8.67
C PRO A 102 -3.36 -20.30 -9.16
N GLY A 103 -2.47 -21.29 -9.18
CA GLY A 103 -2.85 -22.61 -9.63
C GLY A 103 -2.09 -23.71 -8.92
N GLN A 104 -2.82 -24.62 -8.29
CA GLN A 104 -2.21 -25.72 -7.56
C GLN A 104 -1.26 -26.51 -8.45
N ALA A 105 -0.19 -27.04 -7.87
CA ALA A 105 0.79 -27.82 -8.61
C ALA A 105 0.11 -28.66 -9.69
N GLY A 106 0.50 -28.42 -10.94
CA GLY A 106 -0.07 -29.17 -12.05
C GLY A 106 -0.62 -28.26 -13.13
#